data_9BQ0
#
_entry.id   9BQ0
#
_cell.length_a   87.095
_cell.length_b   152.331
_cell.length_c   229.642
_cell.angle_alpha   90.000
_cell.angle_beta   90.000
_cell.angle_gamma   90.000
#
_symmetry.space_group_name_H-M   'P 21 2 21'
#
loop_
_entity.id
_entity.type
_entity.pdbx_description
1 polymer 'AMP-binding protein'
2 non-polymer "ADENOSINE-5'-TRIPHOSPHATE"
3 non-polymer 'MAGNESIUM ION'
4 water water
#
_entity_poly.entity_id   1
_entity_poly.type   'polypeptide(L)'
_entity_poly.pdbx_seq_one_letter_code
;MMISEDLRQKVLADAALGAGNVIHRLPLYGRSLDEEVLWLDGTWRAPDGSRPEVLTLGGLHEVVAEYAGFYTRAGVRAKD
AVAIVSTSITDFALNLMALTGIGAIASLVNANMPAETRREYIRRQRVVGIMTREPWHADLLAHLDDDEPPLFVALQSEVE
PGNREHRPAAYPFRHAPGDPILISHSSGTTGIPKSAFHTHETLFHGALSRLADGLDCSTRKRLLALPGHHVSAMSNTLLG
LTLGAPVVHYTDPSGKAVLDGIEKHRPTIVFGFTHTFTEMAAEDLTDRDLTSVEAYYASGDAAHAVHIRRLLDKGYHTAT
GPDLKPKKVPGAIFIDMFGSTEMGYVLFDFVHRAGGPVIGRCIGRPMRFAQAAVVGEDGSVLPPGQVGRLGVRSKSLTPG
FWNDNVRWHKQWLGGYFLTGDLAYRDAANTFYHLDRTTDAIRTEEGFVYSAYTEEVLLREYPEILDCTVVGLADEGVEFG
WEDEGVATVYALVNLVEGAEAPQDPTAWINEALGRAGLPRVAGAAIVTEDTIPVGITGKVLKRVVRAEARKLIGGCLEHH
HHHH
;
_entity_poly.pdbx_strand_id   A,B,C,D
#
loop_
_chem_comp.id
_chem_comp.type
_chem_comp.name
_chem_comp.formula
ATP non-polymer ADENOSINE-5'-TRIPHOSPHATE 'C10 H16 N5 O13 P3'
MG non-polymer 'MAGNESIUM ION' 'Mg 2'
#
# COMPACT_ATOMS: atom_id res chain seq x y z
N MET A 1 -14.60 -8.89 -28.60
CA MET A 1 -13.47 -7.94 -28.72
C MET A 1 -13.16 -7.09 -27.50
N MET A 2 -11.89 -6.69 -27.40
CA MET A 2 -11.46 -5.93 -26.24
C MET A 2 -11.97 -4.49 -26.35
N ILE A 3 -12.17 -3.87 -25.17
CA ILE A 3 -12.49 -2.47 -25.16
C ILE A 3 -11.31 -1.70 -25.71
N SER A 4 -11.59 -0.51 -26.21
CA SER A 4 -10.54 0.34 -26.75
C SER A 4 -9.57 0.76 -25.66
N GLU A 5 -8.36 1.11 -26.07
CA GLU A 5 -7.45 1.75 -25.13
C GLU A 5 -8.03 3.08 -24.61
N ASP A 6 -8.81 3.79 -25.44
CA ASP A 6 -9.28 5.09 -25.00
C ASP A 6 -10.18 4.93 -23.80
N LEU A 7 -11.04 3.90 -23.82
CA LEU A 7 -11.94 3.66 -22.70
C LEU A 7 -11.19 3.06 -21.52
N ARG A 8 -10.36 2.06 -21.79
CA ARG A 8 -9.57 1.43 -20.73
C ARG A 8 -8.87 2.49 -19.90
N GLN A 9 -8.16 3.39 -20.56
CA GLN A 9 -7.43 4.40 -19.82
C GLN A 9 -8.36 5.31 -19.05
N LYS A 10 -9.54 5.59 -19.60
CA LYS A 10 -10.48 6.44 -18.93
C LYS A 10 -10.96 5.78 -17.63
N VAL A 11 -11.28 4.49 -17.70
CA VAL A 11 -11.71 3.76 -16.51
C VAL A 11 -10.56 3.70 -15.53
N LEU A 12 -9.39 3.28 -16.01
CA LEU A 12 -8.27 3.13 -15.10
C LEU A 12 -7.78 4.47 -14.57
N ALA A 13 -8.21 5.58 -15.17
CA ALA A 13 -7.85 6.89 -14.65
C ALA A 13 -8.94 7.52 -13.82
N ASP A 14 -10.06 6.82 -13.60
CA ASP A 14 -11.21 7.40 -12.91
C ASP A 14 -11.21 6.94 -11.47
N ALA A 15 -10.40 7.64 -10.64
CA ALA A 15 -10.28 7.28 -9.23
C ALA A 15 -11.64 7.25 -8.54
N ALA A 16 -12.63 7.89 -9.13
CA ALA A 16 -13.93 7.97 -8.51
C ALA A 16 -14.77 6.74 -8.71
N LEU A 17 -14.43 5.92 -9.72
CA LEU A 17 -15.35 4.91 -10.24
C LEU A 17 -15.49 3.71 -9.31
N GLY A 18 -16.72 3.32 -9.06
CA GLY A 18 -16.95 2.11 -8.31
C GLY A 18 -18.38 1.62 -8.45
N ALA A 19 -18.63 0.52 -7.76
CA ALA A 19 -19.92 -0.13 -7.82
C ALA A 19 -21.07 0.82 -7.61
N GLY A 20 -20.83 1.94 -6.94
CA GLY A 20 -21.93 2.83 -6.58
C GLY A 20 -22.31 3.96 -7.53
N ASN A 21 -21.51 4.23 -8.61
CA ASN A 21 -21.77 5.33 -9.53
C ASN A 21 -21.57 4.93 -10.98
N VAL A 22 -21.76 3.64 -11.31
CA VAL A 22 -21.30 3.20 -12.61
C VAL A 22 -21.98 4.02 -13.67
N ILE A 23 -23.31 4.12 -13.58
CA ILE A 23 -24.06 4.76 -14.67
C ILE A 23 -23.81 6.26 -14.62
N HIS A 24 -23.53 6.80 -13.45
CA HIS A 24 -23.34 8.25 -13.32
C HIS A 24 -22.00 8.65 -13.93
N ARG A 25 -21.14 7.69 -14.26
CA ARG A 25 -19.77 7.96 -14.80
C ARG A 25 -19.68 7.69 -16.30
N LEU A 26 -20.43 6.74 -16.86
CA LEU A 26 -20.29 6.42 -18.27
C LEU A 26 -20.44 7.63 -19.17
N PRO A 27 -21.43 8.48 -18.93
CA PRO A 27 -21.53 9.73 -19.70
C PRO A 27 -20.23 10.47 -19.74
N LEU A 28 -19.57 10.62 -18.59
CA LEU A 28 -18.34 11.39 -18.56
C LEU A 28 -17.26 10.80 -19.45
N TYR A 29 -17.36 9.49 -19.75
CA TYR A 29 -16.51 8.83 -20.73
C TYR A 29 -16.91 9.08 -22.19
N GLY A 30 -18.09 9.63 -22.45
CA GLY A 30 -18.51 9.91 -23.81
C GLY A 30 -19.66 9.07 -24.30
N ARG A 31 -20.16 8.19 -23.47
CA ARG A 31 -21.30 7.32 -23.86
C ARG A 31 -22.44 8.23 -24.31
N SER A 32 -23.13 7.87 -25.38
CA SER A 32 -24.34 8.60 -25.84
C SER A 32 -25.51 8.13 -25.00
N LEU A 33 -26.35 9.05 -24.55
CA LEU A 33 -27.54 8.69 -23.78
C LEU A 33 -28.52 8.01 -24.73
N ASP A 34 -28.56 8.38 -25.99
CA ASP A 34 -29.53 7.74 -26.85
C ASP A 34 -29.22 6.27 -26.95
N GLU A 35 -27.97 5.92 -26.75
CA GLU A 35 -27.50 4.55 -26.90
C GLU A 35 -28.23 3.59 -25.97
N GLU A 36 -28.37 2.40 -26.48
CA GLU A 36 -28.91 1.29 -25.73
C GLU A 36 -27.83 0.69 -24.83
N VAL A 37 -28.21 0.40 -23.58
CA VAL A 37 -27.26 -0.19 -22.64
C VAL A 37 -27.86 -1.50 -22.13
N LEU A 38 -29.18 -1.59 -22.02
CA LEU A 38 -29.74 -2.72 -21.31
C LEU A 38 -30.95 -3.33 -21.99
N TRP A 39 -30.92 -4.65 -22.22
CA TRP A 39 -31.98 -5.41 -22.85
C TRP A 39 -32.74 -6.23 -21.81
N LEU A 40 -34.07 -6.03 -21.70
CA LEU A 40 -34.90 -6.61 -20.60
C LEU A 40 -35.78 -7.79 -21.03
N ASP A 41 -36.24 -8.60 -20.06
CA ASP A 41 -37.07 -9.83 -20.27
C ASP A 41 -38.50 -9.48 -20.63
N GLY A 42 -38.93 -8.24 -20.42
CA GLY A 42 -40.30 -7.78 -20.71
C GLY A 42 -41.17 -8.00 -19.51
N THR A 43 -40.58 -8.24 -18.35
CA THR A 43 -41.33 -8.55 -17.11
C THR A 43 -41.34 -7.33 -16.21
N TRP A 44 -40.61 -6.27 -16.55
CA TRP A 44 -40.48 -5.09 -15.67
C TRP A 44 -41.52 -4.02 -16.05
N ARG A 45 -42.31 -3.59 -15.08
CA ARG A 45 -43.27 -2.53 -15.36
C ARG A 45 -42.57 -1.23 -15.00
N ALA A 46 -42.49 -0.32 -15.96
CA ALA A 46 -41.86 0.97 -15.78
C ALA A 46 -42.86 1.96 -15.26
N PRO A 47 -42.39 3.14 -14.82
CA PRO A 47 -43.29 4.13 -14.23
C PRO A 47 -44.30 4.65 -15.19
N ASP A 48 -43.91 4.84 -16.47
CA ASP A 48 -44.87 5.23 -17.51
C ASP A 48 -46.05 4.24 -17.57
N GLY A 49 -45.89 3.06 -16.95
CA GLY A 49 -46.84 1.97 -17.03
C GLY A 49 -46.41 0.92 -18.03
N SER A 50 -45.31 1.22 -18.78
CA SER A 50 -44.75 0.44 -19.88
C SER A 50 -43.95 -0.77 -19.39
N ARG A 51 -43.75 -1.73 -20.28
CA ARG A 51 -42.91 -2.90 -20.01
C ARG A 51 -41.84 -2.91 -21.09
N PRO A 52 -40.92 -1.93 -21.04
CA PRO A 52 -39.96 -1.75 -22.13
C PRO A 52 -39.07 -2.96 -22.21
N GLU A 53 -38.62 -3.25 -23.43
CA GLU A 53 -37.79 -4.42 -23.65
C GLU A 53 -36.33 -4.06 -23.80
N VAL A 54 -36.01 -2.76 -23.96
CA VAL A 54 -34.65 -2.22 -23.94
C VAL A 54 -34.69 -0.81 -23.42
N LEU A 55 -33.70 -0.49 -22.57
CA LEU A 55 -33.53 0.85 -22.01
C LEU A 55 -32.26 1.46 -22.59
N THR A 56 -32.27 2.78 -22.78
CA THR A 56 -31.08 3.48 -23.26
C THR A 56 -30.28 3.97 -22.06
N LEU A 57 -29.06 4.43 -22.34
CA LEU A 57 -28.30 4.98 -21.24
C LEU A 57 -29.11 6.07 -20.60
N GLY A 58 -29.66 6.94 -21.45
CA GLY A 58 -30.46 8.08 -20.96
C GLY A 58 -31.76 7.71 -20.27
N GLY A 59 -32.45 6.66 -20.75
CA GLY A 59 -33.71 6.21 -20.11
C GLY A 59 -33.52 5.46 -18.80
N LEU A 60 -32.50 4.62 -18.71
CA LEU A 60 -32.17 4.01 -17.42
C LEU A 60 -31.84 5.09 -16.41
N HIS A 61 -30.96 6.00 -16.82
CA HIS A 61 -30.64 7.20 -16.03
C HIS A 61 -31.94 7.93 -15.68
N GLU A 62 -32.98 7.82 -16.51
CA GLU A 62 -34.26 8.45 -16.19
C GLU A 62 -35.02 7.63 -15.15
N VAL A 63 -35.24 6.35 -15.44
CA VAL A 63 -35.95 5.43 -14.56
C VAL A 63 -35.24 5.32 -13.22
N VAL A 64 -33.92 5.31 -13.24
CA VAL A 64 -33.22 5.28 -11.97
C VAL A 64 -33.55 6.54 -11.22
N ALA A 65 -33.63 7.66 -11.93
CA ALA A 65 -33.92 8.93 -11.24
C ALA A 65 -35.21 8.88 -10.43
N GLU A 66 -36.23 8.22 -11.00
CA GLU A 66 -37.54 8.17 -10.38
C GLU A 66 -37.51 7.38 -9.11
N TYR A 67 -37.07 6.11 -9.19
CA TYR A 67 -36.95 5.31 -7.97
C TYR A 67 -36.12 6.08 -6.95
N ALA A 68 -35.03 6.71 -7.42
CA ALA A 68 -34.19 7.50 -6.54
C ALA A 68 -35.01 8.56 -5.81
N GLY A 69 -35.77 9.36 -6.55
CA GLY A 69 -36.60 10.35 -5.90
C GLY A 69 -37.68 9.74 -5.04
N PHE A 70 -38.36 8.71 -5.55
CA PHE A 70 -39.40 8.09 -4.74
C PHE A 70 -38.87 7.73 -3.39
N TYR A 71 -37.63 7.23 -3.37
CA TYR A 71 -36.99 6.89 -2.11
C TYR A 71 -36.73 8.13 -1.28
N THR A 72 -36.16 9.17 -1.90
CA THR A 72 -35.87 10.37 -1.14
C THR A 72 -37.10 11.01 -0.54
N ARG A 73 -38.27 10.84 -1.15
CA ARG A 73 -39.49 11.41 -0.58
C ARG A 73 -40.05 10.52 0.54
N ALA A 74 -39.93 9.19 0.41
CA ALA A 74 -40.34 8.30 1.50
C ALA A 74 -39.45 8.46 2.73
N GLY A 75 -38.36 9.20 2.63
CA GLY A 75 -37.49 9.47 3.75
C GLY A 75 -36.16 8.75 3.73
N VAL A 76 -35.83 8.03 2.67
CA VAL A 76 -34.56 7.33 2.65
C VAL A 76 -33.46 8.36 2.54
N ARG A 77 -32.51 8.29 3.48
CA ARG A 77 -31.35 9.19 3.53
C ARG A 77 -30.09 8.37 3.33
N ALA A 78 -28.96 9.05 3.24
CA ALA A 78 -27.70 8.37 2.98
C ALA A 78 -27.33 7.39 4.10
N LYS A 79 -26.58 6.35 3.69
CA LYS A 79 -26.19 5.23 4.56
C LYS A 79 -27.40 4.50 5.13
N ASP A 80 -28.57 4.57 4.50
CA ASP A 80 -29.73 3.83 4.99
C ASP A 80 -29.85 2.49 4.25
N ALA A 81 -30.34 1.48 4.94
CA ALA A 81 -30.57 0.19 4.33
C ALA A 81 -32.02 0.08 3.90
N VAL A 82 -32.21 -0.43 2.70
CA VAL A 82 -33.54 -0.62 2.15
C VAL A 82 -33.57 -2.03 1.60
N ALA A 83 -34.46 -2.86 2.13
CA ALA A 83 -34.59 -4.21 1.60
C ALA A 83 -35.34 -4.20 0.25
N ILE A 84 -34.77 -4.85 -0.74
CA ILE A 84 -35.46 -5.10 -2.02
C ILE A 84 -35.94 -6.56 -1.99
N VAL A 85 -37.24 -6.80 -1.95
CA VAL A 85 -37.70 -8.19 -1.82
C VAL A 85 -38.39 -8.57 -3.12
N SER A 86 -37.70 -9.37 -3.92
CA SER A 86 -38.18 -9.65 -5.27
C SER A 86 -37.57 -10.96 -5.75
N THR A 87 -37.69 -11.22 -7.03
CA THR A 87 -37.16 -12.44 -7.65
C THR A 87 -36.65 -12.12 -9.05
N SER A 88 -36.41 -10.83 -9.32
CA SER A 88 -36.11 -10.32 -10.65
C SER A 88 -34.72 -9.68 -10.64
N ILE A 89 -33.79 -10.24 -11.40
CA ILE A 89 -32.53 -9.54 -11.53
C ILE A 89 -32.78 -8.07 -11.82
N THR A 90 -33.83 -7.76 -12.55
CA THR A 90 -33.96 -6.39 -13.02
C THR A 90 -34.38 -5.47 -11.90
N ASP A 91 -35.32 -5.92 -11.08
CA ASP A 91 -35.73 -5.10 -9.95
C ASP A 91 -34.53 -4.79 -9.06
N PHE A 92 -33.81 -5.83 -8.66
CA PHE A 92 -32.69 -5.60 -7.76
C PHE A 92 -31.77 -4.53 -8.37
N ALA A 93 -31.52 -4.65 -9.67
CA ALA A 93 -30.59 -3.74 -10.34
C ALA A 93 -31.05 -2.29 -10.31
N LEU A 94 -32.35 -2.02 -10.59
CA LEU A 94 -32.80 -0.62 -10.63
C LEU A 94 -32.88 0.00 -9.24
N ASN A 95 -33.27 -0.77 -8.22
CA ASN A 95 -33.28 -0.19 -6.87
C ASN A 95 -31.87 0.06 -6.38
N LEU A 96 -30.95 -0.86 -6.75
CA LEU A 96 -29.56 -0.72 -6.35
C LEU A 96 -28.98 0.54 -6.96
N MET A 97 -29.19 0.74 -8.26
CA MET A 97 -28.68 1.94 -8.91
C MET A 97 -29.26 3.20 -8.29
N ALA A 98 -30.55 3.15 -7.92
CA ALA A 98 -31.23 4.31 -7.34
C ALA A 98 -30.75 4.59 -5.92
N LEU A 99 -30.77 3.58 -5.07
CA LEU A 99 -30.41 3.80 -3.66
C LEU A 99 -29.01 4.38 -3.68
N THR A 100 -28.07 3.78 -4.39
CA THR A 100 -26.66 4.27 -4.46
C THR A 100 -26.57 5.78 -4.78
N GLY A 101 -27.39 6.31 -5.68
CA GLY A 101 -27.40 7.73 -6.02
C GLY A 101 -27.78 8.65 -4.87
N ILE A 102 -28.66 8.17 -3.99
CA ILE A 102 -29.12 8.91 -2.78
C ILE A 102 -28.19 8.57 -1.61
N GLY A 103 -27.25 7.65 -1.82
CA GLY A 103 -26.27 7.25 -0.81
C GLY A 103 -26.72 6.03 -0.05
N ALA A 104 -27.82 5.43 -0.45
CA ALA A 104 -28.46 4.33 0.31
C ALA A 104 -27.93 2.94 -0.01
N ILE A 105 -28.43 1.95 0.70
CA ILE A 105 -28.03 0.55 0.62
C ILE A 105 -29.24 -0.32 0.24
N ALA A 106 -29.08 -1.08 -0.82
CA ALA A 106 -30.11 -1.98 -1.29
C ALA A 106 -29.76 -3.35 -0.72
N SER A 107 -30.55 -3.80 0.27
CA SER A 107 -30.41 -5.15 0.82
C SER A 107 -31.24 -6.11 -0.06
N LEU A 108 -30.55 -6.85 -0.90
CA LEU A 108 -31.20 -7.82 -1.75
C LEU A 108 -31.70 -8.97 -0.87
N VAL A 109 -32.95 -9.37 -1.07
CA VAL A 109 -33.56 -10.51 -0.38
C VAL A 109 -34.30 -11.35 -1.41
N ASN A 110 -33.96 -12.62 -1.50
CA ASN A 110 -34.73 -13.49 -2.37
C ASN A 110 -36.09 -13.75 -1.72
N ALA A 111 -37.17 -13.31 -2.40
CA ALA A 111 -38.50 -13.52 -1.83
C ALA A 111 -38.77 -15.00 -1.59
N ASN A 112 -38.23 -15.87 -2.45
CA ASN A 112 -38.51 -17.28 -2.22
C ASN A 112 -37.91 -17.75 -0.93
N MET A 113 -37.23 -16.90 -0.19
CA MET A 113 -36.76 -17.30 1.13
C MET A 113 -37.95 -17.76 1.99
N PRO A 114 -37.83 -18.92 2.68
CA PRO A 114 -38.88 -19.32 3.63
C PRO A 114 -39.33 -18.15 4.51
N ALA A 115 -40.63 -18.03 4.72
CA ALA A 115 -41.19 -16.82 5.30
C ALA A 115 -40.59 -16.53 6.68
N GLU A 116 -40.75 -17.45 7.63
CA GLU A 116 -40.32 -17.08 8.97
C GLU A 116 -38.81 -16.90 9.02
N THR A 117 -38.06 -17.52 8.09
CA THR A 117 -36.62 -17.30 8.03
C THR A 117 -36.32 -15.93 7.41
N ARG A 118 -37.05 -15.59 6.34
CA ARG A 118 -36.94 -14.30 5.68
C ARG A 118 -37.35 -13.17 6.61
N ARG A 119 -38.30 -13.46 7.51
CA ARG A 119 -38.71 -12.46 8.50
C ARG A 119 -37.60 -12.26 9.51
N GLU A 120 -36.94 -13.34 9.88
CA GLU A 120 -35.84 -13.20 10.80
C GLU A 120 -34.70 -12.44 10.12
N TYR A 121 -34.44 -12.75 8.85
CA TYR A 121 -33.34 -12.16 8.10
C TYR A 121 -33.48 -10.67 7.94
N ILE A 122 -34.68 -10.20 7.62
CA ILE A 122 -34.89 -8.75 7.44
C ILE A 122 -34.91 -8.03 8.79
N ARG A 123 -35.61 -8.57 9.76
CA ARG A 123 -35.68 -7.97 11.11
C ARG A 123 -34.27 -7.66 11.58
N ARG A 124 -33.33 -8.56 11.43
CA ARG A 124 -31.96 -8.36 11.92
C ARG A 124 -31.34 -7.15 11.24
N GLN A 125 -31.64 -6.85 9.98
CA GLN A 125 -30.97 -5.80 9.23
C GLN A 125 -31.36 -4.38 9.69
N ARG A 126 -32.52 -4.23 10.31
CA ARG A 126 -33.00 -2.92 10.76
C ARG A 126 -32.98 -1.88 9.63
N VAL A 127 -33.84 -2.12 8.70
CA VAL A 127 -33.91 -1.27 7.53
C VAL A 127 -35.00 -0.22 7.70
N VAL A 128 -34.80 0.89 7.01
CA VAL A 128 -35.78 1.96 7.00
C VAL A 128 -36.90 1.68 6.03
N GLY A 129 -36.73 0.67 5.18
CA GLY A 129 -37.69 0.44 4.11
C GLY A 129 -37.56 -0.85 3.31
N ILE A 130 -38.73 -1.33 2.94
CA ILE A 130 -38.86 -2.47 2.07
C ILE A 130 -39.52 -1.98 0.79
N MET A 131 -39.08 -2.52 -0.32
CA MET A 131 -39.76 -2.30 -1.57
C MET A 131 -39.81 -3.67 -2.20
N THR A 132 -41.03 -4.04 -2.58
CA THR A 132 -41.31 -5.36 -3.06
C THR A 132 -42.39 -5.20 -4.10
N ARG A 133 -42.99 -6.30 -4.52
CA ARG A 133 -44.08 -6.28 -5.52
C ARG A 133 -45.28 -6.97 -4.89
N GLU A 134 -46.41 -7.01 -5.59
CA GLU A 134 -47.62 -7.57 -5.03
C GLU A 134 -47.48 -9.02 -4.65
N PRO A 135 -46.72 -9.85 -5.35
CA PRO A 135 -46.67 -11.28 -4.94
C PRO A 135 -46.30 -11.49 -3.47
N TRP A 136 -45.46 -10.61 -2.89
CA TRP A 136 -45.01 -10.76 -1.51
C TRP A 136 -45.40 -9.60 -0.62
N HIS A 137 -45.98 -8.53 -1.17
CA HIS A 137 -46.18 -7.30 -0.41
C HIS A 137 -47.09 -7.51 0.79
N ALA A 138 -48.19 -8.25 0.61
CA ALA A 138 -49.12 -8.43 1.72
C ALA A 138 -48.44 -9.06 2.94
N ASP A 139 -47.55 -10.02 2.70
CA ASP A 139 -46.89 -10.70 3.79
C ASP A 139 -45.83 -9.83 4.41
N LEU A 140 -45.20 -8.98 3.60
CA LEU A 140 -44.09 -8.18 4.09
C LEU A 140 -44.55 -7.09 5.03
N LEU A 141 -45.86 -6.75 5.05
CA LEU A 141 -46.38 -5.73 5.96
C LEU A 141 -46.31 -6.21 7.40
N ALA A 142 -45.95 -7.48 7.63
CA ALA A 142 -45.69 -7.95 8.99
C ALA A 142 -44.55 -7.17 9.64
N HIS A 143 -43.53 -6.82 8.87
CA HIS A 143 -42.41 -6.06 9.41
C HIS A 143 -42.82 -4.70 9.96
N LEU A 144 -44.04 -4.24 9.69
CA LEU A 144 -44.53 -3.02 10.35
C LEU A 144 -44.87 -3.26 11.81
N ASP A 145 -44.91 -4.52 12.25
CA ASP A 145 -45.01 -4.87 13.67
C ASP A 145 -43.66 -5.30 14.26
N ASP A 146 -42.54 -5.00 13.61
CA ASP A 146 -41.25 -5.22 14.23
C ASP A 146 -41.00 -4.13 15.27
N ASP A 147 -40.29 -4.50 16.34
CA ASP A 147 -39.92 -3.50 17.33
C ASP A 147 -39.36 -2.23 16.67
N GLU A 148 -38.37 -2.39 15.77
CA GLU A 148 -37.85 -1.27 15.00
C GLU A 148 -38.36 -1.34 13.57
N PRO A 149 -39.50 -0.71 13.29
CA PRO A 149 -40.24 -1.01 12.06
C PRO A 149 -39.81 -0.13 10.92
N PRO A 150 -39.80 -0.66 9.71
CA PRO A 150 -39.46 0.16 8.55
C PRO A 150 -40.46 1.29 8.42
N LEU A 151 -39.98 2.41 7.86
CA LEU A 151 -40.86 3.54 7.63
C LEU A 151 -41.96 3.20 6.63
N PHE A 152 -41.68 2.31 5.67
CA PHE A 152 -42.63 2.07 4.60
C PHE A 152 -42.44 0.68 4.04
N VAL A 153 -43.53 0.00 3.72
CA VAL A 153 -43.49 -1.19 2.88
C VAL A 153 -44.16 -0.84 1.56
N ALA A 154 -43.34 -0.58 0.54
CA ALA A 154 -43.77 0.07 -0.69
C ALA A 154 -43.97 -0.95 -1.79
N LEU A 155 -44.49 -0.45 -2.91
CA LEU A 155 -44.62 -1.22 -4.14
C LEU A 155 -43.92 -0.51 -5.29
N GLN A 156 -43.45 -1.30 -6.25
CA GLN A 156 -42.72 -0.66 -7.32
C GLN A 156 -43.66 0.15 -8.16
N SER A 157 -44.88 -0.33 -8.34
CA SER A 157 -45.86 0.48 -9.04
C SER A 157 -46.05 1.86 -8.40
N GLU A 158 -45.66 2.02 -7.12
CA GLU A 158 -45.87 3.30 -6.49
C GLU A 158 -44.94 4.37 -7.04
N VAL A 159 -43.96 4.01 -7.87
CA VAL A 159 -42.98 4.99 -8.36
C VAL A 159 -43.47 5.66 -9.64
N GLU A 160 -43.81 6.92 -9.57
CA GLU A 160 -44.54 7.44 -10.72
C GLU A 160 -43.75 8.44 -11.54
N PRO A 161 -44.02 8.52 -12.87
CA PRO A 161 -43.43 9.58 -13.69
C PRO A 161 -43.45 10.91 -12.97
N GLY A 162 -42.32 11.62 -12.90
CA GLY A 162 -42.29 12.86 -12.14
C GLY A 162 -41.87 12.74 -10.68
N ASN A 163 -41.76 11.53 -10.13
CA ASN A 163 -41.21 11.37 -8.78
C ASN A 163 -39.78 11.85 -8.69
N ARG A 164 -39.07 11.88 -9.82
CA ARG A 164 -37.67 12.30 -9.82
C ARG A 164 -37.50 13.73 -9.34
N GLU A 165 -38.56 14.55 -9.31
CA GLU A 165 -38.39 15.91 -8.83
C GLU A 165 -37.95 15.93 -7.38
N HIS A 166 -38.32 14.89 -6.62
CA HIS A 166 -38.06 14.84 -5.18
C HIS A 166 -36.67 14.34 -4.83
N ARG A 167 -35.94 13.71 -5.76
CA ARG A 167 -34.57 13.33 -5.50
C ARG A 167 -33.79 14.56 -5.07
N PRO A 168 -32.71 14.39 -4.33
CA PRO A 168 -31.96 15.53 -3.81
C PRO A 168 -31.23 16.33 -4.88
N ALA A 169 -30.82 17.56 -4.49
CA ALA A 169 -30.18 18.46 -5.44
C ALA A 169 -28.77 18.03 -5.81
N ALA A 170 -28.03 17.42 -4.89
CA ALA A 170 -26.69 16.94 -5.19
C ALA A 170 -26.68 15.58 -5.87
N TYR A 171 -27.85 15.00 -6.12
CA TYR A 171 -27.87 13.82 -6.95
C TYR A 171 -26.95 13.99 -8.17
N PRO A 172 -25.98 13.08 -8.45
CA PRO A 172 -25.84 11.82 -7.75
C PRO A 172 -24.88 11.88 -6.54
N PHE A 173 -25.01 10.95 -5.60
CA PHE A 173 -24.12 10.82 -4.43
C PHE A 173 -22.66 10.83 -4.83
N ARG A 174 -21.77 11.14 -3.89
CA ARG A 174 -20.31 11.09 -4.12
C ARG A 174 -19.78 10.03 -3.17
N HIS A 175 -19.74 8.78 -3.60
CA HIS A 175 -19.36 7.65 -2.76
C HIS A 175 -17.89 7.69 -2.35
N ALA A 176 -17.63 7.24 -1.09
CA ALA A 176 -16.33 6.98 -0.51
C ALA A 176 -16.01 5.50 -0.71
N PRO A 177 -14.74 5.15 -0.95
CA PRO A 177 -14.46 3.73 -1.25
C PRO A 177 -15.17 2.79 -0.30
N GLY A 178 -15.23 3.21 0.97
CA GLY A 178 -15.76 2.42 2.05
C GLY A 178 -17.23 2.49 2.22
N ASP A 179 -17.89 3.13 1.34
CA ASP A 179 -19.31 3.36 1.55
C ASP A 179 -20.13 2.12 1.18
N PRO A 180 -20.99 1.63 2.06
CA PRO A 180 -21.80 0.48 1.66
C PRO A 180 -22.68 0.86 0.48
N ILE A 181 -22.79 -0.04 -0.46
CA ILE A 181 -23.77 0.09 -1.53
C ILE A 181 -24.80 -1.05 -1.52
N LEU A 182 -24.47 -2.21 -0.96
CA LEU A 182 -25.23 -3.42 -1.20
C LEU A 182 -25.08 -4.38 -0.03
N ILE A 183 -26.13 -5.16 0.21
CA ILE A 183 -26.09 -6.28 1.13
C ILE A 183 -26.66 -7.51 0.42
N SER A 184 -25.93 -8.62 0.47
CA SER A 184 -26.36 -9.88 -0.09
C SER A 184 -26.50 -10.92 1.01
N HIS A 185 -27.13 -12.05 0.67
CA HIS A 185 -27.34 -13.10 1.64
C HIS A 185 -26.99 -14.46 1.06
N SER A 186 -26.63 -15.36 1.97
CA SER A 186 -26.26 -16.73 1.66
C SER A 186 -27.55 -17.56 1.56
N SER A 187 -27.44 -18.87 1.43
CA SER A 187 -28.61 -19.76 1.22
C SER A 187 -28.74 -20.76 2.36
N GLY A 188 -29.32 -20.34 3.48
CA GLY A 188 -29.52 -21.29 4.56
C GLY A 188 -28.26 -22.09 4.80
N THR A 189 -28.44 -23.37 5.12
CA THR A 189 -27.33 -24.34 5.25
C THR A 189 -26.56 -24.20 6.57
N ILE A 192 -30.14 -19.18 9.67
CA ILE A 192 -30.51 -17.91 9.05
C ILE A 192 -29.39 -17.57 8.07
N PRO A 193 -29.70 -17.18 6.84
CA PRO A 193 -28.64 -16.67 5.95
C PRO A 193 -27.80 -15.56 6.56
N LYS A 194 -26.58 -15.44 6.06
CA LYS A 194 -25.62 -14.43 6.47
C LYS A 194 -25.76 -13.21 5.57
N SER A 195 -25.52 -12.05 6.15
CA SER A 195 -25.62 -10.77 5.46
C SER A 195 -24.26 -10.18 5.17
N ALA A 196 -23.82 -10.23 3.93
CA ALA A 196 -22.53 -9.66 3.55
C ALA A 196 -22.77 -8.29 2.93
N PHE A 197 -22.05 -7.24 3.39
CA PHE A 197 -22.22 -5.89 2.84
C PHE A 197 -21.02 -5.61 1.96
N HIS A 198 -21.28 -4.99 0.84
CA HIS A 198 -20.27 -4.72 -0.16
C HIS A 198 -20.23 -3.23 -0.44
N THR A 199 -19.03 -2.75 -0.72
CA THR A 199 -18.83 -1.33 -0.78
C THR A 199 -18.44 -0.92 -2.18
N HIS A 200 -18.50 0.40 -2.33
CA HIS A 200 -18.21 1.06 -3.57
C HIS A 200 -16.91 0.53 -4.14
N GLU A 201 -16.01 0.14 -3.22
CA GLU A 201 -14.68 -0.47 -3.56
C GLU A 201 -14.69 -1.99 -3.64
N THR A 202 -15.19 -2.70 -2.65
CA THR A 202 -15.07 -4.19 -2.64
C THR A 202 -15.77 -4.77 -3.88
N LEU A 203 -16.94 -4.28 -4.24
CA LEU A 203 -17.74 -4.87 -5.34
C LEU A 203 -17.15 -4.55 -6.72
N PHE A 204 -16.11 -3.74 -6.81
CA PHE A 204 -15.50 -3.35 -8.11
C PHE A 204 -13.97 -3.51 -8.08
N HIS A 205 -13.39 -3.95 -6.98
CA HIS A 205 -11.92 -4.12 -6.83
C HIS A 205 -11.46 -5.25 -7.73
N GLY A 206 -12.27 -6.29 -7.85
CA GLY A 206 -11.93 -7.45 -8.68
C GLY A 206 -12.10 -7.14 -10.14
N ALA A 207 -13.24 -6.56 -10.53
CA ALA A 207 -13.45 -6.16 -11.92
C ALA A 207 -12.30 -5.28 -12.42
N LEU A 208 -12.03 -4.18 -11.69
CA LEU A 208 -11.04 -3.22 -12.17
C LEU A 208 -9.65 -3.82 -12.20
N SER A 209 -9.34 -4.66 -11.21
CA SER A 209 -8.03 -5.30 -11.20
C SER A 209 -7.81 -6.13 -12.46
N ARG A 210 -8.83 -6.93 -12.83
CA ARG A 210 -8.69 -7.76 -14.02
C ARG A 210 -8.59 -6.90 -15.26
N LEU A 211 -9.51 -5.94 -15.41
CA LEU A 211 -9.46 -5.01 -16.53
C LEU A 211 -8.08 -4.40 -16.66
N ALA A 212 -7.50 -3.96 -15.54
CA ALA A 212 -6.15 -3.43 -15.60
C ALA A 212 -5.21 -4.42 -16.30
N ASP A 213 -5.36 -5.71 -16.04
CA ASP A 213 -4.48 -6.70 -16.69
C ASP A 213 -4.86 -6.96 -18.15
N GLY A 214 -5.97 -6.43 -18.61
CA GLY A 214 -6.45 -6.77 -19.93
C GLY A 214 -7.31 -8.01 -19.96
N LEU A 215 -8.07 -8.26 -18.90
CA LEU A 215 -8.89 -9.44 -18.79
C LEU A 215 -10.32 -9.07 -18.40
N ASP A 216 -11.23 -10.03 -18.59
CA ASP A 216 -12.67 -9.93 -18.35
C ASP A 216 -13.25 -8.60 -18.78
N CYS A 217 -12.75 -8.02 -19.87
CA CYS A 217 -13.06 -6.65 -20.29
C CYS A 217 -13.40 -6.59 -21.78
N SER A 218 -14.31 -7.44 -22.22
CA SER A 218 -14.69 -7.48 -23.62
C SER A 218 -15.95 -6.68 -23.85
N THR A 219 -16.25 -6.40 -25.10
CA THR A 219 -17.51 -5.75 -25.42
C THR A 219 -18.66 -6.70 -25.74
N ARG A 220 -18.42 -8.02 -25.68
CA ARG A 220 -19.37 -9.01 -26.18
C ARG A 220 -20.70 -9.01 -25.44
N LYS A 221 -21.77 -9.28 -26.18
CA LYS A 221 -23.11 -9.27 -25.61
C LYS A 221 -23.24 -10.41 -24.61
N ARG A 222 -23.65 -10.08 -23.38
CA ARG A 222 -23.78 -11.07 -22.29
C ARG A 222 -25.24 -11.27 -21.92
N LEU A 223 -25.67 -12.52 -21.78
CA LEU A 223 -27.00 -12.87 -21.32
C LEU A 223 -26.87 -13.28 -19.86
N LEU A 224 -27.34 -12.41 -18.97
CA LEU A 224 -27.28 -12.67 -17.53
C LEU A 224 -28.63 -13.29 -17.16
N ALA A 225 -28.67 -14.63 -17.11
CA ALA A 225 -29.80 -15.34 -16.51
C ALA A 225 -29.42 -15.80 -15.14
N LEU A 226 -28.64 -14.99 -14.44
CA LEU A 226 -28.29 -15.35 -13.09
C LEU A 226 -29.45 -15.05 -12.15
N PRO A 227 -29.49 -15.72 -11.00
CA PRO A 227 -30.44 -15.34 -9.94
C PRO A 227 -30.25 -13.89 -9.53
N GLY A 228 -31.33 -13.12 -9.53
CA GLY A 228 -31.13 -11.68 -9.45
C GLY A 228 -30.55 -11.17 -8.14
N HIS A 229 -30.72 -11.92 -7.04
CA HIS A 229 -30.36 -11.43 -5.72
C HIS A 229 -28.89 -11.65 -5.35
N HIS A 230 -28.13 -12.39 -6.14
CA HIS A 230 -26.75 -12.70 -5.84
C HIS A 230 -25.84 -11.52 -6.21
N VAL A 231 -24.75 -11.33 -5.45
CA VAL A 231 -23.79 -10.22 -5.68
C VAL A 231 -23.21 -10.38 -7.07
N SER A 232 -23.25 -11.59 -7.60
CA SER A 232 -22.66 -11.95 -8.92
C SER A 232 -23.55 -11.40 -10.02
N ALA A 233 -24.85 -11.39 -9.79
CA ALA A 233 -25.82 -10.90 -10.78
C ALA A 233 -25.64 -9.40 -10.90
N MET A 234 -25.49 -8.70 -9.78
CA MET A 234 -25.28 -7.26 -9.77
C MET A 234 -23.87 -6.91 -10.22
N SER A 235 -22.93 -7.74 -9.85
CA SER A 235 -21.56 -7.43 -10.19
C SER A 235 -21.38 -7.42 -11.70
N ASN A 236 -21.85 -8.48 -12.38
CA ASN A 236 -21.70 -8.55 -13.83
C ASN A 236 -22.59 -7.54 -14.56
N THR A 237 -23.79 -7.28 -14.04
CA THR A 237 -24.64 -6.26 -14.65
C THR A 237 -23.88 -4.93 -14.75
N LEU A 238 -23.43 -4.44 -13.60
CA LEU A 238 -22.78 -3.14 -13.55
C LEU A 238 -21.57 -3.13 -14.43
N LEU A 239 -20.81 -4.23 -14.36
CA LEU A 239 -19.55 -4.39 -15.08
C LEU A 239 -19.75 -4.31 -16.59
N GLY A 240 -20.76 -5.00 -17.10
CA GLY A 240 -21.03 -4.90 -18.52
C GLY A 240 -21.35 -3.47 -18.93
N LEU A 241 -22.16 -2.79 -18.13
CA LEU A 241 -22.44 -1.42 -18.46
C LEU A 241 -21.11 -0.68 -18.56
N THR A 242 -20.17 -1.01 -17.69
CA THR A 242 -18.93 -0.21 -17.66
C THR A 242 -18.11 -0.44 -18.92
N LEU A 243 -18.12 -1.67 -19.43
CA LEU A 243 -17.40 -2.17 -20.59
C LEU A 243 -17.96 -1.73 -21.95
N GLY A 244 -19.17 -1.23 -22.00
CA GLY A 244 -19.80 -0.98 -23.27
C GLY A 244 -20.39 -2.23 -23.86
N ALA A 245 -20.52 -3.28 -23.07
CA ALA A 245 -20.96 -4.60 -23.53
C ALA A 245 -22.48 -4.66 -23.40
N PRO A 246 -23.19 -5.08 -24.45
CA PRO A 246 -24.65 -5.27 -24.33
C PRO A 246 -25.02 -6.32 -23.30
N VAL A 247 -25.83 -5.90 -22.29
CA VAL A 247 -26.33 -6.73 -21.19
C VAL A 247 -27.76 -7.15 -21.50
N VAL A 248 -28.12 -8.39 -21.14
CA VAL A 248 -29.48 -8.88 -21.36
C VAL A 248 -29.95 -9.61 -20.10
N HIS A 249 -30.98 -9.11 -19.49
CA HIS A 249 -31.52 -9.66 -18.28
C HIS A 249 -32.63 -10.62 -18.60
N TYR A 250 -32.60 -11.83 -18.07
CA TYR A 250 -33.68 -12.83 -18.24
C TYR A 250 -34.13 -13.30 -16.87
N THR A 251 -35.41 -13.09 -16.52
CA THR A 251 -36.00 -13.45 -15.22
C THR A 251 -36.28 -14.95 -15.15
N ASP A 252 -36.46 -15.60 -16.30
CA ASP A 252 -36.77 -17.03 -16.32
C ASP A 252 -35.47 -17.82 -16.39
N PRO A 253 -35.09 -18.53 -15.35
CA PRO A 253 -33.85 -19.32 -15.40
C PRO A 253 -34.01 -20.69 -16.06
N SER A 254 -35.19 -21.01 -16.58
CA SER A 254 -35.46 -22.32 -17.16
C SER A 254 -34.66 -22.60 -18.43
N GLY A 255 -34.25 -23.85 -18.60
CA GLY A 255 -33.41 -24.22 -19.76
C GLY A 255 -34.09 -23.89 -21.05
N LYS A 256 -35.40 -24.04 -21.12
CA LYS A 256 -36.18 -23.75 -22.35
C LYS A 256 -36.18 -22.25 -22.58
N ALA A 257 -36.43 -21.48 -21.53
CA ALA A 257 -36.47 -20.01 -21.60
C ALA A 257 -35.13 -19.48 -22.08
N VAL A 258 -34.03 -19.96 -21.52
CA VAL A 258 -32.74 -19.44 -21.88
C VAL A 258 -32.41 -19.88 -23.29
N LEU A 259 -32.83 -21.09 -23.68
CA LEU A 259 -32.60 -21.51 -25.05
C LEU A 259 -33.20 -20.50 -26.01
N ASP A 260 -34.36 -19.96 -25.68
CA ASP A 260 -34.95 -18.93 -26.52
C ASP A 260 -34.07 -17.67 -26.56
N GLY A 261 -33.62 -17.23 -25.37
CA GLY A 261 -32.82 -16.02 -25.32
C GLY A 261 -31.54 -16.18 -26.12
N ILE A 262 -30.89 -17.35 -25.99
CA ILE A 262 -29.70 -17.59 -26.78
C ILE A 262 -30.04 -17.48 -28.26
N GLU A 263 -31.20 -17.98 -28.65
CA GLU A 263 -31.57 -17.95 -30.06
C GLU A 263 -32.02 -16.55 -30.47
N LYS A 264 -32.77 -15.88 -29.59
CA LYS A 264 -33.27 -14.55 -29.91
C LYS A 264 -32.15 -13.51 -29.95
N HIS A 265 -31.34 -13.43 -28.90
CA HIS A 265 -30.36 -12.36 -28.76
C HIS A 265 -28.98 -12.74 -29.24
N ARG A 266 -28.74 -14.02 -29.47
CA ARG A 266 -27.43 -14.50 -29.96
C ARG A 266 -26.33 -13.89 -29.10
N PRO A 267 -26.32 -14.16 -27.78
CA PRO A 267 -25.26 -13.66 -26.91
C PRO A 267 -23.95 -14.40 -27.15
N THR A 268 -22.84 -13.67 -26.97
CA THR A 268 -21.53 -14.31 -27.04
C THR A 268 -21.22 -15.04 -25.75
N ILE A 269 -21.69 -14.56 -24.58
CA ILE A 269 -21.42 -15.23 -23.31
C ILE A 269 -22.70 -15.29 -22.51
N VAL A 270 -22.82 -16.31 -21.66
CA VAL A 270 -24.06 -16.52 -20.91
C VAL A 270 -23.77 -16.90 -19.45
N PHE A 271 -24.33 -16.11 -18.51
CA PHE A 271 -24.21 -16.39 -17.09
C PHE A 271 -25.50 -17.07 -16.64
N GLY A 272 -25.36 -18.16 -15.92
CA GLY A 272 -26.51 -18.80 -15.32
C GLY A 272 -25.98 -19.69 -14.22
N PHE A 273 -26.89 -20.36 -13.51
CA PHE A 273 -26.46 -21.32 -12.52
C PHE A 273 -26.46 -22.69 -13.15
N THR A 274 -25.59 -23.56 -12.64
CA THR A 274 -25.49 -24.91 -13.13
C THR A 274 -26.91 -25.44 -13.37
N HIS A 275 -27.84 -25.16 -12.44
CA HIS A 275 -29.22 -25.68 -12.61
C HIS A 275 -29.75 -25.32 -14.00
N THR A 276 -29.51 -24.10 -14.46
CA THR A 276 -30.00 -23.63 -15.78
C THR A 276 -29.32 -24.37 -16.93
N PHE A 277 -27.98 -24.43 -16.94
CA PHE A 277 -27.21 -25.02 -18.06
C PHE A 277 -27.54 -26.51 -18.24
N THR A 278 -27.81 -27.23 -17.14
CA THR A 278 -28.20 -28.66 -17.17
C THR A 278 -29.55 -28.80 -17.87
N GLU A 279 -30.52 -27.96 -17.49
CA GLU A 279 -31.87 -28.02 -18.08
C GLU A 279 -31.73 -27.88 -19.60
N MET A 280 -30.93 -26.93 -20.06
CA MET A 280 -30.79 -26.73 -21.50
C MET A 280 -30.25 -28.00 -22.15
N ALA A 281 -29.33 -28.71 -21.49
CA ALA A 281 -28.67 -29.85 -22.12
C ALA A 281 -29.60 -31.03 -22.34
N ALA A 282 -30.73 -31.09 -21.64
CA ALA A 282 -31.71 -32.16 -21.80
C ALA A 282 -32.83 -31.81 -22.79
N GLU A 283 -32.49 -31.13 -23.88
CA GLU A 283 -33.48 -30.68 -24.89
C GLU A 283 -32.98 -31.11 -26.27
N ASP A 284 -33.86 -31.23 -27.25
CA ASP A 284 -33.45 -31.77 -28.59
C ASP A 284 -32.16 -31.08 -28.99
N LEU A 285 -32.18 -29.77 -29.14
CA LEU A 285 -30.99 -28.97 -29.50
C LEU A 285 -30.47 -29.43 -30.87
N THR A 286 -31.33 -30.02 -31.69
CA THR A 286 -30.98 -30.49 -33.05
C THR A 286 -30.86 -29.25 -33.94
N ASP A 287 -31.95 -28.51 -34.11
CA ASP A 287 -31.98 -27.25 -34.84
C ASP A 287 -32.28 -26.11 -33.85
N ARG A 288 -31.61 -26.11 -32.69
CA ARG A 288 -31.52 -24.92 -31.84
C ARG A 288 -30.21 -24.27 -32.23
N ASP A 289 -30.22 -22.98 -32.53
CA ASP A 289 -28.99 -22.24 -32.92
C ASP A 289 -28.36 -21.67 -31.65
N LEU A 290 -27.40 -22.38 -31.06
CA LEU A 290 -26.70 -21.96 -29.83
C LEU A 290 -25.23 -21.73 -30.21
N THR A 291 -24.97 -21.35 -31.45
CA THR A 291 -23.61 -21.16 -31.99
C THR A 291 -23.10 -19.77 -31.63
N SER A 292 -23.98 -18.83 -31.34
CA SER A 292 -23.62 -17.43 -30.97
C SER A 292 -22.75 -17.46 -29.73
N VAL A 293 -22.88 -18.47 -28.90
CA VAL A 293 -22.23 -18.51 -27.59
C VAL A 293 -20.83 -19.11 -27.70
N GLU A 294 -19.82 -18.40 -27.12
CA GLU A 294 -18.48 -18.97 -26.96
C GLU A 294 -18.11 -19.32 -25.53
N ALA A 295 -18.94 -18.95 -24.55
CA ALA A 295 -18.64 -19.21 -23.15
C ALA A 295 -19.90 -19.32 -22.30
N TYR A 296 -20.01 -20.41 -21.55
CA TYR A 296 -21.06 -20.58 -20.54
C TYR A 296 -20.38 -20.42 -19.18
N TYR A 297 -20.91 -19.52 -18.34
CA TYR A 297 -20.34 -19.22 -17.00
C TYR A 297 -21.28 -19.64 -15.88
N ALA A 298 -20.96 -20.68 -15.14
CA ALA A 298 -21.75 -21.16 -13.99
C ALA A 298 -21.33 -20.38 -12.74
N SER A 299 -22.08 -20.49 -11.66
CA SER A 299 -21.81 -19.76 -10.39
C SER A 299 -22.13 -20.65 -9.19
N ALA A 302 -23.30 -25.76 -6.46
CA ALA A 302 -23.03 -27.17 -6.10
C ALA A 302 -23.64 -28.09 -7.17
N ALA A 303 -24.82 -27.78 -7.70
CA ALA A 303 -25.32 -28.57 -8.85
C ALA A 303 -24.07 -28.80 -9.68
N HIS A 304 -23.74 -30.03 -10.05
CA HIS A 304 -22.41 -30.27 -10.65
C HIS A 304 -22.40 -30.28 -12.18
N ALA A 305 -23.46 -30.70 -12.86
CA ALA A 305 -23.38 -30.81 -14.31
C ALA A 305 -22.11 -31.55 -14.79
N HIS A 307 -24.05 -33.61 -18.60
CA HIS A 307 -24.30 -33.70 -20.03
C HIS A 307 -23.97 -32.40 -20.77
N ILE A 308 -23.51 -31.39 -20.01
CA ILE A 308 -23.32 -30.05 -20.56
C ILE A 308 -22.59 -30.09 -21.87
N ARG A 309 -21.74 -31.10 -22.06
CA ARG A 309 -20.99 -31.25 -23.30
C ARG A 309 -21.89 -31.24 -24.53
N ARG A 310 -23.16 -31.65 -24.39
CA ARG A 310 -24.10 -31.52 -25.50
C ARG A 310 -24.22 -30.06 -25.93
N LEU A 311 -24.43 -29.17 -24.95
CA LEU A 311 -24.55 -27.74 -25.21
C LEU A 311 -23.26 -27.14 -25.76
N LEU A 312 -22.11 -27.46 -25.15
CA LEU A 312 -20.85 -26.82 -25.58
C LEU A 312 -20.63 -27.15 -27.06
N ASP A 313 -20.78 -28.41 -27.46
CA ASP A 313 -20.53 -28.87 -28.84
C ASP A 313 -21.36 -28.10 -29.88
N LYS A 314 -22.46 -27.46 -29.48
CA LYS A 314 -23.31 -26.68 -30.41
C LYS A 314 -22.71 -25.29 -30.59
N GLY A 315 -21.46 -25.08 -30.19
CA GLY A 315 -20.84 -23.75 -30.21
C GLY A 315 -19.47 -23.69 -30.86
N TYR A 316 -18.66 -22.69 -30.52
CA TYR A 316 -17.38 -22.46 -31.13
C TYR A 316 -16.67 -21.55 -30.15
N HIS A 317 -15.39 -21.37 -30.38
CA HIS A 317 -14.55 -20.51 -29.58
C HIS A 317 -13.35 -20.14 -30.43
N THR A 318 -12.94 -18.88 -30.36
CA THR A 318 -11.84 -18.40 -31.17
C THR A 318 -10.54 -18.81 -30.48
N ALA A 319 -9.61 -19.33 -31.26
CA ALA A 319 -8.32 -19.75 -30.74
C ALA A 319 -7.25 -19.20 -31.66
N THR A 320 -5.99 -19.36 -31.22
CA THR A 320 -4.80 -18.89 -31.95
C THR A 320 -4.10 -20.12 -32.50
N GLY A 321 -4.10 -20.30 -33.82
CA GLY A 321 -3.54 -21.51 -34.44
C GLY A 321 -2.05 -21.43 -34.59
N PRO A 322 -1.42 -22.39 -35.31
CA PRO A 322 0.02 -22.35 -35.59
C PRO A 322 0.39 -21.35 -36.69
N ASP A 323 -0.58 -20.82 -37.43
CA ASP A 323 -0.27 -19.70 -38.31
C ASP A 323 -0.08 -18.42 -37.51
N LEU A 324 -0.33 -18.51 -36.21
CA LEU A 324 -0.28 -17.40 -35.25
C LEU A 324 -1.36 -16.39 -35.52
N LYS A 325 -2.47 -16.85 -36.08
CA LYS A 325 -3.61 -16.03 -36.42
C LYS A 325 -4.85 -16.67 -35.84
N PRO A 326 -5.94 -15.90 -35.63
CA PRO A 326 -7.15 -16.44 -35.02
C PRO A 326 -7.64 -17.69 -35.77
N LYS A 327 -8.37 -18.57 -35.09
CA LYS A 327 -8.84 -19.83 -35.70
C LYS A 327 -10.14 -20.29 -35.04
N LYS A 328 -11.25 -20.28 -35.75
CA LYS A 328 -12.53 -20.79 -35.22
C LYS A 328 -12.36 -22.26 -34.88
N VAL A 329 -12.73 -22.67 -33.69
CA VAL A 329 -12.62 -24.03 -33.17
C VAL A 329 -14.00 -24.54 -32.74
N PRO A 330 -14.30 -25.83 -32.82
CA PRO A 330 -15.62 -26.30 -32.36
C PRO A 330 -15.74 -26.25 -30.85
N GLY A 331 -16.98 -26.06 -30.40
CA GLY A 331 -17.33 -26.16 -28.99
C GLY A 331 -17.10 -24.87 -28.20
N ALA A 332 -18.00 -24.59 -27.26
CA ALA A 332 -17.93 -23.38 -26.45
C ALA A 332 -17.31 -23.70 -25.10
N ILE A 333 -16.82 -22.66 -24.43
CA ILE A 333 -16.11 -22.82 -23.17
C ILE A 333 -17.08 -22.98 -22.03
N PHE A 334 -16.68 -23.76 -21.04
CA PHE A 334 -17.42 -23.79 -19.79
C PHE A 334 -16.54 -23.42 -18.60
N ILE A 335 -16.98 -22.40 -17.88
CA ILE A 335 -16.29 -21.81 -16.73
C ILE A 335 -17.16 -22.02 -15.50
N ASP A 336 -16.82 -22.97 -14.67
CA ASP A 336 -17.48 -23.13 -13.38
C ASP A 336 -16.79 -22.21 -12.41
N MET A 337 -17.38 -21.07 -12.10
CA MET A 337 -16.67 -20.11 -11.23
C MET A 337 -17.02 -20.48 -9.79
N PHE A 338 -16.13 -20.21 -8.84
CA PHE A 338 -16.40 -20.48 -7.41
C PHE A 338 -16.95 -19.18 -6.82
N GLY A 339 -18.16 -19.22 -6.24
CA GLY A 339 -18.79 -17.99 -5.77
C GLY A 339 -19.53 -18.23 -4.47
N SER A 340 -19.65 -17.13 -3.69
CA SER A 340 -20.38 -17.01 -2.44
C SER A 340 -20.76 -15.54 -2.25
N THR A 341 -21.71 -15.28 -1.31
CA THR A 341 -22.09 -13.89 -1.02
C THR A 341 -20.91 -13.05 -0.67
N GLU A 342 -20.05 -13.58 0.21
CA GLU A 342 -18.92 -12.80 0.70
C GLU A 342 -17.99 -12.37 -0.40
N MET A 343 -18.02 -13.00 -1.56
CA MET A 343 -17.07 -12.66 -2.65
C MET A 343 -17.75 -11.84 -3.73
N GLY A 344 -17.40 -10.57 -3.86
CA GLY A 344 -17.89 -9.67 -4.86
C GLY A 344 -17.21 -9.82 -6.19
N TYR A 345 -16.58 -10.94 -6.44
CA TYR A 345 -16.04 -11.28 -7.75
C TYR A 345 -15.59 -12.74 -7.65
N VAL A 346 -15.10 -13.25 -8.71
CA VAL A 346 -14.47 -14.56 -8.69
C VAL A 346 -13.03 -14.38 -8.25
N LEU A 347 -12.55 -15.34 -7.46
CA LEU A 347 -11.19 -15.31 -6.96
C LEU A 347 -10.34 -16.38 -7.63
N PHE A 348 -10.95 -17.30 -8.35
CA PHE A 348 -10.24 -18.38 -8.99
C PHE A 348 -10.55 -18.46 -10.48
N ASP A 349 -9.50 -18.61 -11.28
CA ASP A 349 -9.60 -18.69 -12.75
C ASP A 349 -8.96 -19.99 -13.25
N PHE A 350 -9.67 -20.81 -14.04
CA PHE A 350 -9.07 -22.02 -14.67
C PHE A 350 -9.12 -21.87 -16.20
N ILE A 359 -9.02 -35.32 -10.55
CA ILE A 359 -9.51 -35.70 -9.23
C ILE A 359 -10.15 -34.50 -8.52
N GLY A 360 -11.43 -34.23 -8.79
CA GLY A 360 -12.13 -33.15 -8.11
C GLY A 360 -12.72 -32.04 -8.97
N ARG A 361 -13.69 -31.31 -8.42
CA ARG A 361 -14.27 -30.14 -9.12
C ARG A 361 -13.21 -29.03 -9.09
N CYS A 362 -12.42 -28.88 -10.15
CA CYS A 362 -11.36 -27.89 -10.17
C CYS A 362 -12.06 -26.54 -10.01
N ILE A 363 -11.64 -25.75 -9.01
CA ILE A 363 -12.18 -24.43 -8.91
C ILE A 363 -11.35 -23.37 -9.62
N GLY A 364 -10.05 -23.62 -9.85
CA GLY A 364 -9.12 -22.73 -10.54
C GLY A 364 -7.84 -22.41 -9.76
N ARG A 365 -7.15 -21.41 -10.21
CA ARG A 365 -5.92 -20.84 -9.67
C ARG A 365 -6.24 -19.48 -9.06
N PRO A 366 -5.62 -19.09 -7.96
CA PRO A 366 -5.97 -17.80 -7.38
C PRO A 366 -5.69 -16.66 -8.37
N MET A 367 -6.57 -15.70 -8.38
CA MET A 367 -6.46 -14.54 -9.24
C MET A 367 -5.60 -13.49 -8.55
N ARG A 368 -4.98 -12.60 -9.35
CA ARG A 368 -3.91 -11.75 -8.83
C ARG A 368 -4.33 -10.96 -7.61
N PHE A 369 -5.62 -10.63 -7.51
CA PHE A 369 -6.14 -9.84 -6.40
C PHE A 369 -6.69 -10.68 -5.26
N ALA A 370 -6.23 -11.92 -5.14
CA ALA A 370 -6.80 -12.85 -4.20
C ALA A 370 -5.69 -13.75 -3.70
N GLN A 371 -5.87 -14.26 -2.49
CA GLN A 371 -4.93 -15.17 -1.88
C GLN A 371 -5.74 -16.32 -1.33
N ALA A 372 -5.22 -17.55 -1.57
CA ALA A 372 -5.95 -18.76 -1.23
C ALA A 372 -5.02 -19.77 -0.59
N ALA A 373 -5.62 -20.57 0.29
CA ALA A 373 -4.91 -21.53 1.10
C ALA A 373 -5.82 -22.69 1.50
N VAL A 374 -5.22 -23.86 1.62
CA VAL A 374 -5.85 -25.00 2.27
C VAL A 374 -5.33 -25.02 3.69
N VAL A 375 -6.21 -24.86 4.65
CA VAL A 375 -5.83 -24.55 6.02
C VAL A 375 -6.11 -25.71 6.93
N GLY A 376 -5.26 -25.88 7.96
CA GLY A 376 -5.52 -26.89 8.96
C GLY A 376 -6.54 -26.43 10.01
N GLU A 377 -6.77 -27.28 10.99
CA GLU A 377 -7.75 -26.88 11.99
C GLU A 377 -7.23 -25.73 12.86
N ASP A 378 -5.92 -25.63 13.04
CA ASP A 378 -5.34 -24.47 13.71
C ASP A 378 -5.11 -23.30 12.78
N GLY A 379 -5.46 -23.41 11.51
CA GLY A 379 -5.30 -22.31 10.54
C GLY A 379 -3.94 -22.31 9.91
N SER A 380 -3.23 -23.43 9.96
CA SER A 380 -1.86 -23.57 9.42
C SER A 380 -1.92 -23.93 7.93
N VAL A 381 -1.32 -23.11 7.07
CA VAL A 381 -1.29 -23.40 5.61
C VAL A 381 -0.85 -24.85 5.43
N LEU A 382 -1.65 -25.68 4.74
CA LEU A 382 -1.30 -27.10 4.52
C LEU A 382 -0.47 -27.31 3.25
N PRO A 383 0.31 -28.36 3.14
CA PRO A 383 1.09 -28.56 1.92
C PRO A 383 0.19 -29.01 0.80
N PRO A 384 0.68 -29.04 -0.43
CA PRO A 384 -0.12 -29.55 -1.56
C PRO A 384 -0.44 -31.04 -1.38
N GLY A 385 -1.60 -31.44 -1.92
CA GLY A 385 -2.09 -32.80 -1.78
C GLY A 385 -2.76 -33.10 -0.45
N GLN A 386 -2.56 -32.26 0.54
CA GLN A 386 -3.19 -32.47 1.80
C GLN A 386 -4.54 -31.78 1.81
N VAL A 387 -5.51 -32.40 2.46
CA VAL A 387 -6.89 -31.97 2.39
C VAL A 387 -7.19 -31.09 3.60
N GLY A 388 -7.84 -29.97 3.34
CA GLY A 388 -8.20 -29.08 4.43
C GLY A 388 -9.40 -28.26 4.06
N ARG A 389 -9.60 -27.17 4.84
CA ARG A 389 -10.63 -26.17 4.62
C ARG A 389 -10.15 -25.11 3.63
N LEU A 390 -10.97 -24.82 2.61
CA LEU A 390 -10.68 -23.75 1.69
C LEU A 390 -10.72 -22.40 2.39
N GLY A 391 -9.65 -21.61 2.26
CA GLY A 391 -9.62 -20.29 2.84
C GLY A 391 -9.12 -19.22 1.88
N VAL A 392 -9.65 -18.00 2.07
CA VAL A 392 -9.32 -16.90 1.15
C VAL A 392 -9.14 -15.54 1.83
N ARG A 393 -8.51 -14.67 1.04
CA ARG A 393 -8.33 -13.26 1.39
C ARG A 393 -8.44 -12.43 0.11
N SER A 394 -9.18 -11.31 0.17
CA SER A 394 -9.26 -10.46 -1.02
C SER A 394 -9.95 -9.16 -0.71
N LYS A 395 -9.43 -8.07 -1.30
CA LYS A 395 -10.07 -6.80 -1.09
C LYS A 395 -11.38 -6.73 -1.80
N SER A 396 -11.66 -7.72 -2.66
CA SER A 396 -13.00 -7.97 -3.18
C SER A 396 -13.94 -8.62 -2.15
N LEU A 397 -13.45 -9.17 -1.04
CA LEU A 397 -14.35 -9.84 -0.11
C LEU A 397 -15.25 -8.84 0.60
N THR A 398 -16.31 -9.34 1.20
CA THR A 398 -17.10 -8.53 2.12
C THR A 398 -16.24 -8.06 3.28
N PRO A 399 -16.34 -6.78 3.69
CA PRO A 399 -15.76 -6.37 4.98
C PRO A 399 -16.48 -6.91 6.21
N GLY A 400 -17.55 -7.65 6.04
CA GLY A 400 -18.19 -8.14 7.24
C GLY A 400 -19.67 -8.40 7.05
N PHE A 401 -20.24 -9.08 8.04
CA PHE A 401 -21.65 -9.38 8.03
C PHE A 401 -22.48 -8.23 8.66
N TRP A 402 -23.49 -7.75 7.93
CA TRP A 402 -24.34 -6.68 8.41
C TRP A 402 -24.85 -7.08 9.80
N ASN A 403 -24.56 -6.25 10.81
CA ASN A 403 -25.07 -6.40 12.18
C ASN A 403 -24.66 -7.73 12.84
N ASP A 404 -23.55 -8.37 12.39
CA ASP A 404 -23.16 -9.69 12.94
C ASP A 404 -21.62 -9.85 12.94
N ASN A 405 -20.97 -9.15 13.86
CA ASN A 405 -19.53 -9.37 13.96
C ASN A 405 -19.25 -10.72 14.65
N VAL A 406 -20.26 -11.28 15.35
CA VAL A 406 -20.11 -12.55 16.04
C VAL A 406 -19.87 -13.64 15.01
N ARG A 407 -20.78 -13.81 14.08
CA ARG A 407 -20.64 -14.85 13.04
C ARG A 407 -19.47 -14.51 12.11
N TRP A 408 -19.32 -13.26 11.70
CA TRP A 408 -18.26 -12.83 10.76
C TRP A 408 -16.89 -13.31 11.23
N HIS A 409 -16.49 -12.91 12.43
CA HIS A 409 -15.15 -13.22 12.99
C HIS A 409 -15.00 -14.71 13.16
N LYS A 410 -16.07 -15.43 13.48
CA LYS A 410 -15.99 -16.86 13.70
C LYS A 410 -15.64 -17.59 12.42
N GLN A 411 -15.75 -16.92 11.28
CA GLN A 411 -15.50 -17.50 9.98
C GLN A 411 -14.12 -17.31 9.56
N TRP A 412 -13.33 -16.65 10.37
CA TRP A 412 -11.94 -16.46 9.99
C TRP A 412 -11.06 -17.40 10.80
N LEU A 413 -10.17 -18.09 10.10
CA LEU A 413 -9.25 -19.04 10.70
C LEU A 413 -7.85 -18.84 10.14
N GLY A 414 -6.90 -18.66 11.05
CA GLY A 414 -5.55 -18.53 10.60
C GLY A 414 -5.31 -17.29 9.78
N GLY A 415 -6.23 -16.33 9.84
CA GLY A 415 -6.06 -15.17 8.98
C GLY A 415 -6.76 -15.23 7.65
N TYR A 416 -7.43 -16.35 7.34
CA TYR A 416 -8.14 -16.58 6.09
C TYR A 416 -9.60 -16.63 6.42
N PHE A 417 -10.44 -16.30 5.44
CA PHE A 417 -11.90 -16.46 5.53
C PHE A 417 -12.28 -17.85 5.03
N LEU A 418 -12.84 -18.66 5.92
CA LEU A 418 -13.28 -20.00 5.56
C LEU A 418 -14.57 -19.94 4.75
N THR A 419 -14.55 -20.56 3.56
CA THR A 419 -15.71 -20.56 2.67
C THR A 419 -16.72 -21.63 3.01
N GLY A 420 -16.37 -22.57 3.88
CA GLY A 420 -17.28 -23.65 4.22
C GLY A 420 -17.05 -24.91 3.41
N ASP A 421 -15.99 -24.94 2.61
CA ASP A 421 -15.71 -26.01 1.66
C ASP A 421 -14.32 -26.57 1.89
N LEU A 422 -14.22 -27.89 1.80
CA LEU A 422 -12.98 -28.62 2.02
C LEU A 422 -12.30 -28.89 0.69
N ALA A 423 -10.98 -28.86 0.68
CA ALA A 423 -10.31 -28.96 -0.61
C ALA A 423 -8.85 -29.38 -0.44
N TYR A 424 -8.16 -29.43 -1.58
CA TYR A 424 -6.73 -29.68 -1.66
C TYR A 424 -6.23 -28.93 -2.87
N ARG A 425 -4.92 -28.70 -2.94
CA ARG A 425 -4.33 -27.93 -4.06
C ARG A 425 -3.06 -28.62 -4.54
N ASP A 426 -2.89 -28.71 -5.84
CA ASP A 426 -1.68 -29.32 -6.44
C ASP A 426 -0.51 -28.37 -6.20
N ALA A 427 0.71 -28.77 -6.55
CA ALA A 427 1.91 -27.96 -6.30
C ALA A 427 1.90 -26.71 -7.17
N ALA A 428 0.97 -26.63 -8.12
CA ALA A 428 0.83 -25.46 -9.01
C ALA A 428 -0.12 -24.47 -8.37
N ASN A 429 -0.53 -24.71 -7.14
CA ASN A 429 -1.49 -23.86 -6.41
C ASN A 429 -2.83 -23.96 -7.11
N THR A 430 -3.08 -25.02 -7.88
CA THR A 430 -4.42 -25.25 -8.38
C THR A 430 -5.29 -25.94 -7.34
N PHE A 431 -6.43 -25.33 -7.06
CA PHE A 431 -7.38 -25.78 -6.05
C PHE A 431 -8.44 -26.64 -6.70
N TYR A 432 -8.89 -27.66 -5.96
CA TYR A 432 -9.88 -28.64 -6.37
C TYR A 432 -10.82 -28.84 -5.19
N HIS A 433 -12.10 -28.54 -5.39
CA HIS A 433 -13.11 -28.71 -4.35
C HIS A 433 -13.46 -30.18 -4.12
N LEU A 434 -13.54 -30.60 -2.86
CA LEU A 434 -13.98 -31.95 -2.49
C LEU A 434 -15.37 -31.97 -1.88
N ASP A 435 -15.72 -31.00 -1.07
CA ASP A 435 -16.95 -31.14 -0.31
C ASP A 435 -17.16 -29.86 0.49
N ARG A 436 -18.37 -29.71 1.00
CA ARG A 436 -18.67 -28.72 2.02
C ARG A 436 -18.22 -29.36 3.33
N THR A 437 -17.60 -28.56 4.19
CA THR A 437 -17.07 -29.10 5.44
C THR A 437 -18.10 -29.90 6.23
N THR A 438 -19.37 -29.50 6.13
CA THR A 438 -20.44 -30.14 6.89
C THR A 438 -20.87 -31.51 6.34
N ASP A 439 -20.66 -31.76 5.04
CA ASP A 439 -21.22 -32.95 4.41
C ASP A 439 -20.30 -34.17 4.48
N ALA A 440 -19.08 -34.02 4.98
CA ALA A 440 -18.11 -35.10 4.92
C ALA A 440 -18.31 -36.09 6.06
N ILE A 441 -18.14 -37.37 5.74
CA ILE A 441 -18.45 -38.47 6.64
C ILE A 441 -17.14 -39.13 7.03
N ARG A 442 -16.94 -39.32 8.31
CA ARG A 442 -15.84 -40.14 8.80
C ARG A 442 -16.23 -41.63 8.91
N THR A 443 -15.27 -42.48 8.55
CA THR A 443 -15.46 -43.94 8.56
C THR A 443 -14.25 -44.51 9.29
N GLU A 444 -14.28 -45.77 9.67
CA GLU A 444 -13.18 -46.39 10.43
C GLU A 444 -12.01 -46.63 9.47
N GLU A 445 -12.16 -46.27 8.21
CA GLU A 445 -11.12 -46.47 7.18
C GLU A 445 -10.68 -45.13 6.58
N GLY A 446 -11.24 -44.00 7.05
CA GLY A 446 -10.83 -42.69 6.60
C GLY A 446 -12.03 -41.81 6.33
N PHE A 447 -11.77 -40.66 5.69
CA PHE A 447 -12.80 -39.65 5.42
C PHE A 447 -13.40 -39.87 4.03
N VAL A 448 -14.70 -39.67 3.92
CA VAL A 448 -15.39 -39.79 2.65
C VAL A 448 -15.96 -38.43 2.33
N TYR A 449 -15.63 -37.92 1.16
CA TYR A 449 -16.12 -36.64 0.68
C TYR A 449 -17.28 -36.90 -0.26
N SER A 450 -18.48 -36.53 0.17
CA SER A 450 -19.70 -36.87 -0.56
C SER A 450 -19.77 -36.19 -1.91
N ALA A 451 -19.27 -34.97 -2.06
CA ALA A 451 -19.37 -34.33 -3.37
C ALA A 451 -18.46 -35.01 -4.38
N TYR A 452 -17.30 -35.51 -3.94
CA TYR A 452 -16.35 -36.22 -4.83
C TYR A 452 -16.93 -37.59 -5.14
N THR A 453 -17.31 -38.39 -4.15
CA THR A 453 -17.99 -39.68 -4.43
C THR A 453 -19.14 -39.40 -5.42
N GLU A 454 -20.03 -38.47 -5.15
CA GLU A 454 -21.19 -38.29 -6.04
C GLU A 454 -20.73 -38.25 -7.49
N GLU A 455 -19.90 -37.29 -7.87
CA GLU A 455 -19.48 -37.08 -9.28
C GLU A 455 -18.46 -38.13 -9.75
N VAL A 456 -18.00 -39.02 -8.87
CA VAL A 456 -16.96 -40.03 -9.21
C VAL A 456 -17.57 -41.09 -10.11
N TYR A 461 -20.34 -44.94 -13.41
CA TYR A 461 -21.48 -45.51 -14.12
C TYR A 461 -22.39 -44.45 -14.75
N PRO A 462 -21.90 -43.76 -15.78
CA PRO A 462 -22.75 -42.79 -16.53
C PRO A 462 -24.19 -43.27 -16.84
N LEU A 465 -29.39 -40.21 -12.82
CA LEU A 465 -29.98 -38.87 -12.78
C LEU A 465 -29.36 -38.05 -11.66
N ASP A 466 -29.58 -38.47 -10.41
CA ASP A 466 -29.03 -37.80 -9.24
C ASP A 466 -28.33 -38.81 -8.34
N CYS A 467 -27.38 -38.31 -7.56
CA CYS A 467 -26.68 -39.09 -6.57
C CYS A 467 -26.63 -38.29 -5.28
N THR A 468 -26.56 -39.02 -4.16
CA THR A 468 -26.40 -38.41 -2.84
C THR A 468 -25.69 -39.46 -1.99
N VAL A 469 -24.40 -39.22 -1.74
CA VAL A 469 -23.58 -40.12 -0.94
C VAL A 469 -23.75 -39.60 0.49
N VAL A 470 -24.70 -40.19 1.20
CA VAL A 470 -25.10 -39.60 2.46
C VAL A 470 -24.32 -40.20 3.62
N GLY A 471 -24.53 -41.48 3.91
CA GLY A 471 -23.97 -42.06 5.11
C GLY A 471 -24.81 -41.79 6.35
N LEU A 472 -24.58 -42.61 7.38
CA LEU A 472 -25.56 -42.74 8.46
C LEU A 472 -24.99 -43.59 9.59
N ALA A 473 -25.45 -43.30 10.82
CA ALA A 473 -25.14 -44.14 11.98
C ALA A 473 -25.95 -43.77 13.23
N VAL A 477 -24.39 -40.37 17.75
CA VAL A 477 -23.24 -40.53 16.87
C VAL A 477 -22.85 -39.18 16.29
N GLU A 478 -21.55 -38.99 16.02
CA GLU A 478 -21.05 -37.75 15.44
C GLU A 478 -19.88 -38.06 14.53
N PHE A 479 -20.05 -37.79 13.23
CA PHE A 479 -19.03 -38.10 12.21
C PHE A 479 -18.97 -36.94 11.22
N GLY A 480 -18.15 -35.94 11.53
CA GLY A 480 -17.97 -34.79 10.67
C GLY A 480 -16.52 -34.39 10.70
N TRP A 481 -16.18 -33.37 9.92
CA TRP A 481 -14.81 -32.91 9.90
C TRP A 481 -14.28 -32.68 11.31
N GLU A 482 -15.11 -32.07 12.17
CA GLU A 482 -14.83 -31.75 13.56
C GLU A 482 -15.24 -32.91 14.46
N ASP A 483 -16.47 -33.37 14.31
CA ASP A 483 -16.97 -34.55 15.01
C ASP A 483 -16.01 -35.73 14.88
N GLU A 484 -15.43 -36.15 16.01
CA GLU A 484 -14.75 -37.44 16.09
C GLU A 484 -15.77 -38.56 16.25
N GLY A 485 -15.55 -39.66 15.55
CA GLY A 485 -16.54 -40.72 15.55
C GLY A 485 -16.91 -41.13 14.14
N VAL A 486 -16.94 -42.43 13.88
CA VAL A 486 -17.01 -42.95 12.53
C VAL A 486 -18.44 -43.36 12.18
N ALA A 487 -18.66 -43.63 10.90
CA ALA A 487 -19.97 -43.99 10.38
C ALA A 487 -19.76 -44.85 9.13
N THR A 488 -20.82 -45.01 8.34
CA THR A 488 -20.83 -45.82 7.13
C THR A 488 -21.59 -45.04 6.07
N VAL A 489 -21.26 -45.28 4.82
CA VAL A 489 -21.73 -44.43 3.73
C VAL A 489 -22.68 -45.23 2.86
N TYR A 490 -23.61 -44.52 2.26
CA TYR A 490 -24.65 -45.16 1.46
C TYR A 490 -24.98 -44.28 0.28
N ALA A 491 -25.23 -44.94 -0.86
CA ALA A 491 -25.43 -44.29 -2.14
C ALA A 491 -26.90 -44.37 -2.49
N LEU A 492 -27.47 -43.22 -2.81
CA LEU A 492 -28.90 -43.10 -3.09
C LEU A 492 -29.01 -42.70 -4.56
N VAL A 493 -29.39 -43.64 -5.41
CA VAL A 493 -29.31 -43.47 -6.86
C VAL A 493 -30.70 -43.26 -7.44
N ASN A 494 -30.87 -42.14 -8.13
CA ASN A 494 -31.94 -41.93 -9.08
C ASN A 494 -31.49 -42.41 -10.45
N LEU A 495 -32.43 -42.42 -11.40
CA LEU A 495 -32.16 -43.04 -12.69
C LEU A 495 -33.37 -42.99 -13.62
N ALA A 499 -34.00 -47.47 -16.95
CA ALA A 499 -34.14 -47.64 -15.50
C ALA A 499 -34.10 -49.13 -15.13
N GLU A 500 -33.14 -49.86 -15.70
CA GLU A 500 -33.03 -51.31 -15.49
C GLU A 500 -32.05 -51.61 -14.35
N ALA A 501 -32.43 -51.22 -13.13
CA ALA A 501 -31.57 -51.36 -11.96
C ALA A 501 -30.86 -52.72 -11.87
N ASN A 510 -20.76 -49.96 -5.68
CA ASN A 510 -19.43 -49.62 -5.12
C ASN A 510 -18.36 -50.35 -5.94
N GLU A 511 -18.65 -50.61 -7.21
CA GLU A 511 -17.67 -51.25 -8.15
C GLU A 511 -17.13 -50.16 -9.06
N ALA A 512 -17.84 -49.03 -9.18
CA ALA A 512 -17.34 -47.86 -9.92
C ALA A 512 -16.39 -47.17 -8.97
N LEU A 513 -16.75 -47.08 -7.70
CA LEU A 513 -15.84 -46.50 -6.70
C LEU A 513 -14.53 -47.22 -6.94
N GLY A 514 -14.54 -48.56 -6.92
CA GLY A 514 -13.32 -49.37 -7.15
C GLY A 514 -12.63 -49.00 -8.44
N ARG A 515 -13.37 -48.77 -9.52
CA ARG A 515 -12.78 -48.44 -10.85
C ARG A 515 -11.82 -47.27 -10.69
N ALA A 516 -12.01 -46.40 -9.69
CA ALA A 516 -11.09 -45.29 -9.40
C ALA A 516 -10.98 -45.11 -7.89
N GLY A 517 -9.90 -45.56 -7.26
CA GLY A 517 -9.71 -45.46 -5.81
C GLY A 517 -11.01 -45.65 -5.06
N LEU A 518 -11.31 -44.78 -4.11
CA LEU A 518 -12.61 -44.82 -3.37
C LEU A 518 -12.88 -46.25 -2.89
N VAL A 521 -18.46 -48.04 -0.72
CA VAL A 521 -19.70 -47.68 0.06
C VAL A 521 -20.52 -48.95 0.26
N ALA A 522 -21.00 -49.20 1.46
CA ALA A 522 -21.82 -50.38 1.79
C ALA A 522 -23.21 -50.22 1.16
N MET B 1 13.75 8.97 28.89
CA MET B 1 14.90 8.52 28.08
C MET B 1 14.36 7.68 26.94
N MET B 2 15.01 7.69 25.79
CA MET B 2 14.51 6.98 24.64
C MET B 2 14.83 5.50 24.76
N ILE B 3 13.98 4.66 24.17
CA ILE B 3 14.32 3.26 24.12
C ILE B 3 15.58 3.16 23.29
N SER B 4 16.36 2.12 23.53
CA SER B 4 17.58 1.89 22.78
C SER B 4 17.31 1.57 21.31
N GLU B 5 18.31 1.83 20.48
CA GLU B 5 18.21 1.40 19.08
C GLU B 5 18.00 -0.12 18.99
N ASP B 6 18.53 -0.88 19.94
CA ASP B 6 18.41 -2.33 19.82
C ASP B 6 16.96 -2.76 20.02
N LEU B 7 16.28 -2.16 20.98
CA LEU B 7 14.88 -2.50 21.19
C LEU B 7 14.02 -1.97 20.05
N ARG B 8 14.20 -0.69 19.70
CA ARG B 8 13.44 -0.10 18.60
C ARG B 8 13.51 -0.99 17.36
N GLN B 9 14.70 -1.37 16.97
CA GLN B 9 14.84 -2.21 15.79
C GLN B 9 14.16 -3.55 15.99
N LYS B 10 14.20 -4.08 17.20
CA LYS B 10 13.49 -5.34 17.39
C LYS B 10 11.99 -5.15 17.22
N VAL B 11 11.44 -4.09 17.80
CA VAL B 11 10.00 -3.85 17.69
C VAL B 11 9.64 -3.60 16.24
N LEU B 12 10.37 -2.71 15.59
CA LEU B 12 10.05 -2.35 14.22
C LEU B 12 10.35 -3.49 13.25
N ALA B 13 11.12 -4.48 13.66
CA ALA B 13 11.34 -5.62 12.78
C ALA B 13 10.42 -6.75 13.10
N ASP B 14 9.48 -6.58 14.05
CA ASP B 14 8.65 -7.70 14.47
C ASP B 14 7.30 -7.67 13.78
N ALA B 15 7.25 -8.16 12.53
CA ALA B 15 6.00 -8.08 11.80
C ALA B 15 4.82 -8.67 12.56
N ALA B 16 5.07 -9.51 13.56
CA ALA B 16 3.99 -10.18 14.27
C ALA B 16 3.39 -9.35 15.38
N LEU B 17 4.09 -8.30 15.84
CA LEU B 17 3.76 -7.59 17.07
C LEU B 17 2.50 -6.72 16.94
N GLY B 18 1.60 -6.87 17.92
CA GLY B 18 0.39 -6.09 18.03
C GLY B 18 -0.27 -6.13 19.40
N ALA B 19 -1.34 -5.37 19.50
CA ALA B 19 -2.04 -5.19 20.76
C ALA B 19 -2.38 -6.52 21.41
N GLY B 20 -2.53 -7.57 20.63
CA GLY B 20 -2.95 -8.84 21.22
C GLY B 20 -1.87 -9.79 21.74
N ASN B 21 -0.58 -9.48 21.55
CA ASN B 21 0.44 -10.40 22.01
C ASN B 21 1.60 -9.67 22.65
N VAL B 22 1.37 -8.46 23.19
CA VAL B 22 2.50 -7.58 23.54
C VAL B 22 3.41 -8.33 24.50
N ILE B 23 2.81 -8.99 25.51
CA ILE B 23 3.68 -9.63 26.50
C ILE B 23 4.35 -10.87 25.95
N HIS B 24 3.73 -11.57 24.99
CA HIS B 24 4.31 -12.81 24.49
C HIS B 24 5.51 -12.49 23.61
N ARG B 25 5.61 -11.24 23.17
CA ARG B 25 6.77 -10.85 22.38
C ARG B 25 7.89 -10.34 23.25
N LEU B 26 7.55 -9.75 24.40
CA LEU B 26 8.59 -9.11 25.21
C LEU B 26 9.73 -10.04 25.52
N PRO B 27 9.49 -11.27 25.99
CA PRO B 27 10.60 -12.23 26.17
C PRO B 27 11.48 -12.40 24.95
N LEU B 28 10.86 -12.63 23.79
CA LEU B 28 11.66 -12.85 22.59
C LEU B 28 12.53 -11.64 22.27
N TYR B 29 12.17 -10.45 22.74
CA TYR B 29 13.09 -9.33 22.57
C TYR B 29 14.28 -9.41 23.52
N GLY B 30 14.24 -10.29 24.52
CA GLY B 30 15.30 -10.47 25.48
C GLY B 30 14.96 -10.06 26.90
N ARG B 31 13.73 -9.62 27.19
CA ARG B 31 13.42 -9.20 28.57
C ARG B 31 13.51 -10.40 29.50
N SER B 32 13.89 -10.11 30.75
CA SER B 32 13.93 -11.12 31.79
C SER B 32 12.57 -11.28 32.46
N LEU B 33 12.23 -12.52 32.86
CA LEU B 33 10.98 -12.75 33.58
C LEU B 33 11.03 -12.21 35.00
N ASP B 34 12.23 -12.13 35.57
CA ASP B 34 12.43 -11.71 36.95
C ASP B 34 12.26 -10.21 37.13
N GLU B 35 12.43 -9.46 36.05
CA GLU B 35 12.27 -8.02 36.04
C GLU B 35 10.84 -7.65 36.40
N GLU B 36 10.69 -6.54 37.11
CA GLU B 36 9.37 -5.98 37.40
C GLU B 36 8.83 -5.15 36.25
N VAL B 37 7.54 -5.31 35.97
CA VAL B 37 6.99 -4.58 34.84
C VAL B 37 5.73 -3.82 35.21
N LEU B 38 4.96 -4.35 36.16
CA LEU B 38 3.64 -3.81 36.43
C LEU B 38 3.46 -3.64 37.94
N TRP B 39 3.26 -2.41 38.35
CA TRP B 39 3.13 -1.99 39.73
C TRP B 39 1.64 -1.74 39.93
N LEU B 40 1.03 -2.42 40.88
CA LEU B 40 -0.41 -2.31 41.11
C LEU B 40 -0.65 -1.51 42.39
N ASP B 41 -1.94 -1.33 42.73
CA ASP B 41 -2.32 -0.45 43.83
C ASP B 41 -3.06 -1.19 44.96
N GLY B 42 -2.80 -2.48 45.13
CA GLY B 42 -3.38 -3.21 46.24
C GLY B 42 -4.85 -3.50 46.16
N THR B 43 -5.57 -2.95 45.17
CA THR B 43 -6.97 -3.32 45.05
C THR B 43 -7.12 -4.69 44.42
N TRP B 44 -6.20 -5.13 43.59
CA TRP B 44 -6.41 -6.35 42.81
C TRP B 44 -6.01 -7.58 43.62
N ARG B 45 -6.88 -8.58 43.72
CA ARG B 45 -6.56 -9.83 44.45
C ARG B 45 -6.08 -10.89 43.46
N ALA B 46 -4.87 -11.40 43.65
CA ALA B 46 -4.28 -12.37 42.74
C ALA B 46 -4.93 -13.72 42.99
N PRO B 47 -4.73 -14.70 42.08
CA PRO B 47 -5.38 -16.01 42.18
C PRO B 47 -5.02 -16.77 43.46
N ASP B 48 -3.78 -16.66 43.91
CA ASP B 48 -3.29 -17.40 45.10
C ASP B 48 -3.85 -16.76 46.36
N GLY B 49 -4.59 -15.68 46.23
CA GLY B 49 -5.19 -14.97 47.35
C GLY B 49 -4.47 -13.68 47.72
N SER B 50 -3.38 -13.34 47.03
CA SER B 50 -2.59 -12.17 47.36
C SER B 50 -3.23 -10.90 46.83
N ARG B 51 -2.66 -9.78 47.24
CA ARG B 51 -2.92 -8.48 46.62
C ARG B 51 -1.54 -7.91 46.29
N PRO B 52 -0.86 -8.42 45.24
CA PRO B 52 0.50 -7.96 44.91
C PRO B 52 0.54 -6.47 44.61
N GLU B 53 1.69 -5.86 44.90
CA GLU B 53 1.95 -4.44 44.65
C GLU B 53 2.84 -4.22 43.44
N VAL B 54 3.46 -5.28 42.91
CA VAL B 54 4.24 -5.26 41.67
C VAL B 54 4.21 -6.67 41.06
N LEU B 55 4.23 -6.73 39.74
CA LEU B 55 4.31 -8.00 39.04
C LEU B 55 5.55 -8.02 38.14
N THR B 56 6.12 -9.19 38.04
CA THR B 56 7.21 -9.37 37.11
C THR B 56 6.68 -9.84 35.78
N LEU B 57 7.53 -9.75 34.77
CA LEU B 57 7.14 -10.24 33.45
C LEU B 57 6.76 -11.71 33.54
N GLY B 58 7.55 -12.51 34.27
CA GLY B 58 7.25 -13.92 34.40
C GLY B 58 5.99 -14.20 35.19
N GLY B 59 5.75 -13.42 36.25
CA GLY B 59 4.56 -13.55 37.06
C GLY B 59 3.29 -12.99 36.43
N LEU B 60 3.41 -11.93 35.65
CA LEU B 60 2.24 -11.46 34.89
C LEU B 60 1.83 -12.52 33.88
N HIS B 61 2.82 -13.15 33.25
CA HIS B 61 2.62 -14.26 32.28
C HIS B 61 2.00 -15.46 32.98
N GLU B 62 2.19 -15.56 34.28
CA GLU B 62 1.59 -16.64 35.10
C GLU B 62 0.15 -16.26 35.43
N VAL B 63 -0.10 -15.04 35.86
CA VAL B 63 -1.46 -14.57 36.21
C VAL B 63 -2.29 -14.65 34.95
N VAL B 64 -1.76 -14.19 33.83
CA VAL B 64 -2.51 -14.23 32.57
C VAL B 64 -2.76 -15.68 32.15
N ALA B 65 -1.78 -16.58 32.37
CA ALA B 65 -1.97 -18.00 32.06
C ALA B 65 -3.17 -18.61 32.78
N GLU B 66 -3.41 -18.19 34.03
CA GLU B 66 -4.50 -18.70 34.84
C GLU B 66 -5.85 -18.24 34.31
N TYR B 67 -6.03 -16.93 34.17
CA TYR B 67 -7.29 -16.47 33.62
C TYR B 67 -7.56 -17.15 32.27
N ALA B 68 -6.53 -17.25 31.42
CA ALA B 68 -6.69 -17.86 30.11
C ALA B 68 -7.25 -19.26 30.25
N GLY B 69 -6.64 -20.05 31.12
CA GLY B 69 -7.13 -21.41 31.31
C GLY B 69 -8.54 -21.44 31.87
N PHE B 70 -8.79 -20.63 32.90
CA PHE B 70 -10.14 -20.62 33.47
C PHE B 70 -11.17 -20.36 32.38
N TYR B 71 -10.85 -19.44 31.47
CA TYR B 71 -11.75 -19.15 30.37
C TYR B 71 -11.79 -20.32 29.39
N THR B 72 -10.67 -20.97 29.12
CA THR B 72 -10.61 -22.08 28.13
C THR B 72 -11.38 -23.26 28.66
N ARG B 73 -11.61 -23.35 29.97
CA ARG B 73 -12.37 -24.45 30.60
C ARG B 73 -13.85 -24.09 30.70
N ALA B 74 -14.19 -22.82 30.90
CA ALA B 74 -15.58 -22.33 30.91
C ALA B 74 -16.20 -22.52 29.54
N GLY B 75 -15.36 -22.67 28.53
CA GLY B 75 -15.80 -22.92 27.14
C GLY B 75 -15.42 -21.81 26.21
N VAL B 76 -14.68 -20.81 26.68
CA VAL B 76 -14.41 -19.69 25.82
C VAL B 76 -13.46 -20.14 24.72
N ARG B 77 -13.85 -19.86 23.46
CA ARG B 77 -13.07 -20.17 22.28
C ARG B 77 -12.66 -18.93 21.49
N ALA B 78 -11.84 -19.12 20.47
CA ALA B 78 -11.30 -18.01 19.66
C ALA B 78 -12.42 -17.26 18.96
N LYS B 79 -12.24 -15.96 18.79
CA LYS B 79 -13.22 -15.07 18.15
C LYS B 79 -14.49 -15.08 18.99
N ASP B 80 -14.39 -15.45 20.26
CA ASP B 80 -15.55 -15.40 21.19
C ASP B 80 -15.37 -14.16 22.04
N ALA B 81 -16.39 -13.32 22.11
CA ALA B 81 -16.37 -12.06 22.84
C ALA B 81 -16.76 -12.37 24.25
N VAL B 82 -16.03 -11.79 25.20
CA VAL B 82 -16.36 -11.96 26.62
C VAL B 82 -16.42 -10.60 27.29
N ALA B 83 -17.58 -10.29 27.89
CA ALA B 83 -17.72 -9.04 28.67
C ALA B 83 -17.01 -9.13 30.03
N ILE B 84 -16.21 -8.12 30.32
CA ILE B 84 -15.49 -7.89 31.56
C ILE B 84 -16.16 -6.66 32.19
N VAL B 85 -16.77 -6.85 33.34
CA VAL B 85 -17.55 -5.78 33.96
C VAL B 85 -16.87 -5.43 35.28
N SER B 86 -16.26 -4.27 35.32
CA SER B 86 -15.47 -3.91 36.47
C SER B 86 -15.37 -2.40 36.45
N THR B 87 -14.46 -1.89 37.25
CA THR B 87 -14.11 -0.48 37.34
C THR B 87 -12.61 -0.34 37.53
N SER B 88 -11.83 -1.39 37.23
CA SER B 88 -10.40 -1.43 37.57
C SER B 88 -9.53 -1.58 36.33
N ILE B 89 -8.65 -0.61 36.10
CA ILE B 89 -7.73 -0.75 34.98
C ILE B 89 -7.03 -2.11 35.05
N THR B 90 -6.81 -2.62 36.26
CA THR B 90 -6.05 -3.86 36.37
C THR B 90 -6.93 -5.05 35.99
N ASP B 91 -8.18 -5.05 36.44
CA ASP B 91 -9.07 -6.12 36.03
C ASP B 91 -9.09 -6.21 34.52
N PHE B 92 -9.49 -5.10 33.87
CA PHE B 92 -9.61 -5.08 32.42
C PHE B 92 -8.29 -5.49 31.78
N ALA B 93 -7.20 -4.86 32.23
CA ALA B 93 -5.92 -5.12 31.61
C ALA B 93 -5.58 -6.60 31.68
N LEU B 94 -5.83 -7.24 32.82
CA LEU B 94 -5.44 -8.65 32.95
C LEU B 94 -6.36 -9.54 32.16
N ASN B 95 -7.66 -9.25 32.18
CA ASN B 95 -8.57 -10.14 31.45
C ASN B 95 -8.29 -10.01 29.96
N LEU B 96 -7.92 -8.78 29.56
CA LEU B 96 -7.60 -8.51 28.16
C LEU B 96 -6.39 -9.31 27.68
N MET B 97 -5.36 -9.41 28.50
CA MET B 97 -4.21 -10.22 28.09
C MET B 97 -4.61 -11.67 27.98
N ALA B 98 -5.42 -12.16 28.90
CA ALA B 98 -5.73 -13.58 28.90
C ALA B 98 -6.58 -13.95 27.69
N LEU B 99 -7.62 -13.18 27.43
CA LEU B 99 -8.55 -13.51 26.34
C LEU B 99 -7.77 -13.51 25.03
N THR B 100 -6.90 -12.53 24.78
CA THR B 100 -6.15 -12.47 23.51
C THR B 100 -5.32 -13.71 23.34
N GLY B 101 -4.75 -14.18 24.45
CA GLY B 101 -3.98 -15.41 24.44
C GLY B 101 -4.74 -16.58 23.92
N ILE B 102 -6.04 -16.66 24.20
CA ILE B 102 -6.86 -17.70 23.60
C ILE B 102 -7.57 -17.23 22.33
N GLY B 103 -7.28 -16.01 21.90
CA GLY B 103 -7.85 -15.51 20.68
C GLY B 103 -9.22 -14.94 20.87
N ALA B 104 -9.60 -14.64 22.09
CA ALA B 104 -10.92 -14.13 22.39
C ALA B 104 -10.83 -12.63 22.52
N ILE B 105 -12.01 -11.99 22.57
CA ILE B 105 -12.16 -10.54 22.63
C ILE B 105 -12.74 -10.20 24.00
N ALA B 106 -12.24 -9.14 24.62
CA ALA B 106 -12.73 -8.67 25.93
C ALA B 106 -13.54 -7.40 25.70
N SER B 107 -14.82 -7.41 26.05
CA SER B 107 -15.71 -6.21 25.95
C SER B 107 -15.63 -5.48 27.27
N LEU B 108 -14.82 -4.44 27.35
CA LEU B 108 -14.68 -3.63 28.56
C LEU B 108 -16.01 -2.92 28.81
N VAL B 109 -16.66 -3.17 29.94
CA VAL B 109 -17.91 -2.50 30.32
C VAL B 109 -17.68 -1.82 31.66
N ASN B 110 -17.88 -0.51 31.73
CA ASN B 110 -17.79 0.16 33.01
C ASN B 110 -19.04 -0.20 33.80
N ALA B 111 -18.86 -0.87 34.96
CA ALA B 111 -20.01 -1.32 35.74
C ALA B 111 -20.92 -0.16 36.10
N ASN B 112 -20.34 1.02 36.27
CA ASN B 112 -21.17 2.14 36.67
C ASN B 112 -22.06 2.62 35.57
N MET B 113 -22.02 1.97 34.39
CA MET B 113 -23.06 2.20 33.40
C MET B 113 -24.42 1.99 34.09
N PRO B 114 -25.37 2.96 33.99
CA PRO B 114 -26.73 2.74 34.53
C PRO B 114 -27.24 1.34 34.20
N ALA B 115 -27.85 0.67 35.19
CA ALA B 115 -28.17 -0.74 35.04
C ALA B 115 -29.04 -0.99 33.81
N GLU B 116 -30.13 -0.24 33.67
CA GLU B 116 -31.06 -0.55 32.59
C GLU B 116 -30.38 -0.37 31.24
N THR B 117 -29.41 0.53 31.13
CA THR B 117 -28.67 0.69 29.89
C THR B 117 -27.59 -0.36 29.75
N ARG B 118 -26.90 -0.67 30.85
CA ARG B 118 -25.80 -1.63 30.80
C ARG B 118 -26.27 -3.01 30.37
N ARG B 119 -27.50 -3.36 30.75
CA ARG B 119 -28.07 -4.62 30.32
C ARG B 119 -28.35 -4.61 28.83
N GLU B 120 -28.82 -3.49 28.32
CA GLU B 120 -29.08 -3.45 26.90
C GLU B 120 -27.77 -3.50 26.15
N TYR B 121 -26.73 -2.84 26.68
CA TYR B 121 -25.44 -2.80 25.98
C TYR B 121 -24.80 -4.18 25.85
N ILE B 122 -24.90 -5.00 26.91
CA ILE B 122 -24.34 -6.34 26.88
C ILE B 122 -25.21 -7.25 26.03
N ARG B 123 -26.51 -7.15 26.17
CA ARG B 123 -27.43 -8.02 25.40
C ARG B 123 -27.08 -7.88 23.94
N ARG B 124 -26.74 -6.68 23.46
CA ARG B 124 -26.51 -6.40 22.01
C ARG B 124 -25.14 -6.85 21.52
N GLN B 125 -24.39 -7.63 22.31
CA GLN B 125 -23.03 -8.09 21.93
C GLN B 125 -23.00 -9.61 21.85
N ARG B 126 -24.01 -10.29 22.34
CA ARG B 126 -24.07 -11.76 22.32
C ARG B 126 -22.70 -12.31 22.69
N VAL B 127 -22.24 -12.07 23.92
CA VAL B 127 -21.01 -12.63 24.44
C VAL B 127 -21.31 -14.01 25.05
N VAL B 128 -20.29 -14.87 25.01
CA VAL B 128 -20.38 -16.19 25.61
C VAL B 128 -20.18 -16.15 27.12
N GLY B 129 -19.79 -15.03 27.65
CA GLY B 129 -19.43 -15.03 29.04
C GLY B 129 -19.22 -13.65 29.55
N ILE B 130 -19.55 -13.50 30.81
CA ILE B 130 -19.26 -12.32 31.59
C ILE B 130 -18.26 -12.70 32.70
N MET B 131 -17.37 -11.77 33.02
CA MET B 131 -16.50 -11.88 34.19
C MET B 131 -16.59 -10.58 34.95
N THR B 132 -16.79 -10.69 36.25
CA THR B 132 -16.99 -9.54 37.08
C THR B 132 -16.56 -9.89 38.49
N ARG B 133 -16.99 -9.07 39.44
CA ARG B 133 -16.66 -9.24 40.84
C ARG B 133 -17.91 -9.11 41.70
N GLU B 134 -17.75 -9.40 43.00
CA GLU B 134 -18.90 -9.49 43.87
C GLU B 134 -19.78 -8.24 43.84
N PRO B 135 -19.22 -7.04 43.66
CA PRO B 135 -20.09 -5.86 43.72
C PRO B 135 -21.23 -5.90 42.72
N TRP B 136 -21.05 -6.53 41.56
CA TRP B 136 -22.07 -6.47 40.52
C TRP B 136 -22.62 -7.82 40.07
N HIS B 137 -22.05 -8.92 40.54
CA HIS B 137 -22.33 -10.23 39.98
C HIS B 137 -23.81 -10.60 40.09
N ALA B 138 -24.40 -10.44 41.28
CA ALA B 138 -25.80 -10.84 41.45
C ALA B 138 -26.72 -10.11 40.49
N ASP B 139 -26.42 -8.85 40.18
CA ASP B 139 -27.28 -8.13 39.24
C ASP B 139 -27.03 -8.58 37.82
N LEU B 140 -25.79 -8.94 37.50
CA LEU B 140 -25.40 -9.30 36.14
C LEU B 140 -26.00 -10.64 35.71
N LEU B 141 -26.55 -11.41 36.65
CA LEU B 141 -27.23 -12.66 36.35
C LEU B 141 -28.54 -12.44 35.59
N ALA B 142 -29.01 -11.20 35.49
CA ALA B 142 -30.15 -10.96 34.61
C ALA B 142 -29.85 -11.40 33.18
N HIS B 143 -28.59 -11.23 32.72
CA HIS B 143 -28.24 -11.65 31.37
C HIS B 143 -28.45 -13.16 31.18
N LEU B 144 -28.65 -13.92 32.26
CA LEU B 144 -28.97 -15.34 32.12
C LEU B 144 -30.38 -15.55 31.62
N ASP B 145 -31.20 -14.51 31.66
CA ASP B 145 -32.52 -14.49 31.06
C ASP B 145 -32.55 -13.78 29.71
N ASP B 146 -31.38 -13.52 29.14
CA ASP B 146 -31.33 -13.03 27.78
C ASP B 146 -31.74 -14.17 26.85
N ASP B 147 -32.46 -13.84 25.78
CA ASP B 147 -32.74 -14.84 24.77
C ASP B 147 -31.46 -15.63 24.40
N GLU B 148 -30.36 -14.91 24.04
CA GLU B 148 -29.13 -15.68 23.84
C GLU B 148 -28.15 -15.51 24.99
N PRO B 149 -28.23 -16.35 26.01
CA PRO B 149 -27.61 -16.02 27.29
C PRO B 149 -26.14 -16.41 27.35
N PRO B 150 -25.36 -15.64 28.09
CA PRO B 150 -23.94 -15.96 28.18
C PRO B 150 -23.86 -17.34 28.76
N LEU B 151 -22.80 -18.05 28.35
CA LEU B 151 -22.59 -19.40 28.90
C LEU B 151 -22.40 -19.38 30.42
N PHE B 152 -21.85 -18.29 30.97
CA PHE B 152 -21.47 -18.24 32.38
C PHE B 152 -21.36 -16.80 32.82
N VAL B 153 -21.78 -16.53 34.05
CA VAL B 153 -21.44 -15.28 34.74
C VAL B 153 -20.50 -15.63 35.89
N ALA B 154 -19.22 -15.29 35.77
CA ALA B 154 -18.18 -15.70 36.73
C ALA B 154 -17.68 -14.57 37.61
N LEU B 155 -17.01 -14.90 38.71
CA LEU B 155 -16.33 -13.92 39.59
C LEU B 155 -14.83 -14.13 39.39
N GLN B 156 -14.01 -13.12 39.59
CA GLN B 156 -12.56 -13.22 39.32
C GLN B 156 -11.94 -14.14 40.34
N SER B 157 -12.55 -14.25 41.52
CA SER B 157 -12.08 -15.17 42.56
C SER B 157 -12.16 -16.61 42.12
N GLU B 158 -13.00 -16.93 41.14
CA GLU B 158 -13.08 -18.31 40.72
C GLU B 158 -11.80 -18.74 40.04
N VAL B 159 -10.89 -17.83 39.72
CA VAL B 159 -9.70 -18.23 38.97
C VAL B 159 -8.67 -18.73 39.97
N GLU B 160 -8.43 -20.00 39.98
CA GLU B 160 -7.61 -20.54 41.06
C GLU B 160 -6.24 -20.98 40.59
N PRO B 161 -5.25 -20.95 41.48
CA PRO B 161 -3.93 -21.49 41.12
C PRO B 161 -4.06 -22.83 40.46
N GLY B 162 -3.43 -22.99 39.31
CA GLY B 162 -3.48 -24.24 38.58
C GLY B 162 -4.51 -24.36 37.49
N ASN B 163 -5.45 -23.40 37.36
CA ASN B 163 -6.35 -23.40 36.21
C ASN B 163 -5.58 -23.27 34.91
N ARG B 164 -4.38 -22.71 34.97
CA ARG B 164 -3.58 -22.53 33.77
C ARG B 164 -3.32 -23.84 33.05
N GLU B 165 -3.44 -24.98 33.71
CA GLU B 165 -3.24 -26.23 32.99
C GLU B 165 -4.27 -26.41 31.88
N HIS B 166 -5.47 -25.80 32.04
CA HIS B 166 -6.55 -26.03 31.10
C HIS B 166 -6.46 -25.19 29.83
N ARG B 167 -5.60 -24.17 29.83
CA ARG B 167 -5.40 -23.34 28.65
C ARG B 167 -5.02 -24.22 27.46
N PRO B 168 -5.22 -23.72 26.24
CA PRO B 168 -4.96 -24.54 25.06
C PRO B 168 -3.48 -24.86 24.87
N ALA B 169 -3.24 -25.88 24.05
CA ALA B 169 -1.86 -26.29 23.84
C ALA B 169 -1.06 -25.26 23.06
N ALA B 170 -1.67 -24.61 22.08
CA ALA B 170 -0.94 -23.65 21.24
C ALA B 170 -0.82 -22.28 21.87
N TYR B 171 -1.17 -22.15 23.14
CA TYR B 171 -0.98 -20.91 23.85
C TYR B 171 0.44 -20.43 23.69
N PRO B 172 0.66 -19.18 23.32
CA PRO B 172 -0.37 -18.14 23.11
C PRO B 172 -0.88 -18.08 21.67
N PHE B 173 -2.12 -17.62 21.52
CA PHE B 173 -2.74 -17.44 20.21
C PHE B 173 -1.78 -16.72 19.27
N ARG B 174 -1.92 -16.95 17.96
CA ARG B 174 -1.18 -16.20 16.94
C ARG B 174 -2.13 -15.29 16.15
N HIS B 175 -2.12 -14.01 16.47
CA HIS B 175 -3.09 -13.08 15.95
C HIS B 175 -2.86 -12.66 14.49
N ALA B 176 -3.91 -12.55 13.78
CA ALA B 176 -3.87 -11.92 12.48
C ALA B 176 -4.18 -10.44 12.64
N PRO B 177 -3.62 -9.61 11.76
CA PRO B 177 -3.73 -8.16 11.94
C PRO B 177 -5.13 -7.75 12.13
N GLY B 178 -6.03 -8.39 11.42
CA GLY B 178 -7.44 -8.04 11.49
C GLY B 178 -8.26 -8.68 12.59
N ASP B 179 -7.62 -9.41 13.53
CA ASP B 179 -8.29 -10.24 14.52
C ASP B 179 -8.81 -9.36 15.68
N PRO B 180 -10.08 -9.40 16.01
CA PRO B 180 -10.52 -8.52 17.08
C PRO B 180 -9.80 -8.88 18.38
N ILE B 181 -9.38 -7.87 19.14
CA ILE B 181 -8.94 -8.12 20.51
C ILE B 181 -9.82 -7.46 21.59
N LEU B 182 -10.55 -6.41 21.28
CA LEU B 182 -11.08 -5.55 22.32
C LEU B 182 -12.33 -4.90 21.78
N ILE B 183 -13.24 -4.63 22.72
CA ILE B 183 -14.40 -3.78 22.48
C ILE B 183 -14.37 -2.73 23.58
N SER B 184 -14.56 -1.47 23.18
CA SER B 184 -14.71 -0.37 24.11
C SER B 184 -16.08 0.25 23.91
N HIS B 185 -16.54 1.05 24.89
CA HIS B 185 -17.88 1.65 24.84
C HIS B 185 -17.79 3.15 25.15
N SER B 186 -18.72 3.91 24.54
CA SER B 186 -18.77 5.39 24.64
C SER B 186 -19.50 5.85 25.89
N SER B 187 -19.23 7.06 26.35
CA SER B 187 -19.80 7.58 27.62
C SER B 187 -21.33 7.52 27.62
N GLY B 188 -21.98 7.89 26.52
CA GLY B 188 -23.45 7.97 26.51
C GLY B 188 -23.81 9.41 26.23
N THR B 189 -24.91 9.68 25.52
CA THR B 189 -25.20 11.08 25.12
C THR B 189 -26.24 11.05 23.99
N ILE B 192 -28.16 4.30 24.04
CA ILE B 192 -27.19 3.27 24.43
C ILE B 192 -25.80 3.66 23.90
N PRO B 193 -24.76 3.46 24.72
CA PRO B 193 -23.38 3.63 24.21
C PRO B 193 -23.14 2.80 22.95
N LYS B 194 -22.16 3.24 22.17
CA LYS B 194 -21.71 2.56 20.96
C LYS B 194 -20.55 1.66 21.34
N SER B 195 -20.46 0.50 20.69
CA SER B 195 -19.43 -0.50 20.98
C SER B 195 -18.46 -0.47 19.83
N ALA B 196 -17.27 0.01 20.05
CA ALA B 196 -16.27 0.05 19.00
C ALA B 196 -15.28 -1.09 19.26
N PHE B 197 -14.96 -1.85 18.22
CA PHE B 197 -14.06 -2.97 18.36
C PHE B 197 -12.76 -2.62 17.69
N HIS B 198 -11.62 -3.06 18.31
CA HIS B 198 -10.26 -2.78 17.86
C HIS B 198 -9.48 -4.07 17.61
N THR B 199 -8.53 -3.98 16.69
CA THR B 199 -7.93 -5.23 16.28
C THR B 199 -6.46 -5.30 16.68
N HIS B 200 -5.93 -6.51 16.50
CA HIS B 200 -4.54 -6.76 16.79
C HIS B 200 -3.71 -5.63 16.17
N GLU B 201 -4.13 -5.18 14.99
CA GLU B 201 -3.38 -4.17 14.25
C GLU B 201 -3.76 -2.72 14.63
N THR B 202 -5.07 -2.41 14.62
CA THR B 202 -5.45 -1.01 14.78
C THR B 202 -4.96 -0.46 16.13
N LEU B 203 -5.28 -1.17 17.21
CA LEU B 203 -4.98 -0.69 18.56
C LEU B 203 -3.49 -0.42 18.78
N PHE B 204 -2.59 -1.00 17.97
CA PHE B 204 -1.16 -0.65 18.06
C PHE B 204 -0.73 0.08 16.82
N HIS B 205 -1.63 0.26 15.86
CA HIS B 205 -1.26 0.89 14.60
C HIS B 205 -0.63 2.28 14.84
N GLY B 206 -1.28 3.07 15.71
CA GLY B 206 -0.75 4.38 16.07
C GLY B 206 0.53 4.31 16.89
N ALA B 207 0.51 3.54 17.99
CA ALA B 207 1.70 3.39 18.81
C ALA B 207 2.90 3.13 17.91
N LEU B 208 2.79 2.07 17.08
CA LEU B 208 3.92 1.71 16.23
C LEU B 208 4.28 2.83 15.27
N SER B 209 3.30 3.53 14.70
CA SER B 209 3.63 4.61 13.77
C SER B 209 4.48 5.63 14.46
N ARG B 210 4.06 6.02 15.67
CA ARG B 210 4.77 7.04 16.42
C ARG B 210 6.21 6.62 16.71
N LEU B 211 6.39 5.39 17.24
CA LEU B 211 7.72 4.85 17.54
C LEU B 211 8.63 4.84 16.33
N ALA B 212 8.11 4.45 15.15
CA ALA B 212 8.95 4.53 13.95
C ALA B 212 9.56 5.91 13.84
N ASP B 213 8.76 6.95 14.14
CA ASP B 213 9.22 8.33 14.06
C ASP B 213 10.18 8.74 15.19
N GLY B 214 10.42 7.89 16.18
CA GLY B 214 11.21 8.30 17.29
C GLY B 214 10.42 9.09 18.30
N LEU B 215 9.12 8.83 18.41
CA LEU B 215 8.23 9.63 19.28
C LEU B 215 7.39 8.73 20.16
N ASP B 216 6.85 9.29 21.25
CA ASP B 216 6.00 8.55 22.21
C ASP B 216 6.66 7.20 22.49
N CYS B 217 7.95 7.19 22.84
CA CYS B 217 8.71 5.93 23.07
C CYS B 217 9.78 6.11 24.15
N SER B 218 9.41 6.64 25.33
CA SER B 218 10.36 6.78 26.41
C SER B 218 10.24 5.63 27.40
N THR B 219 11.27 5.45 28.21
CA THR B 219 11.27 4.44 29.26
C THR B 219 10.74 4.97 30.59
N ARG B 220 10.30 6.22 30.63
CA ARG B 220 9.94 6.84 31.89
C ARG B 220 8.78 6.11 32.53
N LYS B 221 8.78 6.10 33.86
CA LYS B 221 7.72 5.44 34.66
C LYS B 221 6.47 6.26 34.45
N ARG B 222 5.34 5.59 34.29
CA ARG B 222 4.07 6.27 34.01
C ARG B 222 3.00 5.80 34.97
N LEU B 223 2.21 6.77 35.46
CA LEU B 223 1.11 6.51 36.38
C LEU B 223 -0.20 6.64 35.61
N LEU B 224 -0.87 5.49 35.41
CA LEU B 224 -2.14 5.42 34.68
C LEU B 224 -3.28 5.44 35.70
N ALA B 225 -3.80 6.63 35.96
CA ALA B 225 -5.04 6.78 36.72
C ALA B 225 -6.21 7.07 35.79
N LEU B 226 -6.21 6.46 34.61
CA LEU B 226 -7.31 6.61 33.66
C LEU B 226 -8.43 5.66 34.01
N PRO B 227 -9.64 5.94 33.56
CA PRO B 227 -10.72 4.96 33.66
C PRO B 227 -10.29 3.67 32.97
N GLY B 228 -10.45 2.55 33.67
CA GLY B 228 -9.89 1.32 33.16
C GLY B 228 -10.54 0.85 31.89
N HIS B 229 -11.77 1.25 31.68
CA HIS B 229 -12.53 0.72 30.58
C HIS B 229 -12.26 1.44 29.28
N HIS B 230 -11.53 2.55 29.29
CA HIS B 230 -11.25 3.29 28.07
C HIS B 230 -10.15 2.59 27.30
N VAL B 231 -10.28 2.58 25.98
CA VAL B 231 -9.29 1.89 25.16
C VAL B 231 -7.91 2.48 25.41
N SER B 232 -7.82 3.80 25.62
CA SER B 232 -6.50 4.38 25.80
C SER B 232 -5.88 3.89 27.09
N ALA B 233 -6.69 3.52 28.08
CA ALA B 233 -6.13 2.98 29.32
C ALA B 233 -5.45 1.65 29.07
N MET B 234 -5.97 0.86 28.09
CA MET B 234 -5.37 -0.41 27.70
C MET B 234 -4.20 -0.20 26.74
N SER B 235 -4.33 0.72 25.79
CA SER B 235 -3.22 0.87 24.87
C SER B 235 -2.02 1.44 25.60
N ASN B 236 -2.24 2.43 26.47
CA ASN B 236 -1.10 3.01 27.20
C ASN B 236 -0.48 1.97 28.12
N THR B 237 -1.31 1.09 28.71
CA THR B 237 -0.74 -0.01 29.44
C THR B 237 0.09 -0.87 28.51
N LEU B 238 -0.55 -1.35 27.45
CA LEU B 238 0.11 -2.26 26.53
C LEU B 238 1.38 -1.62 26.00
N LEU B 239 1.31 -0.34 25.65
CA LEU B 239 2.45 0.33 25.04
C LEU B 239 3.61 0.44 26.02
N GLY B 240 3.33 0.84 27.27
CA GLY B 240 4.39 0.91 28.26
C GLY B 240 5.14 -0.39 28.46
N LEU B 241 4.43 -1.50 28.56
CA LEU B 241 5.11 -2.77 28.67
C LEU B 241 6.02 -2.97 27.47
N THR B 242 5.59 -2.50 26.30
CA THR B 242 6.36 -2.75 25.08
C THR B 242 7.66 -1.96 25.09
N LEU B 243 7.61 -0.72 25.59
CA LEU B 243 8.73 0.18 25.67
C LEU B 243 9.70 -0.17 26.78
N GLY B 244 9.28 -0.99 27.74
CA GLY B 244 10.10 -1.32 28.88
C GLY B 244 10.02 -0.31 29.98
N ALA B 245 8.96 0.53 29.99
CA ALA B 245 8.73 1.62 30.93
C ALA B 245 7.94 1.13 32.12
N PRO B 246 8.36 1.44 33.36
CA PRO B 246 7.53 1.04 34.51
C PRO B 246 6.14 1.64 34.39
N VAL B 247 5.13 0.75 34.39
CA VAL B 247 3.73 1.15 34.36
C VAL B 247 3.16 1.01 35.76
N VAL B 248 2.30 1.96 36.16
CA VAL B 248 1.74 1.97 37.50
C VAL B 248 0.24 2.18 37.40
N HIS B 249 -0.52 1.21 37.86
CA HIS B 249 -1.96 1.25 37.81
C HIS B 249 -2.52 1.82 39.09
N TYR B 250 -3.35 2.86 38.98
CA TYR B 250 -4.08 3.41 40.13
C TYR B 250 -5.57 3.32 39.85
N THR B 251 -6.29 2.59 40.71
CA THR B 251 -7.75 2.46 40.63
C THR B 251 -8.49 3.69 41.18
N ASP B 252 -7.84 4.51 42.00
CA ASP B 252 -8.46 5.70 42.58
C ASP B 252 -8.15 6.91 41.72
N PRO B 253 -9.16 7.54 41.07
CA PRO B 253 -8.89 8.74 40.30
C PRO B 253 -8.94 10.04 41.10
N SER B 254 -9.20 9.98 42.41
CA SER B 254 -9.33 11.20 43.22
C SER B 254 -8.02 11.97 43.31
N GLY B 255 -8.14 13.29 43.44
CA GLY B 255 -6.94 14.11 43.51
C GLY B 255 -6.03 13.73 44.65
N LYS B 256 -6.60 13.44 45.83
CA LYS B 256 -5.78 12.99 46.95
C LYS B 256 -5.04 11.69 46.61
N ALA B 257 -5.78 10.69 46.11
CA ALA B 257 -5.17 9.40 45.85
C ALA B 257 -4.03 9.52 44.86
N VAL B 258 -4.21 10.33 43.81
CA VAL B 258 -3.18 10.47 42.81
C VAL B 258 -2.03 11.33 43.32
N LEU B 259 -2.33 12.39 44.08
CA LEU B 259 -1.24 13.15 44.69
C LEU B 259 -0.40 12.26 45.57
N ASP B 260 -1.03 11.31 46.28
CA ASP B 260 -0.29 10.31 47.03
C ASP B 260 0.53 9.41 46.10
N GLY B 261 -0.08 8.97 45.01
CA GLY B 261 0.64 8.10 44.10
C GLY B 261 1.85 8.78 43.49
N ILE B 262 1.71 10.05 43.13
CA ILE B 262 2.84 10.77 42.57
C ILE B 262 3.99 10.81 43.55
N GLU B 263 3.66 10.97 44.84
CA GLU B 263 4.68 11.04 45.88
C GLU B 263 5.28 9.66 46.17
N LYS B 264 4.44 8.62 46.24
CA LYS B 264 4.94 7.26 46.50
C LYS B 264 5.80 6.73 45.34
N HIS B 265 5.29 6.77 44.10
CA HIS B 265 5.95 6.15 42.96
C HIS B 265 6.86 7.09 42.18
N ARG B 266 6.74 8.43 42.41
CA ARG B 266 7.56 9.45 41.73
C ARG B 266 7.63 9.13 40.24
N PRO B 267 6.49 9.18 39.55
CA PRO B 267 6.47 8.97 38.11
C PRO B 267 6.84 10.23 37.33
N THR B 268 7.37 10.00 36.12
CA THR B 268 7.69 11.08 35.20
C THR B 268 6.46 11.59 34.46
N ILE B 269 5.51 10.72 34.11
CA ILE B 269 4.31 11.17 33.39
C ILE B 269 3.11 10.53 34.08
N VAL B 270 1.96 11.20 33.99
CA VAL B 270 0.74 10.76 34.65
C VAL B 270 -0.44 10.87 33.68
N PHE B 271 -1.15 9.78 33.49
CA PHE B 271 -2.30 9.80 32.60
C PHE B 271 -3.52 9.85 33.49
N GLY B 272 -4.42 10.77 33.20
CA GLY B 272 -5.69 10.75 33.90
C GLY B 272 -6.69 11.56 33.13
N PHE B 273 -7.90 11.59 33.65
CA PHE B 273 -8.89 12.42 33.00
C PHE B 273 -8.86 13.79 33.64
N THR B 274 -9.30 14.79 32.88
CA THR B 274 -9.31 16.15 33.39
C THR B 274 -9.78 16.24 34.85
N HIS B 275 -10.92 15.62 35.18
CA HIS B 275 -11.46 15.74 36.54
C HIS B 275 -10.40 15.36 37.56
N THR B 276 -9.60 14.35 37.23
CA THR B 276 -8.53 13.94 38.13
C THR B 276 -7.59 15.10 38.38
N PHE B 277 -7.17 15.77 37.32
CA PHE B 277 -6.19 16.85 37.44
C PHE B 277 -6.78 18.11 38.06
N THR B 278 -8.02 18.44 37.75
CA THR B 278 -8.62 19.60 38.39
C THR B 278 -8.57 19.44 39.90
N GLU B 279 -9.06 18.31 40.40
CA GLU B 279 -9.07 18.04 41.85
C GLU B 279 -7.71 18.17 42.49
N MET B 280 -6.67 17.59 41.88
CA MET B 280 -5.34 17.73 42.46
C MET B 280 -4.99 19.21 42.60
N ALA B 281 -5.40 20.03 41.65
CA ALA B 281 -5.02 21.45 41.67
C ALA B 281 -5.68 22.22 42.81
N ALA B 282 -6.77 21.70 43.38
CA ALA B 282 -7.46 22.37 44.47
C ALA B 282 -6.87 22.07 45.84
N GLU B 283 -5.92 21.17 45.94
CA GLU B 283 -5.33 20.82 47.23
C GLU B 283 -4.29 21.86 47.65
N ASP B 284 -3.76 21.70 48.87
CA ASP B 284 -2.83 22.69 49.38
C ASP B 284 -1.66 22.87 48.42
N LEU B 285 -1.08 21.75 47.98
CA LEU B 285 0.11 21.73 47.12
C LEU B 285 1.19 22.68 47.65
N THR B 286 1.64 22.39 48.88
CA THR B 286 2.65 23.21 49.58
C THR B 286 3.70 22.26 50.14
N ASP B 287 3.27 21.24 50.86
CA ASP B 287 4.16 20.20 51.41
C ASP B 287 4.03 18.98 50.51
N ARG B 288 3.44 19.14 49.34
CA ARG B 288 3.32 18.04 48.34
C ARG B 288 4.62 17.98 47.56
N ASP B 289 5.02 16.81 47.06
CA ASP B 289 6.19 16.70 46.17
C ASP B 289 5.80 16.12 44.80
N LEU B 290 5.50 17.01 43.86
CA LEU B 290 5.24 16.62 42.48
C LEU B 290 6.37 17.02 41.53
N THR B 291 7.60 17.02 42.01
CA THR B 291 8.72 17.40 41.16
C THR B 291 9.04 16.30 40.16
N SER B 292 8.70 15.05 40.49
CA SER B 292 9.00 13.94 39.59
C SER B 292 8.34 14.11 38.23
N VAL B 293 7.14 14.71 38.20
CA VAL B 293 6.32 14.72 37.00
C VAL B 293 6.80 15.81 36.05
N GLU B 294 7.05 15.43 34.78
CA GLU B 294 7.29 16.41 33.73
C GLU B 294 6.19 16.52 32.70
N ALA B 295 5.14 15.69 32.77
CA ALA B 295 4.03 15.82 31.84
C ALA B 295 2.74 15.27 32.40
N TYR B 296 1.69 16.04 32.31
CA TYR B 296 0.37 15.57 32.64
C TYR B 296 -0.36 15.31 31.32
N TYR B 297 -0.84 14.09 31.14
CA TYR B 297 -1.52 13.65 29.90
C TYR B 297 -3.01 13.47 30.16
N ALA B 298 -3.85 14.34 29.61
CA ALA B 298 -5.32 14.26 29.75
C ALA B 298 -5.95 13.72 28.47
N ASP B 301 -12.32 13.82 27.06
CA ASP B 301 -12.21 14.86 28.12
C ASP B 301 -12.94 16.13 27.69
N ALA B 302 -14.25 16.18 27.88
CA ALA B 302 -15.03 17.39 27.56
C ALA B 302 -14.87 18.39 28.70
N ALA B 303 -14.35 17.90 29.82
CA ALA B 303 -14.12 18.78 30.97
C ALA B 303 -12.89 19.64 30.69
N HIS B 304 -13.00 20.94 30.90
CA HIS B 304 -11.84 21.84 30.74
C HIS B 304 -11.07 21.87 32.07
N ALA B 305 -9.80 22.29 32.06
CA ALA B 305 -8.96 22.36 33.28
C ALA B 305 -7.93 23.48 33.14
N ILE B 308 -5.27 24.67 36.86
CA ILE B 308 -4.39 23.47 37.01
C ILE B 308 -2.94 23.90 36.84
N ARG B 309 -2.70 25.19 36.55
CA ARG B 309 -1.32 25.73 36.41
C ARG B 309 -0.61 25.63 37.76
N ARG B 310 -1.34 25.35 38.83
CA ARG B 310 -0.76 25.14 40.17
C ARG B 310 0.08 23.88 40.08
N LEU B 311 -0.54 22.78 39.66
CA LEU B 311 0.16 21.50 39.50
C LEU B 311 1.37 21.63 38.59
N LEU B 312 1.24 22.37 37.49
CA LEU B 312 2.32 22.47 36.52
C LEU B 312 3.52 23.17 37.12
N ASP B 313 3.28 24.27 37.85
CA ASP B 313 4.35 25.05 38.46
C ASP B 313 5.09 24.27 39.53
N LYS B 314 4.48 23.21 40.07
CA LYS B 314 5.19 22.36 41.02
C LYS B 314 6.14 21.41 40.33
N GLY B 315 6.32 21.56 39.02
CA GLY B 315 7.19 20.67 38.28
C GLY B 315 8.31 21.33 37.49
N TYR B 316 8.80 20.61 36.50
CA TYR B 316 9.86 21.03 35.60
C TYR B 316 9.63 20.29 34.27
N HIS B 317 10.44 20.64 33.27
CA HIS B 317 10.44 20.01 31.94
C HIS B 317 11.79 20.33 31.31
N THR B 318 12.47 19.35 30.71
CA THR B 318 13.81 19.56 30.10
C THR B 318 13.65 20.26 28.74
N ALA B 319 14.54 21.22 28.47
CA ALA B 319 14.51 21.96 27.23
C ALA B 319 15.90 22.00 26.62
N THR B 320 16.00 22.61 25.45
CA THR B 320 17.29 22.80 24.77
C THR B 320 17.65 24.25 24.95
N GLY B 321 18.81 24.50 25.56
CA GLY B 321 19.22 25.85 25.85
C GLY B 321 20.00 26.44 24.69
N PRO B 322 20.35 27.72 24.77
CA PRO B 322 21.11 28.30 23.67
C PRO B 322 22.49 27.69 23.55
N ASP B 323 22.97 27.01 24.58
CA ASP B 323 24.21 26.25 24.46
C ASP B 323 24.04 24.99 23.62
N LEU B 324 22.79 24.71 23.19
CA LEU B 324 22.42 23.49 22.49
C LEU B 324 22.54 22.29 23.43
N LYS B 325 22.26 22.52 24.69
CA LYS B 325 22.41 21.49 25.71
C LYS B 325 21.19 21.43 26.61
N PRO B 326 20.95 20.29 27.28
CA PRO B 326 19.75 20.11 28.08
C PRO B 326 19.65 21.21 29.15
N LYS B 327 18.43 21.59 29.53
CA LYS B 327 18.20 22.69 30.48
C LYS B 327 16.89 22.45 31.21
N LYS B 328 16.91 21.99 32.46
CA LYS B 328 15.67 21.81 33.24
C LYS B 328 15.07 23.20 33.44
N VAL B 329 13.76 23.35 33.29
CA VAL B 329 13.14 24.65 33.34
C VAL B 329 11.90 24.48 34.19
N PRO B 330 11.39 25.55 34.80
CA PRO B 330 10.23 25.37 35.69
C PRO B 330 8.98 24.91 34.97
N GLY B 331 8.16 24.13 35.70
CA GLY B 331 6.80 23.75 35.30
C GLY B 331 6.72 22.53 34.43
N ALA B 332 5.67 21.72 34.62
CA ALA B 332 5.54 20.50 33.83
C ALA B 332 4.56 20.68 32.68
N ILE B 333 4.64 19.78 31.70
CA ILE B 333 3.85 19.90 30.48
C ILE B 333 2.43 19.37 30.67
N PHE B 334 1.48 20.02 30.02
CA PHE B 334 0.12 19.52 29.97
C PHE B 334 -0.29 19.24 28.54
N ILE B 335 -0.64 17.99 28.25
CA ILE B 335 -1.07 17.57 26.92
C ILE B 335 -2.55 17.27 27.05
N ASP B 336 -3.40 18.20 26.59
CA ASP B 336 -4.85 17.99 26.61
C ASP B 336 -5.29 17.25 25.34
N MET B 337 -5.25 15.92 25.44
CA MET B 337 -5.42 15.09 24.25
C MET B 337 -6.90 14.90 23.92
N PHE B 338 -7.15 14.68 22.64
CA PHE B 338 -8.48 14.47 22.10
C PHE B 338 -8.67 13.00 21.76
N GLY B 339 -9.73 12.41 22.30
CA GLY B 339 -9.97 10.98 22.14
C GLY B 339 -11.44 10.64 22.16
N SER B 340 -11.71 9.40 21.76
CA SER B 340 -13.02 8.75 21.82
C SER B 340 -12.78 7.24 21.85
N THR B 341 -13.84 6.47 22.14
CA THR B 341 -13.67 5.03 22.05
C THR B 341 -13.18 4.65 20.68
N GLU B 342 -13.76 5.23 19.66
CA GLU B 342 -13.39 4.87 18.30
C GLU B 342 -11.95 5.22 17.98
N MET B 343 -11.32 6.16 18.72
CA MET B 343 -10.02 6.65 18.25
C MET B 343 -8.91 5.61 18.39
N GLY B 344 -8.89 4.83 19.47
CA GLY B 344 -7.82 3.84 19.51
C GLY B 344 -6.63 4.53 20.12
N TYR B 345 -5.79 5.18 19.30
CA TYR B 345 -4.64 6.02 19.76
C TYR B 345 -5.07 7.48 19.63
N VAL B 346 -4.18 8.42 19.94
CA VAL B 346 -4.47 9.88 19.82
C VAL B 346 -4.12 10.29 18.39
N LEU B 347 -4.97 11.08 17.73
CA LEU B 347 -4.77 11.47 16.33
C LEU B 347 -4.23 12.87 16.16
N PHE B 348 -4.19 13.64 17.24
CA PHE B 348 -3.77 15.03 17.21
C PHE B 348 -2.73 15.33 18.28
N ASP B 349 -1.60 15.90 17.85
CA ASP B 349 -0.47 16.26 18.74
C ASP B 349 -0.59 17.72 19.13
N PHE B 350 -1.00 17.98 20.36
CA PHE B 350 -1.11 19.38 20.84
C PHE B 350 0.30 19.99 20.93
N VAL B 358 -6.16 31.95 23.57
CA VAL B 358 -6.42 31.59 22.18
C VAL B 358 -7.94 31.41 22.01
N ILE B 359 -8.39 31.26 20.75
CA ILE B 359 -9.82 31.19 20.42
C ILE B 359 -10.17 29.71 20.28
N GLY B 360 -10.60 29.09 21.36
CA GLY B 360 -11.02 27.71 21.33
C GLY B 360 -10.07 26.79 22.09
N ARG B 361 -10.51 25.55 22.32
CA ARG B 361 -9.69 24.53 23.01
C ARG B 361 -8.85 23.81 21.95
N CYS B 362 -7.64 24.30 21.65
CA CYS B 362 -6.75 23.70 20.64
C CYS B 362 -6.78 22.18 20.75
N ILE B 363 -7.02 21.50 19.63
CA ILE B 363 -7.04 20.02 19.58
C ILE B 363 -5.65 19.53 19.19
N GLY B 364 -4.82 20.34 18.53
CA GLY B 364 -3.54 19.85 18.07
C GLY B 364 -3.47 19.79 16.56
N ARG B 365 -2.41 19.21 16.08
CA ARG B 365 -2.17 19.05 14.67
C ARG B 365 -2.31 17.58 14.32
N PRO B 366 -2.84 17.24 13.17
CA PRO B 366 -2.95 15.80 12.86
C PRO B 366 -1.59 15.12 12.89
N MET B 367 -1.61 13.88 13.35
CA MET B 367 -0.42 13.07 13.39
C MET B 367 -0.24 12.36 12.04
N ARG B 368 1.00 11.90 11.79
CA ARG B 368 1.38 11.43 10.45
C ARG B 368 0.43 10.35 9.95
N PHE B 369 -0.07 9.53 10.84
CA PHE B 369 -0.90 8.40 10.44
C PHE B 369 -2.36 8.72 10.47
N ALA B 370 -2.71 10.00 10.35
CA ALA B 370 -4.08 10.43 10.57
C ALA B 370 -4.39 11.56 9.62
N GLN B 371 -5.67 11.69 9.29
CA GLN B 371 -6.19 12.73 8.43
C GLN B 371 -7.36 13.36 9.13
N ALA B 372 -7.45 14.70 9.09
CA ALA B 372 -8.51 15.44 9.80
C ALA B 372 -9.05 16.54 8.89
N ALA B 373 -10.31 16.88 9.06
CA ALA B 373 -10.99 17.79 8.15
C ALA B 373 -12.13 18.47 8.89
N VAL B 374 -12.41 19.72 8.50
CA VAL B 374 -13.63 20.38 8.92
C VAL B 374 -14.59 20.31 7.75
N VAL B 375 -15.68 19.59 7.92
CA VAL B 375 -16.59 19.28 6.82
C VAL B 375 -17.92 20.02 6.98
N GLY B 376 -18.54 20.31 5.85
CA GLY B 376 -19.90 20.81 5.83
C GLY B 376 -20.94 19.70 5.91
N GLU B 377 -22.20 20.09 5.78
CA GLU B 377 -23.31 19.15 5.87
C GLU B 377 -23.40 18.24 4.67
N ASP B 378 -22.92 18.68 3.48
CA ASP B 378 -22.79 17.75 2.35
C ASP B 378 -21.51 16.95 2.39
N GLY B 379 -20.69 17.12 3.42
CA GLY B 379 -19.44 16.36 3.61
C GLY B 379 -18.26 16.98 2.90
N SER B 380 -18.40 18.18 2.38
CA SER B 380 -17.32 18.89 1.65
C SER B 380 -16.22 19.30 2.62
N VAL B 381 -14.97 19.40 2.18
CA VAL B 381 -13.89 19.92 3.06
C VAL B 381 -14.08 21.42 3.13
N LEU B 382 -14.19 21.98 4.32
CA LEU B 382 -14.32 23.42 4.51
C LEU B 382 -12.96 24.12 4.61
N PRO B 383 -12.86 25.41 4.27
CA PRO B 383 -11.57 26.11 4.35
C PRO B 383 -11.21 26.41 5.79
N PRO B 384 -9.99 26.92 6.02
CA PRO B 384 -9.63 27.34 7.38
C PRO B 384 -10.48 28.52 7.81
N GLY B 385 -10.71 28.60 9.12
CA GLY B 385 -11.55 29.62 9.71
C GLY B 385 -13.03 29.36 9.66
N GLN B 386 -13.50 28.49 8.76
CA GLN B 386 -14.92 28.16 8.72
C GLN B 386 -15.21 27.02 9.70
N VAL B 387 -16.37 27.07 10.30
CA VAL B 387 -16.73 26.17 11.37
C VAL B 387 -17.48 25.02 10.77
N GLY B 388 -17.15 23.82 11.25
CA GLY B 388 -17.84 22.63 10.82
C GLY B 388 -17.76 21.53 11.83
N ARG B 389 -18.08 20.30 11.38
CA ARG B 389 -17.96 19.07 12.15
C ARG B 389 -16.55 18.50 12.01
N LEU B 390 -15.93 18.19 13.13
CA LEU B 390 -14.64 17.51 13.07
C LEU B 390 -14.82 16.09 12.49
N GLY B 391 -13.99 15.76 11.50
CA GLY B 391 -13.97 14.44 10.91
C GLY B 391 -12.55 13.97 10.75
N VAL B 392 -12.35 12.65 10.81
CA VAL B 392 -11.00 12.08 10.74
C VAL B 392 -10.94 10.74 10.02
N ARG B 393 -9.72 10.34 9.68
CA ARG B 393 -9.45 8.99 9.21
C ARG B 393 -8.10 8.48 9.72
N SER B 394 -8.01 7.22 10.12
CA SER B 394 -6.76 6.62 10.64
C SER B 394 -6.85 5.10 10.63
N LYS B 395 -5.71 4.41 10.52
CA LYS B 395 -5.67 2.94 10.60
C LYS B 395 -5.75 2.59 12.08
N SER B 396 -5.52 3.55 12.99
CA SER B 396 -5.84 3.31 14.40
C SER B 396 -7.35 3.33 14.74
N LEU B 397 -8.20 3.88 13.90
CA LEU B 397 -9.58 3.94 14.30
C LEU B 397 -10.22 2.57 14.31
N THR B 398 -11.29 2.48 15.08
CA THR B 398 -12.06 1.24 15.12
C THR B 398 -12.51 0.90 13.71
N PRO B 399 -12.45 -0.37 13.32
CA PRO B 399 -13.05 -0.79 12.04
C PRO B 399 -14.58 -0.89 12.01
N GLY B 400 -15.30 -0.65 13.10
CA GLY B 400 -16.76 -0.67 13.11
C GLY B 400 -17.37 -0.87 14.50
N PHE B 401 -18.67 -0.60 14.61
CA PHE B 401 -19.38 -0.82 15.85
C PHE B 401 -19.89 -2.28 15.90
N TRP B 402 -19.55 -2.97 16.97
CA TRP B 402 -19.95 -4.36 17.09
C TRP B 402 -21.45 -4.53 16.85
N ASN B 403 -21.86 -5.24 15.83
CA ASN B 403 -23.28 -5.65 15.67
C ASN B 403 -24.12 -4.42 15.40
N ASP B 404 -23.52 -3.34 14.92
CA ASP B 404 -24.23 -2.08 14.61
C ASP B 404 -23.56 -1.42 13.41
N ASN B 405 -23.79 -1.97 12.22
CA ASN B 405 -23.29 -1.37 10.97
C ASN B 405 -24.23 -0.20 10.72
N VAL B 406 -25.49 -0.31 11.10
CA VAL B 406 -26.49 0.75 10.98
C VAL B 406 -25.99 2.05 11.59
N ARG B 407 -25.69 2.03 12.89
CA ARG B 407 -25.17 3.22 13.52
C ARG B 407 -23.84 3.62 12.94
N TRP B 408 -23.01 2.66 12.54
CA TRP B 408 -21.64 2.96 12.12
C TRP B 408 -21.61 3.79 10.85
N HIS B 409 -22.18 3.27 9.78
CA HIS B 409 -22.05 3.96 8.50
C HIS B 409 -22.65 5.35 8.62
N LYS B 410 -23.60 5.52 9.53
CA LYS B 410 -24.28 6.80 9.73
C LYS B 410 -23.37 7.86 10.35
N GLN B 411 -22.20 7.48 10.86
CA GLN B 411 -21.24 8.43 11.43
C GLN B 411 -20.21 8.84 10.43
N TRP B 412 -20.31 8.38 9.22
CA TRP B 412 -19.40 8.84 8.21
C TRP B 412 -20.07 9.85 7.28
N LEU B 413 -19.35 10.92 7.02
CA LEU B 413 -19.77 11.98 6.10
C LEU B 413 -18.56 12.37 5.28
N GLY B 414 -18.68 12.27 3.98
CA GLY B 414 -17.61 12.70 3.12
C GLY B 414 -16.37 11.86 3.09
N GLY B 415 -16.42 10.63 3.58
CA GLY B 415 -15.22 9.84 3.65
C GLY B 415 -14.56 9.93 5.00
N TYR B 416 -15.16 10.73 5.91
CA TYR B 416 -14.61 11.04 7.21
C TYR B 416 -15.51 10.47 8.28
N PHE B 417 -14.87 10.15 9.42
CA PHE B 417 -15.56 9.73 10.64
C PHE B 417 -15.93 10.99 11.44
N LEU B 418 -17.22 11.28 11.56
CA LEU B 418 -17.62 12.39 12.41
C LEU B 418 -17.47 12.00 13.87
N THR B 419 -16.63 12.78 14.60
CA THR B 419 -16.35 12.52 16.01
C THR B 419 -17.43 13.04 16.94
N GLY B 420 -18.40 13.78 16.42
CA GLY B 420 -19.56 14.27 17.20
C GLY B 420 -19.30 15.65 17.75
N ASP B 421 -18.32 16.34 17.20
CA ASP B 421 -17.91 17.68 17.69
C ASP B 421 -17.88 18.65 16.50
N LEU B 422 -18.06 19.95 16.76
CA LEU B 422 -17.96 21.00 15.74
C LEU B 422 -16.64 21.71 15.97
N ALA B 423 -16.00 22.24 14.95
CA ALA B 423 -14.66 22.79 15.10
C ALA B 423 -14.30 23.73 13.94
N TYR B 424 -13.09 24.27 14.01
CA TYR B 424 -12.50 25.06 12.96
C TYR B 424 -11.01 24.79 13.03
N ARG B 425 -10.30 25.15 11.97
CA ARG B 425 -8.87 24.91 11.88
C ARG B 425 -8.24 26.14 11.25
N ASP B 426 -7.03 26.44 11.66
CA ASP B 426 -6.40 27.61 11.11
C ASP B 426 -5.65 27.22 9.83
N ALA B 427 -4.96 28.17 9.24
CA ALA B 427 -4.30 27.90 7.97
C ALA B 427 -3.21 26.84 8.10
N ALA B 428 -2.79 26.53 9.34
CA ALA B 428 -1.78 25.52 9.64
C ALA B 428 -2.34 24.11 9.82
N ASN B 429 -3.63 23.92 9.59
CA ASN B 429 -4.31 22.67 9.92
C ASN B 429 -4.15 22.37 11.40
N THR B 430 -4.11 23.41 12.22
CA THR B 430 -4.33 23.28 13.64
C THR B 430 -5.82 23.39 13.90
N PHE B 431 -6.39 22.38 14.54
CA PHE B 431 -7.79 22.30 14.85
C PHE B 431 -8.02 22.80 16.25
N TYR B 432 -9.18 23.40 16.47
CA TYR B 432 -9.59 23.93 17.76
C TYR B 432 -11.01 23.45 18.03
N HIS B 433 -11.22 22.78 19.14
CA HIS B 433 -12.56 22.33 19.47
C HIS B 433 -13.44 23.49 19.89
N LEU B 434 -14.67 23.54 19.36
CA LEU B 434 -15.63 24.57 19.80
C LEU B 434 -16.75 24.01 20.65
N ASP B 435 -17.28 22.86 20.30
CA ASP B 435 -18.49 22.40 20.94
C ASP B 435 -18.77 21.03 20.36
N ARG B 436 -19.64 20.29 21.04
CA ARG B 436 -20.21 19.06 20.50
C ARG B 436 -21.34 19.45 19.58
N THR B 437 -21.46 18.75 18.45
CA THR B 437 -22.47 19.10 17.47
C THR B 437 -23.85 19.30 18.10
N THR B 438 -24.17 18.53 19.15
CA THR B 438 -25.50 18.59 19.77
C THR B 438 -25.71 19.79 20.70
N ASP B 439 -24.65 20.39 21.23
CA ASP B 439 -24.79 21.42 22.27
C ASP B 439 -24.90 22.85 21.73
N ALA B 440 -24.81 23.04 20.42
CA ALA B 440 -24.78 24.40 19.88
C ALA B 440 -26.19 24.95 19.71
N ILE B 441 -26.35 26.24 20.00
CA ILE B 441 -27.63 26.90 20.03
C ILE B 441 -27.66 27.92 18.92
N ARG B 442 -28.69 27.82 18.07
CA ARG B 442 -28.95 28.80 16.99
C ARG B 442 -29.69 29.99 17.59
N THR B 443 -29.47 31.18 17.07
CA THR B 443 -30.02 32.44 17.56
C THR B 443 -30.22 33.39 16.39
N GLU B 444 -31.10 34.39 16.60
CA GLU B 444 -31.43 35.34 15.53
C GLU B 444 -30.22 36.13 15.06
N GLU B 445 -29.10 36.08 15.79
CA GLU B 445 -27.90 36.82 15.46
C GLU B 445 -26.70 35.93 15.12
N GLY B 446 -26.81 34.61 15.26
CA GLY B 446 -25.72 33.70 14.93
C GLY B 446 -25.81 32.39 15.70
N PHE B 447 -24.75 31.59 15.60
CA PHE B 447 -24.59 30.36 16.36
C PHE B 447 -23.73 30.60 17.60
N VAL B 448 -24.12 29.96 18.69
CA VAL B 448 -23.41 30.06 19.96
C VAL B 448 -22.93 28.69 20.34
N TYR B 449 -21.64 28.59 20.60
CA TYR B 449 -21.01 27.34 20.97
C TYR B 449 -20.83 27.27 22.48
N SER B 450 -21.51 26.31 23.12
CA SER B 450 -21.58 26.30 24.58
C SER B 450 -20.22 26.00 25.22
N ALA B 451 -19.41 25.11 24.65
CA ALA B 451 -18.14 24.79 25.30
C ALA B 451 -17.13 25.94 25.22
N TYR B 452 -17.14 26.66 24.11
CA TYR B 452 -16.28 27.82 23.96
C TYR B 452 -16.68 28.95 24.90
N THR B 453 -17.99 29.27 24.92
CA THR B 453 -18.52 30.30 25.80
C THR B 453 -18.26 29.98 27.27
N GLU B 454 -18.61 28.77 27.71
CA GLU B 454 -18.25 28.40 29.07
C GLU B 454 -16.78 28.71 29.31
N GLU B 455 -15.90 28.18 28.47
CA GLU B 455 -14.44 28.36 28.63
C GLU B 455 -14.09 29.83 28.77
N VAL B 456 -14.49 30.67 27.82
CA VAL B 456 -14.19 32.14 27.83
C VAL B 456 -14.50 32.68 29.21
N LEU B 457 -15.77 32.61 29.63
CA LEU B 457 -16.22 33.12 30.93
C LEU B 457 -15.30 32.61 32.04
N LEU B 458 -14.90 31.35 32.02
CA LEU B 458 -14.14 30.75 33.09
C LEU B 458 -12.64 31.07 33.02
N TYR B 461 -13.76 35.56 34.04
CA TYR B 461 -13.74 35.77 35.49
C TYR B 461 -13.27 34.55 36.26
N PRO B 462 -12.11 34.60 36.85
CA PRO B 462 -11.65 33.44 37.64
C PRO B 462 -12.49 33.09 38.86
N GLU B 463 -13.57 33.81 39.14
CA GLU B 463 -14.49 33.39 40.21
C GLU B 463 -15.46 32.32 39.74
N CYS B 467 -20.03 26.34 35.52
CA CYS B 467 -20.63 27.15 34.45
C CYS B 467 -21.30 26.28 33.36
N THR B 468 -22.36 26.82 32.72
CA THR B 468 -23.05 26.08 31.65
C THR B 468 -23.92 27.01 30.79
N VAL B 469 -23.57 27.16 29.51
CA VAL B 469 -24.33 28.02 28.59
C VAL B 469 -25.41 27.21 27.85
N VAL B 470 -26.68 27.52 28.12
CA VAL B 470 -27.82 26.80 27.56
C VAL B 470 -28.88 27.77 27.07
N GLY B 471 -29.95 27.21 26.50
CA GLY B 471 -31.01 28.00 25.90
C GLY B 471 -32.37 27.35 25.89
N GLY B 480 -31.13 24.07 17.05
CA GLY B 480 -29.90 23.28 17.01
C GLY B 480 -29.10 23.30 15.71
N TRP B 481 -27.91 22.68 15.73
CA TRP B 481 -27.04 22.69 14.55
C TRP B 481 -27.77 22.27 13.26
N GLU B 482 -28.68 21.29 13.36
CA GLU B 482 -29.48 20.80 12.25
C GLU B 482 -30.89 21.38 12.22
N ASP B 483 -31.42 21.75 13.39
CA ASP B 483 -32.76 22.28 13.53
C ASP B 483 -32.74 23.77 13.24
N GLU B 484 -33.52 24.20 12.25
CA GLU B 484 -33.43 25.63 11.86
C GLU B 484 -34.09 26.62 12.92
N GLY B 485 -34.51 26.19 14.10
CA GLY B 485 -35.17 27.08 15.04
C GLY B 485 -34.18 27.95 15.80
N VAL B 486 -34.58 29.22 16.02
CA VAL B 486 -33.76 30.21 16.70
C VAL B 486 -34.08 30.09 18.18
N ALA B 487 -33.21 30.59 19.03
CA ALA B 487 -33.42 30.40 20.46
C ALA B 487 -32.73 31.52 21.22
N THR B 488 -32.60 31.33 22.53
CA THR B 488 -31.96 32.31 23.42
C THR B 488 -31.07 31.60 24.43
N VAL B 489 -29.97 32.23 24.83
CA VAL B 489 -28.94 31.50 25.58
C VAL B 489 -28.73 32.20 26.92
N TYR B 490 -28.46 31.38 27.94
CA TYR B 490 -28.45 31.83 29.32
C TYR B 490 -27.33 31.14 30.08
N ALA B 491 -26.69 31.88 30.99
CA ALA B 491 -25.48 31.45 31.68
C ALA B 491 -25.78 31.08 33.12
N LEU B 492 -25.26 29.93 33.56
CA LEU B 492 -25.54 29.37 34.88
C LEU B 492 -24.25 29.12 35.63
N VAL B 493 -23.92 29.96 36.61
CA VAL B 493 -22.63 29.86 37.36
C VAL B 493 -22.87 29.26 38.74
N ASN B 494 -21.85 28.65 39.32
CA ASN B 494 -21.95 27.99 40.66
C ASN B 494 -21.08 28.77 41.65
N LEU B 495 -19.93 29.28 41.21
CA LEU B 495 -19.04 30.10 42.07
C LEU B 495 -18.81 29.39 43.40
N ASN B 510 -22.14 39.09 30.75
CA ASN B 510 -22.18 39.60 29.36
C ASN B 510 -21.13 40.71 29.22
N GLU B 511 -20.51 41.12 30.31
CA GLU B 511 -19.40 42.11 30.27
C GLU B 511 -18.14 41.34 29.94
N ALA B 512 -18.02 40.11 30.45
CA ALA B 512 -16.87 39.23 30.15
C ALA B 512 -16.99 38.80 28.69
N LEU B 513 -18.19 38.44 28.23
CA LEU B 513 -18.41 38.12 26.81
C LEU B 513 -17.90 39.25 25.91
N GLY B 514 -18.32 40.49 26.20
CA GLY B 514 -17.86 41.63 25.41
C GLY B 514 -16.35 41.81 25.45
N ARG B 515 -15.75 41.67 26.63
CA ARG B 515 -14.31 41.83 26.76
C ARG B 515 -13.57 40.87 25.82
N ALA B 516 -13.97 39.60 25.80
CA ALA B 516 -13.33 38.60 24.96
C ALA B 516 -13.79 38.66 23.51
N GLY B 517 -14.98 39.21 23.24
CA GLY B 517 -15.47 39.44 21.89
C GLY B 517 -16.72 38.69 21.44
N LEU B 518 -17.47 38.20 22.40
CA LEU B 518 -18.54 37.24 22.20
C LEU B 518 -19.92 37.87 22.34
N PRO B 519 -20.98 37.13 22.04
CA PRO B 519 -22.35 37.66 22.13
C PRO B 519 -23.02 37.52 23.49
N MET C 1 -8.74 32.53 -2.06
CA MET C 1 -9.82 31.54 -1.77
C MET C 1 -9.35 30.10 -1.96
N MET C 2 -10.04 29.14 -1.32
CA MET C 2 -9.74 27.72 -1.49
C MET C 2 -10.39 27.27 -2.79
N ILE C 3 -9.81 26.27 -3.43
CA ILE C 3 -10.51 25.79 -4.63
C ILE C 3 -11.87 25.17 -4.22
N SER C 4 -12.78 25.09 -5.20
CA SER C 4 -14.13 24.58 -4.96
C SER C 4 -14.15 23.10 -4.58
N GLU C 5 -15.29 22.68 -4.08
CA GLU C 5 -15.47 21.24 -3.96
C GLU C 5 -15.38 20.60 -5.32
N ASP C 6 -15.76 21.30 -6.36
CA ASP C 6 -15.84 20.63 -7.66
C ASP C 6 -14.45 20.36 -8.23
N LEU C 7 -13.56 21.31 -8.11
CA LEU C 7 -12.21 21.09 -8.63
C LEU C 7 -11.49 20.06 -7.78
N ARG C 8 -11.56 20.20 -6.44
CA ARG C 8 -10.97 19.24 -5.53
C ARG C 8 -11.34 17.82 -5.93
N GLN C 9 -12.64 17.56 -6.02
CA GLN C 9 -13.03 16.22 -6.35
C GLN C 9 -12.47 15.88 -7.73
N LYS C 10 -12.60 16.78 -8.68
CA LYS C 10 -12.16 16.48 -10.05
C LYS C 10 -10.67 16.13 -10.01
N VAL C 11 -9.85 16.92 -9.30
CA VAL C 11 -8.42 16.68 -9.26
C VAL C 11 -8.13 15.35 -8.59
N LEU C 12 -8.73 15.14 -7.41
CA LEU C 12 -8.47 13.95 -6.62
C LEU C 12 -9.01 12.69 -7.26
N ALA C 13 -9.83 12.80 -8.30
CA ALA C 13 -10.41 11.63 -9.00
C ALA C 13 -9.72 11.46 -10.33
N ASP C 14 -8.68 12.24 -10.60
CA ASP C 14 -7.88 12.12 -11.83
C ASP C 14 -6.65 11.30 -11.45
N ALA C 15 -6.76 10.00 -11.60
CA ALA C 15 -5.63 9.09 -11.32
C ALA C 15 -4.57 9.32 -12.38
N ALA C 16 -4.91 9.99 -13.49
CA ALA C 16 -3.91 10.29 -14.50
C ALA C 16 -3.12 11.57 -14.23
N LEU C 17 -3.57 12.46 -13.34
CA LEU C 17 -2.86 13.73 -13.17
C LEU C 17 -1.50 13.57 -12.50
N GLY C 18 -0.49 14.19 -13.11
CA GLY C 18 0.83 14.32 -12.53
C GLY C 18 1.56 15.40 -13.30
N ALA C 19 2.79 15.67 -12.86
CA ALA C 19 3.59 16.76 -13.43
C ALA C 19 3.72 16.73 -14.93
N GLY C 20 3.60 15.57 -15.52
CA GLY C 20 3.82 15.59 -16.95
C GLY C 20 2.62 15.86 -17.80
N ASN C 21 1.41 15.86 -17.25
CA ASN C 21 0.23 16.11 -18.06
C ASN C 21 -0.55 17.28 -17.40
N VAL C 22 0.09 18.32 -16.88
CA VAL C 22 -0.72 19.24 -16.05
C VAL C 22 -1.70 20.05 -16.88
N ILE C 23 -1.25 20.62 -18.01
CA ILE C 23 -2.10 21.47 -18.82
C ILE C 23 -3.04 20.64 -19.71
N HIS C 24 -2.68 19.41 -20.07
CA HIS C 24 -3.53 18.62 -20.96
C HIS C 24 -4.77 18.11 -20.26
N ARG C 25 -4.76 18.08 -18.91
CA ARG C 25 -5.89 17.66 -18.10
C ARG C 25 -6.83 18.82 -17.78
N LEU C 26 -6.27 20.02 -17.62
CA LEU C 26 -7.06 21.20 -17.22
C LEU C 26 -8.24 21.47 -18.14
N PRO C 27 -8.12 21.36 -19.45
CA PRO C 27 -9.33 21.37 -20.28
C PRO C 27 -10.38 20.38 -19.79
N LEU C 28 -10.00 19.15 -19.42
CA LEU C 28 -10.94 18.05 -19.06
C LEU C 28 -11.74 18.41 -17.81
N TYR C 29 -11.13 19.12 -16.85
CA TYR C 29 -11.81 19.54 -15.59
C TYR C 29 -12.84 20.60 -15.94
N GLY C 30 -12.77 21.20 -17.13
CA GLY C 30 -13.78 22.15 -17.62
C GLY C 30 -13.31 23.59 -17.72
N ARG C 31 -12.01 23.84 -17.80
CA ARG C 31 -11.49 25.22 -17.92
C ARG C 31 -11.69 25.69 -19.35
N SER C 32 -11.81 27.00 -19.57
CA SER C 32 -11.91 27.59 -20.92
C SER C 32 -10.52 27.84 -21.46
N LEU C 33 -10.31 27.56 -22.73
CA LEU C 33 -9.00 27.77 -23.38
C LEU C 33 -8.83 29.27 -23.60
N ASP C 34 -9.84 30.08 -23.26
CA ASP C 34 -9.77 31.55 -23.38
C ASP C 34 -9.30 32.15 -22.07
N GLU C 35 -9.44 31.43 -20.96
CA GLU C 35 -9.01 31.92 -19.66
C GLU C 35 -7.54 32.34 -19.72
N GLU C 36 -7.22 33.42 -19.03
CA GLU C 36 -5.84 33.80 -18.82
C GLU C 36 -5.33 32.99 -17.65
N VAL C 37 -4.13 32.42 -17.77
CA VAL C 37 -3.64 31.49 -16.76
C VAL C 37 -2.22 31.79 -16.31
N LEU C 38 -1.39 32.31 -17.19
CA LEU C 38 0.02 32.50 -16.89
C LEU C 38 0.44 33.89 -17.34
N TRP C 39 0.95 34.69 -16.41
CA TRP C 39 1.31 36.09 -16.59
C TRP C 39 2.81 36.14 -16.77
N LEU C 40 3.28 36.81 -17.83
CA LEU C 40 4.73 36.90 -18.12
C LEU C 40 5.29 38.31 -17.91
N ASP C 41 6.62 38.35 -17.69
CA ASP C 41 7.36 39.56 -17.34
C ASP C 41 7.83 40.35 -18.55
N GLY C 42 7.75 39.76 -19.75
CA GLY C 42 8.06 40.46 -21.01
C GLY C 42 9.34 39.99 -21.63
N THR C 43 10.18 39.27 -20.89
CA THR C 43 11.52 38.84 -21.35
C THR C 43 11.42 37.65 -22.28
N TRP C 44 10.22 37.11 -22.52
CA TRP C 44 10.07 35.87 -23.32
C TRP C 44 9.61 36.14 -24.74
N ARG C 45 10.30 35.57 -25.73
CA ARG C 45 9.93 35.70 -27.14
C ARG C 45 9.13 34.49 -27.62
N ALA C 46 7.97 34.73 -28.19
CA ALA C 46 7.04 33.79 -28.68
C ALA C 46 7.53 33.33 -30.04
N PRO C 47 6.95 32.25 -30.55
CA PRO C 47 7.47 31.70 -31.81
C PRO C 47 7.30 32.67 -32.96
N ASP C 48 6.14 33.35 -33.03
CA ASP C 48 5.81 34.37 -34.02
C ASP C 48 6.69 35.63 -33.94
N GLY C 49 7.53 35.75 -32.90
CA GLY C 49 8.36 36.91 -32.72
C GLY C 49 7.86 37.88 -31.69
N SER C 50 6.68 37.61 -31.11
CA SER C 50 6.00 38.40 -30.10
C SER C 50 6.63 38.27 -28.70
N ARG C 51 6.30 39.20 -27.81
CA ARG C 51 6.70 39.10 -26.40
C ARG C 51 5.46 39.23 -25.55
N PRO C 52 4.62 38.17 -25.46
CA PRO C 52 3.30 38.30 -24.81
C PRO C 52 3.38 38.73 -23.36
N GLU C 53 2.32 39.38 -22.89
CA GLU C 53 2.30 39.84 -21.50
C GLU C 53 1.48 38.93 -20.60
N VAL C 54 0.61 38.11 -21.20
CA VAL C 54 -0.19 37.10 -20.51
C VAL C 54 -0.46 36.01 -21.55
N LEU C 55 -0.54 34.76 -21.10
CA LEU C 55 -0.90 33.67 -22.00
C LEU C 55 -2.18 33.01 -21.54
N THR C 56 -3.01 32.58 -22.49
CA THR C 56 -4.21 31.82 -22.11
C THR C 56 -3.88 30.31 -22.10
N LEU C 57 -4.85 29.51 -21.60
CA LEU C 57 -4.67 28.05 -21.55
C LEU C 57 -4.40 27.53 -22.95
N GLY C 58 -5.25 27.92 -23.91
CA GLY C 58 -5.03 27.50 -25.28
C GLY C 58 -3.78 28.12 -25.88
N GLY C 59 -3.50 29.37 -25.51
CA GLY C 59 -2.28 29.98 -25.99
C GLY C 59 -1.08 29.27 -25.41
N LEU C 60 -1.19 28.83 -24.16
CA LEU C 60 -0.12 28.01 -23.61
C LEU C 60 -0.02 26.69 -24.35
N HIS C 61 -1.16 26.11 -24.67
CA HIS C 61 -1.25 24.80 -25.36
C HIS C 61 -0.72 24.90 -26.80
N GLU C 62 -0.77 26.08 -27.43
CA GLU C 62 -0.27 26.29 -28.81
C GLU C 62 1.22 26.58 -28.76
N VAL C 63 1.65 27.46 -27.88
CA VAL C 63 3.11 27.75 -27.69
C VAL C 63 3.77 26.45 -27.27
N VAL C 64 3.07 25.63 -26.49
CA VAL C 64 3.64 24.35 -25.99
C VAL C 64 3.66 23.39 -27.18
N ALA C 65 2.57 23.27 -27.92
CA ALA C 65 2.50 22.36 -29.07
C ALA C 65 3.55 22.72 -30.11
N GLU C 66 3.95 24.00 -30.15
CA GLU C 66 4.98 24.45 -31.08
C GLU C 66 6.34 23.86 -30.74
N TYR C 67 6.84 24.13 -29.53
CA TYR C 67 8.12 23.56 -29.12
C TYR C 67 8.11 22.05 -29.23
N ALA C 68 6.95 21.45 -28.96
CA ALA C 68 6.83 20.01 -29.04
C ALA C 68 7.19 19.50 -30.43
N GLY C 69 6.55 20.07 -31.46
CA GLY C 69 6.87 19.66 -32.83
C GLY C 69 8.29 20.00 -33.25
N PHE C 70 8.75 21.20 -32.93
CA PHE C 70 10.13 21.46 -33.26
C PHE C 70 11.02 20.39 -32.66
N TYR C 71 10.76 20.02 -31.38
CA TYR C 71 11.54 18.96 -30.72
C TYR C 71 11.29 17.60 -31.38
N THR C 72 10.00 17.25 -31.58
CA THR C 72 9.64 15.98 -32.24
C THR C 72 10.23 15.85 -33.64
N ARG C 73 10.43 16.99 -34.31
CA ARG C 73 11.02 16.97 -35.66
C ARG C 73 12.53 16.88 -35.59
N ALA C 74 13.12 17.57 -34.63
CA ALA C 74 14.55 17.54 -34.46
C ALA C 74 15.08 16.18 -34.11
N GLY C 75 14.23 15.21 -33.82
CA GLY C 75 14.69 13.87 -33.51
C GLY C 75 14.55 13.39 -32.07
N VAL C 76 13.87 14.15 -31.20
CA VAL C 76 13.65 13.77 -29.81
C VAL C 76 12.53 12.73 -29.70
N ARG C 77 12.82 11.61 -29.07
CA ARG C 77 11.85 10.53 -28.88
C ARG C 77 11.53 10.42 -27.40
N ALA C 78 10.60 9.53 -27.04
CA ALA C 78 10.25 9.40 -25.63
C ALA C 78 11.41 8.84 -24.82
N LYS C 79 11.37 9.16 -23.51
CA LYS C 79 12.38 8.90 -22.49
C LYS C 79 13.73 9.54 -22.84
N ASP C 80 13.76 10.45 -23.81
CA ASP C 80 14.97 11.13 -24.24
C ASP C 80 15.12 12.45 -23.46
N ALA C 81 16.36 12.75 -23.02
CA ALA C 81 16.67 13.93 -22.19
C ALA C 81 17.20 15.11 -22.97
N VAL C 82 16.72 16.30 -22.60
CA VAL C 82 17.14 17.54 -23.26
C VAL C 82 17.61 18.53 -22.20
N ALA C 83 18.87 18.95 -22.31
CA ALA C 83 19.41 19.96 -21.42
C ALA C 83 18.86 21.30 -21.91
N ILE C 84 18.18 22.02 -21.02
CA ILE C 84 17.68 23.35 -21.26
C ILE C 84 18.53 24.30 -20.43
N VAL C 85 19.26 25.17 -21.12
CA VAL C 85 20.25 26.06 -20.49
C VAL C 85 19.82 27.51 -20.66
N SER C 86 19.39 28.11 -19.56
CA SER C 86 18.78 29.42 -19.57
C SER C 86 18.83 29.99 -18.16
N THR C 87 18.03 31.04 -17.94
CA THR C 87 17.91 31.61 -16.61
C THR C 87 16.48 32.06 -16.34
N SER C 88 15.51 31.60 -17.13
CA SER C 88 14.16 32.15 -17.14
C SER C 88 13.18 31.09 -16.70
N ILE C 89 12.48 31.34 -15.58
CA ILE C 89 11.43 30.43 -15.13
C ILE C 89 10.48 30.13 -16.28
N THR C 90 10.25 31.13 -17.14
CA THR C 90 9.35 30.95 -18.28
C THR C 90 9.97 30.01 -19.29
N ASP C 91 11.28 30.16 -19.51
CA ASP C 91 11.99 29.29 -20.43
C ASP C 91 11.85 27.84 -20.00
N PHE C 92 12.27 27.56 -18.78
CA PHE C 92 12.23 26.18 -18.30
C PHE C 92 10.81 25.62 -18.29
N ALA C 93 9.83 26.41 -17.86
CA ALA C 93 8.47 25.87 -17.74
C ALA C 93 7.89 25.48 -19.10
N LEU C 94 8.06 26.34 -20.12
CA LEU C 94 7.46 26.08 -21.42
C LEU C 94 8.07 24.87 -22.08
N ASN C 95 9.39 24.71 -21.96
CA ASN C 95 10.10 23.58 -22.52
C ASN C 95 9.74 22.27 -21.80
N LEU C 96 9.55 22.33 -20.47
CA LEU C 96 9.11 21.17 -19.72
C LEU C 96 7.66 20.80 -20.08
N MET C 97 6.74 21.77 -20.16
CA MET C 97 5.39 21.40 -20.56
C MET C 97 5.39 20.73 -21.92
N ALA C 98 6.28 21.15 -22.81
CA ALA C 98 6.34 20.61 -24.16
C ALA C 98 6.96 19.22 -24.19
N LEU C 99 8.22 19.14 -23.77
CA LEU C 99 8.95 17.84 -23.80
C LEU C 99 8.05 16.80 -23.13
N THR C 100 7.43 17.10 -21.98
CA THR C 100 6.59 16.15 -21.23
C THR C 100 5.56 15.49 -22.15
N GLY C 101 4.87 16.24 -22.99
CA GLY C 101 3.88 15.70 -23.92
C GLY C 101 4.52 14.89 -25.04
N ILE C 102 5.80 15.12 -25.33
CA ILE C 102 6.55 14.32 -26.33
C ILE C 102 7.12 13.12 -25.56
N GLY C 103 7.02 13.12 -24.22
CA GLY C 103 7.47 12.01 -23.38
C GLY C 103 8.93 12.14 -23.03
N ALA C 104 9.53 13.30 -23.27
CA ALA C 104 10.96 13.47 -23.09
C ALA C 104 11.22 14.18 -21.77
N ILE C 105 12.49 14.18 -21.37
CA ILE C 105 12.91 14.68 -20.05
C ILE C 105 13.53 16.04 -20.27
N ALA C 106 13.04 17.03 -19.51
CA ALA C 106 13.50 18.42 -19.59
C ALA C 106 14.55 18.55 -18.51
N SER C 107 15.83 18.50 -18.89
CA SER C 107 16.93 18.55 -17.92
C SER C 107 17.33 20.00 -17.68
N LEU C 108 16.85 20.58 -16.60
CA LEU C 108 16.99 22.00 -16.32
C LEU C 108 18.39 22.32 -15.87
N VAL C 109 19.07 23.21 -16.61
CA VAL C 109 20.44 23.60 -16.30
C VAL C 109 20.52 25.12 -16.24
N ASN C 110 20.94 25.64 -15.09
CA ASN C 110 21.16 27.08 -14.92
C ASN C 110 22.40 27.51 -15.70
N ALA C 111 22.19 28.41 -16.68
CA ALA C 111 23.28 28.83 -17.56
C ALA C 111 24.44 29.47 -16.80
N ASN C 112 24.16 30.14 -15.70
CA ASN C 112 25.24 30.76 -14.95
C ASN C 112 26.09 29.74 -14.18
N MET C 113 25.77 28.46 -14.23
CA MET C 113 26.63 27.50 -13.58
C MET C 113 28.06 27.78 -14.04
N PRO C 114 29.06 27.81 -13.11
CA PRO C 114 30.46 27.94 -13.53
C PRO C 114 30.71 27.16 -14.80
N ALA C 115 31.46 27.78 -15.71
CA ALA C 115 31.48 27.30 -17.07
C ALA C 115 32.00 25.86 -17.25
N GLU C 116 33.29 25.62 -16.93
CA GLU C 116 33.95 24.32 -17.19
C GLU C 116 33.21 23.22 -16.45
N THR C 117 32.63 23.55 -15.32
CA THR C 117 31.77 22.62 -14.56
C THR C 117 30.36 22.33 -15.20
N ARG C 118 29.70 23.37 -15.72
CA ARG C 118 28.40 23.19 -16.42
C ARG C 118 28.67 22.33 -17.65
N ARG C 119 29.91 22.30 -18.10
CA ARG C 119 30.31 21.46 -19.24
C ARG C 119 30.34 20.03 -18.76
N GLU C 120 30.97 19.77 -17.61
CA GLU C 120 31.10 18.40 -17.12
C GLU C 120 29.74 17.92 -16.64
N TYR C 121 28.89 18.81 -16.13
CA TYR C 121 27.55 18.39 -15.73
C TYR C 121 26.70 18.00 -16.93
N ILE C 122 26.73 18.77 -18.01
CA ILE C 122 25.87 18.40 -19.13
C ILE C 122 26.41 17.15 -19.85
N ARG C 123 27.73 17.07 -19.92
CA ARG C 123 28.36 15.94 -20.62
C ARG C 123 28.05 14.64 -19.88
N ARG C 124 28.05 14.63 -18.55
CA ARG C 124 27.68 13.40 -17.84
C ARG C 124 26.26 12.92 -18.19
N GLN C 125 25.32 13.85 -18.42
CA GLN C 125 23.91 13.48 -18.56
C GLN C 125 23.58 12.71 -19.84
N ARG C 126 24.44 12.81 -20.87
CA ARG C 126 24.26 12.19 -22.19
C ARG C 126 22.91 12.55 -22.80
N VAL C 127 22.73 13.84 -23.13
CA VAL C 127 21.45 14.29 -23.65
C VAL C 127 21.42 14.17 -25.17
N VAL C 128 20.20 14.05 -25.69
CA VAL C 128 20.07 13.92 -27.14
C VAL C 128 20.14 15.25 -27.86
N GLY C 129 20.02 16.37 -27.15
CA GLY C 129 19.94 17.70 -27.73
C GLY C 129 19.98 18.78 -26.68
N ILE C 130 20.57 19.92 -27.00
CA ILE C 130 20.62 21.07 -26.10
C ILE C 130 19.73 22.17 -26.68
N MET C 131 19.11 22.93 -25.79
CA MET C 131 18.31 24.07 -26.22
C MET C 131 18.67 25.23 -25.32
N THR C 132 18.95 26.38 -25.90
CA THR C 132 19.39 27.54 -25.16
C THR C 132 18.94 28.77 -25.94
N ARG C 133 19.52 29.91 -25.58
CA ARG C 133 19.27 31.19 -26.22
C ARG C 133 20.61 31.85 -26.50
N GLU C 134 20.56 32.95 -27.26
CA GLU C 134 21.78 33.56 -27.79
C GLU C 134 22.83 33.92 -26.74
N PRO C 135 22.46 34.35 -25.54
CA PRO C 135 23.50 34.75 -24.57
C PRO C 135 24.52 33.68 -24.24
N TRP C 136 24.18 32.38 -24.29
CA TRP C 136 25.11 31.30 -23.94
C TRP C 136 25.33 30.27 -25.05
N HIS C 137 24.59 30.37 -26.16
CA HIS C 137 24.57 29.30 -27.16
C HIS C 137 25.94 29.07 -27.78
N ALA C 138 26.67 30.14 -28.09
CA ALA C 138 27.95 30.03 -28.80
C ALA C 138 28.91 29.09 -28.07
N ASP C 139 28.87 29.09 -26.72
CA ASP C 139 29.69 28.18 -25.94
C ASP C 139 29.12 26.78 -25.93
N LEU C 140 27.78 26.66 -25.93
CA LEU C 140 27.14 25.33 -25.84
C LEU C 140 27.34 24.49 -27.11
N LEU C 141 27.74 25.11 -28.23
CA LEU C 141 28.05 24.34 -29.43
C LEU C 141 29.32 23.53 -29.27
N ALA C 142 30.07 23.78 -28.22
CA ALA C 142 31.20 22.92 -27.92
C ALA C 142 30.75 21.50 -27.58
N HIS C 143 29.60 21.34 -26.95
CA HIS C 143 29.14 20.00 -26.60
C HIS C 143 28.96 19.11 -27.81
N LEU C 144 29.01 19.67 -29.03
CA LEU C 144 28.95 18.87 -30.24
C LEU C 144 30.23 18.08 -30.50
N ASP C 145 31.31 18.42 -29.79
CA ASP C 145 32.55 17.66 -29.88
C ASP C 145 32.76 16.70 -28.71
N ASP C 146 31.72 16.41 -27.93
CA ASP C 146 31.82 15.41 -26.88
C ASP C 146 31.73 13.99 -27.43
N ASP C 147 32.34 13.06 -26.67
CA ASP C 147 32.38 11.64 -27.08
C ASP C 147 31.02 11.08 -27.53
N GLU C 148 29.99 11.27 -26.70
CA GLU C 148 28.59 10.93 -27.05
C GLU C 148 27.89 12.27 -27.23
N PRO C 149 27.84 12.86 -28.44
CA PRO C 149 27.32 14.21 -28.62
C PRO C 149 25.81 14.45 -28.71
N PRO C 150 25.35 15.70 -28.49
CA PRO C 150 23.94 16.03 -28.61
C PRO C 150 23.53 16.04 -30.07
N LEU C 151 22.33 15.60 -30.43
CA LEU C 151 21.90 15.73 -31.82
C LEU C 151 21.94 17.18 -32.27
N PHE C 152 21.61 18.10 -31.37
CA PHE C 152 21.42 19.49 -31.73
C PHE C 152 21.71 20.31 -30.49
N VAL C 153 22.48 21.37 -30.67
CA VAL C 153 22.58 22.46 -29.71
C VAL C 153 21.83 23.61 -30.36
N ALA C 154 20.57 23.76 -30.04
CA ALA C 154 19.74 24.64 -30.85
C ALA C 154 19.41 25.91 -30.08
N LEU C 155 18.79 26.85 -30.79
CA LEU C 155 18.36 28.10 -30.20
C LEU C 155 16.83 28.19 -30.21
N GLN C 156 16.29 28.96 -29.27
CA GLN C 156 14.84 29.00 -29.14
C GLN C 156 14.19 29.73 -30.31
N SER C 157 14.91 30.67 -30.97
CA SER C 157 14.35 31.30 -32.17
C SER C 157 14.11 30.27 -33.27
N GLU C 158 14.70 29.07 -33.21
CA GLU C 158 14.49 28.04 -34.24
C GLU C 158 13.09 27.44 -34.16
N VAL C 159 12.40 27.68 -33.06
CA VAL C 159 11.02 27.24 -32.93
C VAL C 159 10.17 28.41 -33.41
N GLU C 160 9.58 28.22 -34.61
CA GLU C 160 8.88 29.17 -35.47
C GLU C 160 7.41 28.76 -35.62
N PRO C 161 6.52 29.73 -35.83
CA PRO C 161 5.12 29.38 -36.04
C PRO C 161 4.98 28.26 -37.05
N GLY C 162 4.11 27.29 -36.71
CA GLY C 162 3.84 26.13 -37.54
C GLY C 162 4.62 24.88 -37.21
N ASN C 163 5.64 24.94 -36.33
CA ASN C 163 6.33 23.69 -35.98
C ASN C 163 5.38 22.69 -35.29
N ARG C 164 4.25 23.17 -34.76
CA ARG C 164 3.33 22.31 -34.03
C ARG C 164 2.78 21.17 -34.87
N GLU C 165 2.75 21.32 -36.19
CA GLU C 165 2.25 20.24 -37.03
C GLU C 165 3.08 18.96 -36.89
N HIS C 166 4.36 19.08 -36.57
CA HIS C 166 5.28 17.95 -36.49
C HIS C 166 5.13 17.17 -35.21
N ARG C 167 4.35 17.67 -34.26
CA ARG C 167 4.08 16.92 -33.04
C ARG C 167 3.56 15.53 -33.42
N PRO C 168 3.75 14.54 -32.55
CA PRO C 168 3.27 13.19 -32.83
C PRO C 168 1.75 13.10 -32.87
N ALA C 169 1.26 12.00 -33.45
CA ALA C 169 -0.20 11.83 -33.53
C ALA C 169 -0.81 11.49 -32.16
N ALA C 170 -0.12 10.64 -31.40
CA ALA C 170 -0.52 10.32 -30.02
C ALA C 170 0.06 11.40 -29.09
N TYR C 171 -0.56 12.60 -29.17
CA TYR C 171 -0.19 13.76 -28.33
C TYR C 171 -1.43 14.38 -27.68
N PRO C 172 -1.43 14.54 -26.35
CA PRO C 172 -0.28 14.37 -25.45
C PRO C 172 -0.03 12.91 -25.06
N PHE C 173 1.23 12.72 -24.66
CA PHE C 173 1.79 11.50 -24.12
C PHE C 173 0.98 11.07 -22.91
N ARG C 174 0.90 9.77 -22.70
CA ARG C 174 0.26 9.20 -21.51
C ARG C 174 1.38 8.81 -20.56
N HIS C 175 1.54 9.58 -19.49
CA HIS C 175 2.61 9.33 -18.54
C HIS C 175 2.25 8.15 -17.67
N ALA C 176 3.32 7.31 -17.31
CA ALA C 176 3.18 6.34 -16.24
C ALA C 176 3.74 6.95 -14.95
N PRO C 177 3.24 6.54 -13.78
CA PRO C 177 3.66 7.21 -12.55
C PRO C 177 5.13 7.44 -12.47
N GLY C 178 5.93 6.45 -12.89
CA GLY C 178 7.36 6.48 -12.77
C GLY C 178 8.13 7.03 -13.92
N ASP C 179 7.44 7.56 -14.97
CA ASP C 179 8.15 8.03 -16.15
C ASP C 179 8.82 9.36 -15.85
N PRO C 180 10.12 9.52 -16.13
CA PRO C 180 10.80 10.79 -15.81
C PRO C 180 10.23 11.98 -16.57
N ILE C 181 10.13 13.12 -15.89
CA ILE C 181 9.80 14.40 -16.52
C ILE C 181 10.87 15.48 -16.35
N LEU C 182 11.81 15.36 -15.42
CA LEU C 182 12.67 16.50 -15.15
C LEU C 182 13.97 16.05 -14.57
N ILE C 183 15.04 16.80 -14.86
CA ILE C 183 16.31 16.68 -14.15
C ILE C 183 16.75 18.08 -13.72
N SER C 184 16.89 18.28 -12.42
CA SER C 184 17.35 19.52 -11.84
C SER C 184 18.66 19.23 -11.10
N HIS C 185 19.33 20.29 -10.65
CA HIS C 185 20.65 20.12 -10.09
C HIS C 185 20.82 20.92 -8.81
N SER C 186 21.80 20.51 -8.01
CA SER C 186 22.06 21.09 -6.70
C SER C 186 22.72 22.44 -6.94
N SER C 187 23.23 23.09 -5.88
CA SER C 187 23.84 24.41 -6.02
C SER C 187 25.26 24.45 -5.49
N THR C 190 28.76 22.95 -3.29
CA THR C 190 29.74 22.33 -2.39
C THR C 190 30.46 21.24 -3.15
N GLY C 191 30.48 21.36 -4.49
CA GLY C 191 31.09 20.36 -5.35
C GLY C 191 30.33 20.18 -6.64
N ILE C 192 30.80 19.31 -7.54
CA ILE C 192 30.10 19.08 -8.80
C ILE C 192 28.62 18.89 -8.47
N PRO C 193 27.73 19.73 -8.99
CA PRO C 193 26.31 19.60 -8.63
C PRO C 193 25.81 18.19 -8.89
N LYS C 194 24.84 17.77 -8.09
CA LYS C 194 24.23 16.47 -8.25
C LYS C 194 23.02 16.68 -9.15
N SER C 195 22.81 15.77 -10.07
CA SER C 195 21.71 15.89 -11.02
C SER C 195 20.65 14.90 -10.56
N ALA C 196 19.51 15.40 -10.10
CA ALA C 196 18.43 14.55 -9.62
C ALA C 196 17.26 14.54 -10.59
N PHE C 197 16.75 13.37 -10.93
CA PHE C 197 15.64 13.27 -11.88
C PHE C 197 14.32 13.11 -11.09
N HIS C 198 13.24 13.65 -11.64
CA HIS C 198 11.93 13.63 -11.00
C HIS C 198 10.88 13.08 -11.94
N THR C 199 9.84 12.47 -11.38
CA THR C 199 8.90 11.73 -12.22
C THR C 199 7.51 12.41 -12.25
N HIS C 200 6.60 11.83 -13.00
CA HIS C 200 5.23 12.37 -13.15
C HIS C 200 4.49 12.28 -11.81
N GLU C 201 4.94 11.44 -10.87
CA GLU C 201 4.24 11.24 -9.57
C GLU C 201 5.00 11.92 -8.43
N THR C 202 6.31 11.78 -8.37
CA THR C 202 7.11 12.33 -7.24
C THR C 202 7.05 13.85 -7.25
N LEU C 203 7.16 14.47 -8.41
CA LEU C 203 7.21 15.93 -8.44
C LEU C 203 5.90 16.54 -7.98
N PHE C 204 4.81 15.82 -8.13
CA PHE C 204 3.50 16.33 -7.75
C PHE C 204 2.90 15.60 -6.54
N HIS C 205 3.65 14.67 -5.91
CA HIS C 205 3.12 13.91 -4.78
C HIS C 205 2.83 14.76 -3.54
N GLY C 206 3.77 15.60 -3.12
CA GLY C 206 3.47 16.46 -1.99
C GLY C 206 2.27 17.35 -2.26
N ALA C 207 2.29 18.04 -3.41
CA ALA C 207 1.21 18.99 -3.72
C ALA C 207 -0.13 18.35 -3.47
N LEU C 208 -0.40 17.26 -4.20
CA LEU C 208 -1.72 16.66 -4.16
C LEU C 208 -2.02 16.11 -2.77
N SER C 209 -1.00 15.58 -2.08
CA SER C 209 -1.17 15.11 -0.71
C SER C 209 -1.70 16.24 0.19
N ARG C 210 -1.17 17.45 0.02
CA ARG C 210 -1.65 18.61 0.75
C ARG C 210 -3.06 19.00 0.31
N LEU C 211 -3.29 19.06 -0.99
CA LEU C 211 -4.63 19.36 -1.45
C LEU C 211 -5.61 18.43 -0.76
N ALA C 212 -5.25 17.15 -0.70
CA ALA C 212 -6.10 16.12 -0.09
C ALA C 212 -6.42 16.44 1.36
N ASP C 213 -5.42 16.91 2.11
CA ASP C 213 -5.68 17.34 3.48
C ASP C 213 -6.41 18.67 3.53
N GLY C 214 -6.49 19.39 2.42
CA GLY C 214 -7.20 20.68 2.34
C GLY C 214 -6.23 21.83 2.42
N LEU C 215 -4.96 21.59 2.14
CA LEU C 215 -3.91 22.62 2.29
C LEU C 215 -3.34 22.95 0.92
N ASP C 216 -2.55 24.01 0.83
CA ASP C 216 -1.89 24.40 -0.43
C ASP C 216 -2.86 24.18 -1.58
N CYS C 217 -4.05 24.77 -1.50
CA CYS C 217 -5.10 24.66 -2.55
C CYS C 217 -5.88 25.98 -2.62
N SER C 218 -5.22 27.10 -2.94
CA SER C 218 -5.82 28.41 -3.11
C SER C 218 -5.94 28.77 -4.57
N THR C 219 -6.83 29.72 -4.83
CA THR C 219 -6.95 30.39 -6.12
C THR C 219 -6.17 31.69 -6.13
N ARG C 220 -5.48 32.02 -5.04
CA ARG C 220 -4.86 33.32 -4.88
C ARG C 220 -3.80 33.57 -5.94
N LYS C 221 -3.63 34.83 -6.33
CA LYS C 221 -2.62 35.15 -7.31
C LYS C 221 -1.25 35.01 -6.67
N ARG C 222 -0.34 34.33 -7.34
CA ARG C 222 1.00 34.09 -6.81
C ARG C 222 2.05 34.60 -7.80
N LEU C 223 3.10 35.24 -7.28
CA LEU C 223 4.22 35.75 -8.08
C LEU C 223 5.47 34.89 -7.90
N LEU C 224 5.89 34.19 -8.96
CA LEU C 224 7.03 33.28 -8.92
C LEU C 224 8.31 33.95 -9.44
N ALA C 225 9.07 34.48 -8.50
CA ALA C 225 10.41 35.00 -8.72
C ALA C 225 11.47 34.04 -8.17
N LEU C 226 11.27 32.76 -8.41
CA LEU C 226 12.22 31.75 -7.98
C LEU C 226 13.29 31.55 -9.03
N PRO C 227 14.37 30.87 -8.66
CA PRO C 227 15.33 30.40 -9.66
C PRO C 227 14.62 29.56 -10.71
N GLY C 228 14.82 29.90 -11.98
CA GLY C 228 14.02 29.32 -13.04
C GLY C 228 14.29 27.85 -13.26
N HIS C 229 15.47 27.39 -12.88
CA HIS C 229 15.90 26.03 -13.08
C HIS C 229 15.54 25.11 -11.93
N HIS C 230 15.03 25.64 -10.83
CA HIS C 230 14.83 24.89 -9.60
C HIS C 230 13.51 24.13 -9.62
N VAL C 231 13.51 22.97 -8.97
CA VAL C 231 12.33 22.08 -8.89
C VAL C 231 11.14 22.87 -8.40
N SER C 232 11.34 23.81 -7.49
CA SER C 232 10.27 24.66 -6.91
C SER C 232 9.59 25.41 -8.03
N ALA C 233 10.35 26.11 -8.85
CA ALA C 233 9.73 26.96 -9.84
C ALA C 233 8.82 26.17 -10.75
N MET C 234 9.10 24.89 -10.94
CA MET C 234 8.20 24.10 -11.78
C MET C 234 6.95 23.63 -11.01
N SER C 235 7.11 23.21 -9.75
CA SER C 235 5.93 22.68 -9.07
C SER C 235 4.89 23.76 -8.84
N ASN C 236 5.32 24.94 -8.39
CA ASN C 236 4.35 26.01 -8.16
C ASN C 236 3.70 26.50 -9.46
N THR C 237 4.43 26.51 -10.57
CA THR C 237 3.83 26.83 -11.85
C THR C 237 2.73 25.81 -12.19
N LEU C 238 3.10 24.51 -12.24
CA LEU C 238 2.12 23.45 -12.49
C LEU C 238 1.02 23.48 -11.46
N LEU C 239 1.38 23.72 -10.20
CA LEU C 239 0.38 23.78 -9.15
C LEU C 239 -0.57 24.97 -9.37
N GLY C 240 -0.01 26.15 -9.64
CA GLY C 240 -0.87 27.30 -9.86
C GLY C 240 -1.83 27.04 -11.00
N LEU C 241 -1.29 26.52 -12.11
CA LEU C 241 -2.17 26.24 -13.24
C LEU C 241 -3.26 25.24 -12.86
N THR C 242 -2.93 24.28 -11.97
CA THR C 242 -3.88 23.21 -11.63
C THR C 242 -5.00 23.73 -10.74
N LEU C 243 -4.67 24.56 -9.76
CA LEU C 243 -5.68 25.13 -8.90
C LEU C 243 -6.53 26.20 -9.60
N GLY C 244 -6.04 26.78 -10.69
CA GLY C 244 -6.67 27.97 -11.23
C GLY C 244 -6.13 29.27 -10.68
N ALA C 245 -5.00 29.27 -10.13
CA ALA C 245 -4.52 30.53 -9.57
C ALA C 245 -3.69 31.29 -10.60
N PRO C 246 -3.96 32.58 -10.81
CA PRO C 246 -3.07 33.33 -11.70
C PRO C 246 -1.61 33.23 -11.23
N VAL C 247 -0.79 32.66 -12.10
CA VAL C 247 0.63 32.53 -11.86
C VAL C 247 1.29 33.68 -12.60
N VAL C 248 2.38 34.21 -12.03
CA VAL C 248 3.08 35.32 -12.65
C VAL C 248 4.57 35.06 -12.51
N HIS C 249 5.29 35.04 -13.63
CA HIS C 249 6.72 34.80 -13.66
C HIS C 249 7.51 36.09 -13.66
N TYR C 250 8.41 36.26 -12.70
CA TYR C 250 9.35 37.37 -12.67
C TYR C 250 10.70 36.71 -12.74
N THR C 251 11.43 36.97 -13.81
CA THR C 251 12.80 36.50 -14.01
C THR C 251 13.84 37.34 -13.26
N ASP C 252 13.46 38.50 -12.73
CA ASP C 252 14.37 39.37 -11.99
C ASP C 252 14.29 39.05 -10.50
N PRO C 253 15.35 38.48 -9.91
CA PRO C 253 15.31 38.18 -8.47
C PRO C 253 15.62 39.36 -7.55
N SER C 254 15.81 40.56 -8.09
CA SER C 254 16.16 41.71 -7.26
C SER C 254 15.00 42.16 -6.35
N GLY C 255 15.33 42.50 -5.11
CA GLY C 255 14.29 42.90 -4.14
C GLY C 255 13.50 44.05 -4.71
N LYS C 256 14.13 44.85 -5.56
CA LYS C 256 13.48 46.05 -6.14
C LYS C 256 12.56 45.64 -7.29
N ALA C 257 12.93 44.64 -8.08
CA ALA C 257 12.15 44.19 -9.25
C ALA C 257 10.85 43.54 -8.78
N VAL C 258 10.87 42.78 -7.68
CA VAL C 258 9.70 42.14 -7.10
C VAL C 258 8.79 43.18 -6.45
N LEU C 259 9.38 44.20 -5.79
CA LEU C 259 8.58 45.29 -5.26
C LEU C 259 7.83 45.98 -6.40
N ASP C 260 8.46 46.07 -7.55
CA ASP C 260 7.73 46.51 -8.73
C ASP C 260 6.70 45.48 -9.14
N GLY C 261 7.08 44.20 -9.13
CA GLY C 261 6.11 43.15 -9.45
C GLY C 261 4.96 43.07 -8.46
N ILE C 262 5.20 43.27 -7.16
CA ILE C 262 4.15 43.15 -6.11
C ILE C 262 3.25 44.38 -6.21
N GLU C 263 3.73 45.45 -6.82
CA GLU C 263 2.99 46.72 -6.96
C GLU C 263 2.22 46.71 -8.26
N LYS C 264 2.82 46.20 -9.33
CA LYS C 264 2.21 46.14 -10.67
C LYS C 264 1.13 45.07 -10.70
N HIS C 265 1.41 43.88 -10.17
CA HIS C 265 0.47 42.76 -10.29
C HIS C 265 -0.38 42.57 -9.04
N ARG C 266 -0.01 43.25 -7.94
CA ARG C 266 -0.73 43.20 -6.65
C ARG C 266 -1.04 41.80 -6.26
N PRO C 267 -0.11 40.85 -6.33
CA PRO C 267 -0.33 39.47 -6.00
C PRO C 267 -0.65 39.27 -4.52
N THR C 268 -1.34 38.15 -4.26
CA THR C 268 -1.70 37.76 -2.90
C THR C 268 -0.58 37.05 -2.16
N ILE C 269 0.29 36.32 -2.86
CA ILE C 269 1.41 35.61 -2.25
C ILE C 269 2.61 35.76 -3.18
N VAL C 270 3.80 35.71 -2.59
CA VAL C 270 5.04 35.94 -3.33
C VAL C 270 6.06 34.86 -2.98
N PHE C 271 6.54 34.15 -4.01
CA PHE C 271 7.53 33.08 -3.89
C PHE C 271 8.89 33.61 -4.28
N GLY C 272 9.88 33.36 -3.43
CA GLY C 272 11.25 33.71 -3.77
C GLY C 272 12.20 33.00 -2.83
N PHE C 273 13.51 33.24 -3.05
CA PHE C 273 14.54 32.68 -2.17
C PHE C 273 14.88 33.70 -1.06
N THR C 274 15.43 33.21 0.06
CA THR C 274 15.74 34.09 1.19
C THR C 274 16.32 35.43 0.75
N HIS C 275 17.27 35.42 -0.19
CA HIS C 275 17.95 36.66 -0.57
C HIS C 275 16.95 37.69 -1.13
N THR C 276 16.07 37.29 -2.05
CA THR C 276 15.23 38.31 -2.65
C THR C 276 14.47 39.08 -1.58
N PHE C 277 13.93 38.37 -0.58
CA PHE C 277 13.19 39.01 0.50
C PHE C 277 14.08 39.86 1.40
N THR C 278 15.34 39.46 1.58
CA THR C 278 16.27 40.28 2.38
C THR C 278 16.61 41.59 1.67
N GLU C 279 17.12 41.52 0.43
CA GLU C 279 17.39 42.76 -0.28
C GLU C 279 16.17 43.66 -0.19
N MET C 280 15.00 43.06 -0.37
CA MET C 280 13.70 43.79 -0.30
C MET C 280 13.59 44.49 1.05
N ALA C 281 14.14 43.92 2.12
CA ALA C 281 13.99 44.51 3.44
C ALA C 281 14.82 45.79 3.59
N ALA C 282 15.92 45.89 2.85
CA ALA C 282 16.80 47.04 2.96
C ALA C 282 16.30 48.20 2.13
N GLU C 283 15.30 47.98 1.29
CA GLU C 283 14.70 49.06 0.49
C GLU C 283 13.77 49.88 1.38
N ASP C 284 13.06 50.87 0.82
CA ASP C 284 12.12 51.75 1.57
C ASP C 284 12.48 51.76 3.06
N THR C 286 7.40 51.68 2.90
CA THR C 286 6.97 52.95 3.47
C THR C 286 6.07 53.68 2.49
N ASP C 287 6.62 54.01 1.33
CA ASP C 287 5.86 54.67 0.24
C ASP C 287 5.60 53.61 -0.83
N ARG C 288 5.54 52.33 -0.44
CA ARG C 288 5.33 51.19 -1.36
C ARG C 288 4.00 50.51 -1.00
N ASP C 289 3.21 50.07 -2.00
CA ASP C 289 1.88 49.43 -1.76
C ASP C 289 1.97 47.92 -1.88
N LEU C 290 2.33 47.21 -0.81
CA LEU C 290 2.36 45.77 -0.67
C LEU C 290 1.12 45.35 0.10
N THR C 291 0.00 46.06 -0.10
CA THR C 291 -1.22 45.71 0.60
C THR C 291 -1.83 44.42 0.02
N SER C 292 -1.60 44.16 -1.28
CA SER C 292 -2.13 42.94 -1.88
C SER C 292 -1.57 41.70 -1.17
N VAL C 293 -0.34 41.77 -0.67
CA VAL C 293 0.35 40.58 -0.19
C VAL C 293 -0.14 40.23 1.21
N GLU C 294 -0.52 38.95 1.40
CA GLU C 294 -0.76 38.39 2.71
C GLU C 294 0.25 37.31 3.11
N ALA C 295 1.11 36.86 2.21
CA ALA C 295 2.08 35.86 2.62
C ALA C 295 3.26 35.79 1.66
N TYR C 296 4.46 35.76 2.23
CA TYR C 296 5.72 35.54 1.52
C TYR C 296 6.23 34.13 1.77
N TYR C 297 6.52 33.38 0.69
CA TYR C 297 7.05 32.00 0.76
C TYR C 297 8.53 31.97 0.36
N ALA C 298 9.41 31.63 1.30
CA ALA C 298 10.83 31.59 0.98
C ALA C 298 11.39 30.18 1.05
N SER C 299 12.63 30.04 0.55
CA SER C 299 13.37 28.77 0.55
C SER C 299 14.86 29.06 0.30
N GLY C 300 15.66 27.99 0.32
CA GLY C 300 17.11 28.12 0.18
C GLY C 300 17.74 28.85 1.36
N ASP C 301 19.06 28.99 1.28
CA ASP C 301 19.91 29.65 2.30
C ASP C 301 20.96 28.68 2.85
N LEU C 312 7.34 43.41 5.21
CA LEU C 312 6.49 42.45 5.92
C LEU C 312 5.43 43.17 6.72
N ASP C 313 5.75 44.32 7.30
CA ASP C 313 4.79 45.07 8.13
C ASP C 313 3.86 45.87 7.21
N LYS C 314 4.17 45.99 5.92
CA LYS C 314 3.37 46.78 4.95
C LYS C 314 2.26 45.93 4.31
N GLY C 315 1.77 44.91 5.00
CA GLY C 315 0.74 44.00 4.44
C GLY C 315 -0.38 43.70 5.42
N TYR C 316 -0.97 42.51 5.37
CA TYR C 316 -2.04 42.09 6.28
C TYR C 316 -2.15 40.58 6.23
N HIS C 317 -3.01 40.02 7.09
CA HIS C 317 -3.29 38.59 7.03
C HIS C 317 -4.57 38.26 7.77
N THR C 318 -5.37 37.38 7.20
CA THR C 318 -6.63 36.99 7.82
C THR C 318 -6.42 35.94 8.91
N ALA C 319 -7.12 36.14 10.03
CA ALA C 319 -7.11 35.26 11.18
C ALA C 319 -8.56 35.09 11.66
N THR C 320 -8.75 34.29 12.69
CA THR C 320 -10.07 33.99 13.23
C THR C 320 -10.22 34.76 14.53
N GLY C 321 -11.27 35.59 14.65
CA GLY C 321 -11.46 36.40 15.83
C GLY C 321 -12.31 35.71 16.88
N PRO C 322 -12.41 36.29 18.07
CA PRO C 322 -13.16 35.62 19.15
C PRO C 322 -14.64 35.49 18.84
N ASP C 323 -15.15 36.23 17.86
CA ASP C 323 -16.48 36.00 17.35
C ASP C 323 -16.55 34.78 16.45
N LEU C 324 -15.40 34.13 16.21
CA LEU C 324 -15.34 33.01 15.28
C LEU C 324 -15.71 33.47 13.88
N LYS C 325 -15.37 34.71 13.57
CA LYS C 325 -15.55 35.32 12.27
C LYS C 325 -14.21 35.91 11.86
N PRO C 326 -13.96 36.12 10.55
CA PRO C 326 -12.64 36.55 10.08
C PRO C 326 -12.15 37.89 10.64
N LYS C 327 -10.83 38.10 10.65
CA LYS C 327 -10.22 39.34 11.20
C LYS C 327 -8.97 39.69 10.41
N LYS C 328 -9.03 40.69 9.53
CA LYS C 328 -7.83 41.18 8.79
C LYS C 328 -6.85 41.79 9.78
N VAL C 329 -5.79 41.07 10.14
CA VAL C 329 -4.73 41.56 11.07
C VAL C 329 -3.73 42.32 10.21
N PRO C 330 -2.81 43.14 10.74
CA PRO C 330 -1.77 43.77 9.94
C PRO C 330 -0.60 42.85 9.75
N GLY C 331 0.00 42.99 8.57
CA GLY C 331 1.22 42.29 8.24
C GLY C 331 0.97 40.96 7.56
N ALA C 332 1.86 40.65 6.64
CA ALA C 332 1.74 39.42 5.89
C ALA C 332 2.55 38.36 6.62
N ILE C 333 2.30 37.11 6.24
CA ILE C 333 2.96 35.95 6.81
C ILE C 333 4.31 35.77 6.11
N PHE C 334 5.30 35.29 6.86
CA PHE C 334 6.55 34.82 6.28
C PHE C 334 6.70 33.34 6.61
N ILE C 335 6.78 32.51 5.57
CA ILE C 335 6.86 31.05 5.67
C ILE C 335 8.22 30.63 5.16
N ASP C 336 9.10 30.24 6.10
CA ASP C 336 10.44 29.71 5.79
C ASP C 336 10.30 28.21 5.51
N MET C 337 10.31 27.83 4.21
CA MET C 337 10.19 26.43 3.81
C MET C 337 11.55 25.74 3.64
N PHE C 338 11.62 24.44 3.99
CA PHE C 338 12.81 23.62 3.83
C PHE C 338 12.59 22.58 2.72
N GLY C 339 13.40 22.70 1.66
CA GLY C 339 13.24 21.89 0.48
C GLY C 339 14.61 21.83 -0.16
N SER C 340 14.74 20.96 -1.15
CA SER C 340 15.93 20.91 -1.98
C SER C 340 15.52 20.32 -3.33
N THR C 341 16.39 20.46 -4.32
CA THR C 341 16.10 19.87 -5.62
C THR C 341 15.77 18.41 -5.46
N GLU C 342 16.60 17.69 -4.67
CA GLU C 342 16.37 16.27 -4.42
C GLU C 342 15.13 15.99 -3.57
N MET C 343 14.68 16.95 -2.76
CA MET C 343 13.54 16.68 -1.88
C MET C 343 12.21 16.81 -2.62
N GLY C 344 12.22 17.33 -3.83
CA GLY C 344 11.06 17.38 -4.71
C GLY C 344 9.99 18.40 -4.41
N TYR C 345 9.52 18.35 -3.20
CA TYR C 345 8.54 19.30 -2.68
C TYR C 345 9.17 19.88 -1.40
N VAL C 346 8.45 20.76 -0.73
CA VAL C 346 8.86 21.12 0.61
C VAL C 346 8.34 20.02 1.53
N LEU C 347 9.17 19.64 2.51
CA LEU C 347 8.79 18.62 3.45
C LEU C 347 8.50 19.19 4.83
N PHE C 348 8.84 20.46 5.07
CA PHE C 348 8.64 21.09 6.37
C PHE C 348 8.11 22.54 6.29
N ASP C 349 7.20 22.86 7.20
CA ASP C 349 6.58 24.19 7.20
C ASP C 349 6.63 24.91 8.54
N PHE C 350 7.00 26.20 8.52
CA PHE C 350 6.97 26.98 9.75
C PHE C 350 6.79 28.47 9.49
N VAL C 351 5.93 29.11 10.30
CA VAL C 351 5.58 30.51 10.13
C VAL C 351 5.92 31.40 11.32
N ARG C 361 17.32 27.66 14.01
CA ARG C 361 16.39 28.05 12.93
C ARG C 361 15.26 27.03 12.83
N CYS C 362 14.08 27.34 13.38
CA CYS C 362 12.91 26.43 13.31
C CYS C 362 12.60 26.11 11.85
N ILE C 363 12.63 24.83 11.46
CA ILE C 363 12.31 24.33 10.10
C ILE C 363 10.82 24.00 10.13
N GLY C 364 10.34 23.55 11.28
CA GLY C 364 8.93 23.17 11.45
C GLY C 364 8.79 21.69 11.66
N ARG C 365 7.58 21.14 11.54
CA ARG C 365 7.31 19.68 11.68
C ARG C 365 7.17 19.05 10.30
N PRO C 366 7.58 17.80 10.08
CA PRO C 366 7.40 17.21 8.75
C PRO C 366 5.93 17.21 8.34
N MET C 367 5.70 17.42 7.05
CA MET C 367 4.32 17.39 6.63
C MET C 367 3.89 15.94 6.52
N ARG C 368 2.60 15.69 6.75
CA ARG C 368 2.03 14.31 6.84
C ARG C 368 2.58 13.37 5.80
N PHE C 369 2.93 13.87 4.62
CA PHE C 369 3.40 13.00 3.55
C PHE C 369 4.92 12.81 3.61
N ALA C 370 5.51 13.06 4.76
CA ALA C 370 6.96 13.07 4.87
C ALA C 370 7.32 12.55 6.25
N GLN C 371 8.50 11.96 6.35
CA GLN C 371 9.01 11.38 7.58
C GLN C 371 10.43 11.84 7.79
N ALA C 372 10.75 12.28 9.01
CA ALA C 372 12.05 12.89 9.23
C ALA C 372 12.68 12.52 10.57
N ALA C 373 14.00 12.57 10.57
CA ALA C 373 14.77 12.15 11.73
C ALA C 373 16.10 12.90 11.81
N VAL C 374 16.57 13.08 13.03
CA VAL C 374 17.93 13.51 13.30
C VAL C 374 18.75 12.24 13.56
N VAL C 375 19.67 11.95 12.68
CA VAL C 375 20.21 10.59 12.56
C VAL C 375 21.59 10.60 13.14
N GLY C 376 21.99 9.51 13.79
CA GLY C 376 23.36 9.38 14.25
C GLY C 376 24.26 8.91 13.12
N GLU C 377 25.53 8.72 13.48
CA GLU C 377 26.49 8.29 12.49
C GLU C 377 26.28 6.84 12.11
N ASP C 378 25.70 6.03 13.02
CA ASP C 378 25.22 4.68 12.71
C ASP C 378 23.83 4.71 12.09
N GLY C 379 23.25 5.90 11.92
CA GLY C 379 21.95 6.08 11.31
C GLY C 379 20.78 5.97 12.26
N SER C 380 21.04 5.80 13.55
CA SER C 380 19.97 5.56 14.50
C SER C 380 19.23 6.86 14.75
N VAL C 381 17.90 6.79 14.73
CA VAL C 381 17.08 7.94 15.07
C VAL C 381 17.65 8.42 16.40
N LEU C 382 18.06 9.68 16.46
CA LEU C 382 18.56 10.21 17.69
C LEU C 382 17.42 10.70 18.57
N PRO C 383 17.64 10.76 19.87
CA PRO C 383 16.57 11.21 20.76
C PRO C 383 16.34 12.69 20.56
N PRO C 384 15.29 13.23 21.16
CA PRO C 384 15.07 14.67 21.07
C PRO C 384 16.18 15.42 21.79
N GLY C 385 16.50 16.62 21.31
CA GLY C 385 17.51 17.49 21.91
C GLY C 385 18.96 17.23 21.53
N GLN C 386 19.27 16.09 20.97
CA GLN C 386 20.63 15.81 20.55
C GLN C 386 20.79 16.19 19.11
N VAL C 387 22.02 16.52 18.72
CA VAL C 387 22.32 17.04 17.39
C VAL C 387 22.75 15.92 16.47
N GLY C 388 22.22 15.93 15.25
CA GLY C 388 22.61 14.94 14.27
C GLY C 388 22.37 15.40 12.85
N ARG C 389 22.45 14.43 11.94
CA ARG C 389 22.25 14.70 10.53
C ARG C 389 20.77 14.73 10.26
N LEU C 390 20.31 15.76 9.56
CA LEU C 390 18.92 15.79 9.13
C LEU C 390 18.72 14.72 8.09
N GLY C 391 17.73 13.84 8.31
CA GLY C 391 17.35 12.83 7.34
C GLY C 391 15.84 12.80 7.14
N VAL C 392 15.42 12.38 5.92
CA VAL C 392 14.01 12.36 5.57
C VAL C 392 13.64 11.22 4.64
N ARG C 393 12.31 10.97 4.54
CA ARG C 393 11.73 10.04 3.59
C ARG C 393 10.40 10.55 3.04
N SER C 394 10.18 10.47 1.71
CA SER C 394 8.91 10.85 1.04
C SER C 394 8.85 10.36 -0.41
N LYS C 395 7.65 10.00 -0.87
CA LYS C 395 7.53 9.63 -2.27
C LYS C 395 7.66 10.82 -3.21
N SER C 396 7.67 12.03 -2.64
CA SER C 396 8.07 13.23 -3.37
C SER C 396 9.55 13.30 -3.68
N LEU C 397 10.39 12.57 -2.95
CA LEU C 397 11.81 12.66 -3.17
C LEU C 397 12.11 12.13 -4.55
N THR C 398 13.25 12.58 -5.09
CA THR C 398 13.76 12.06 -6.33
C THR C 398 14.03 10.56 -6.18
N PRO C 399 13.79 9.77 -7.24
CA PRO C 399 14.26 8.38 -7.24
C PRO C 399 15.74 8.16 -7.48
N GLY C 400 16.58 9.19 -7.68
CA GLY C 400 18.01 8.98 -7.88
C GLY C 400 18.70 10.12 -8.62
N PHE C 401 20.04 10.09 -8.58
CA PHE C 401 20.84 11.04 -9.34
C PHE C 401 21.05 10.50 -10.76
N TRP C 402 20.78 11.33 -11.77
CA TRP C 402 20.86 10.91 -13.17
C TRP C 402 22.23 10.33 -13.47
N ASN C 403 22.23 9.09 -13.95
CA ASN C 403 23.43 8.38 -14.37
C ASN C 403 24.43 8.20 -13.24
N ASP C 404 24.00 8.26 -11.98
CA ASP C 404 24.98 8.18 -10.88
C ASP C 404 24.46 7.39 -9.69
N ASN C 405 24.38 6.07 -9.83
CA ASN C 405 23.93 5.29 -8.70
C ASN C 405 25.02 5.14 -7.65
N VAL C 406 26.12 5.88 -7.73
CA VAL C 406 27.29 5.69 -6.81
C VAL C 406 27.21 6.70 -5.68
N ARG C 407 26.94 7.96 -6.01
CA ARG C 407 26.82 9.04 -5.01
C ARG C 407 25.42 9.01 -4.42
N TRP C 408 24.46 8.38 -5.10
CA TRP C 408 23.04 8.35 -4.66
C TRP C 408 22.89 7.50 -3.41
N HIS C 409 23.27 6.23 -3.43
CA HIS C 409 23.04 5.35 -2.29
C HIS C 409 23.85 5.82 -1.12
N LYS C 410 24.97 6.49 -1.40
CA LYS C 410 25.90 6.98 -0.36
C LYS C 410 25.31 8.20 0.34
N GLN C 411 24.26 8.81 -0.21
CA GLN C 411 23.61 9.91 0.45
C GLN C 411 22.55 9.45 1.44
N TRP C 412 22.38 8.14 1.57
CA TRP C 412 21.39 7.55 2.47
C TRP C 412 22.08 6.90 3.65
N LEU C 413 21.54 7.14 4.84
CA LEU C 413 22.09 6.55 6.05
C LEU C 413 20.94 6.17 6.97
N GLY C 414 20.92 4.91 7.39
CA GLY C 414 19.90 4.45 8.32
C GLY C 414 18.49 4.34 7.78
N GLY C 415 18.31 4.34 6.47
CA GLY C 415 17.00 4.31 5.87
C GLY C 415 16.50 5.68 5.47
N TYR C 416 17.29 6.73 5.75
CA TYR C 416 16.93 8.12 5.51
C TYR C 416 17.85 8.72 4.45
N PHE C 417 17.31 9.72 3.76
CA PHE C 417 18.08 10.56 2.87
C PHE C 417 18.64 11.76 3.64
N LEU C 418 19.96 11.80 3.79
CA LEU C 418 20.61 12.93 4.43
C LEU C 418 20.44 14.13 3.55
N THR C 419 19.90 15.20 4.12
CA THR C 419 19.67 16.41 3.34
C THR C 419 20.94 17.25 3.18
N GLY C 420 21.96 16.99 4.01
CA GLY C 420 23.21 17.75 4.04
C GLY C 420 23.34 18.76 5.19
N ASP C 421 22.46 18.71 6.16
CA ASP C 421 22.35 19.67 7.22
C ASP C 421 22.37 18.93 8.55
N LEU C 422 22.90 19.59 9.59
CA LEU C 422 22.87 19.10 10.97
C LEU C 422 21.76 19.81 11.72
N ALA C 423 21.11 19.10 12.64
CA ALA C 423 19.95 19.67 13.30
C ALA C 423 19.66 18.93 14.59
N TYR C 424 18.58 19.35 15.24
CA TYR C 424 18.05 18.65 16.39
C TYR C 424 16.54 18.90 16.43
N ARG C 425 15.84 18.13 17.27
CA ARG C 425 14.38 18.19 17.30
C ARG C 425 13.88 18.04 18.74
N ASP C 426 12.70 18.60 18.99
CA ASP C 426 12.06 18.55 20.29
C ASP C 426 11.10 17.35 20.33
N ALA C 427 10.32 17.22 21.43
CA ALA C 427 9.41 16.09 21.59
C ALA C 427 8.26 16.08 20.58
N ALA C 428 7.95 17.22 19.97
CA ALA C 428 6.89 17.31 18.97
C ALA C 428 7.36 16.96 17.57
N ASN C 429 8.63 16.60 17.39
CA ASN C 429 9.20 16.50 16.06
C ASN C 429 9.20 17.85 15.35
N THR C 430 9.42 18.94 16.10
CA THR C 430 9.78 20.24 15.53
C THR C 430 11.31 20.32 15.38
N PHE C 431 11.78 20.45 14.16
CA PHE C 431 13.20 20.45 13.86
C PHE C 431 13.74 21.89 13.83
N TYR C 432 15.02 22.03 14.14
CA TYR C 432 15.67 23.32 14.04
C TYR C 432 16.97 23.11 13.29
N HIS C 433 17.08 23.70 12.10
CA HIS C 433 18.31 23.60 11.32
C HIS C 433 19.36 24.45 11.99
N LEU C 434 20.54 23.89 12.23
CA LEU C 434 21.65 24.57 12.85
C LEU C 434 22.75 24.92 11.89
N ASP C 435 22.96 24.06 10.91
CA ASP C 435 24.11 24.25 10.05
C ASP C 435 24.08 23.21 8.93
N ARG C 436 24.94 23.48 7.97
CA ARG C 436 25.21 22.50 6.93
C ARG C 436 26.28 21.64 7.59
N THR C 437 26.38 20.39 7.20
CA THR C 437 27.26 19.40 7.83
C THR C 437 28.68 19.72 7.49
N THR C 438 28.87 20.25 6.30
CA THR C 438 30.17 20.63 5.85
C THR C 438 30.66 21.86 6.61
N ASP C 439 29.75 22.64 7.18
CA ASP C 439 30.09 23.93 7.76
C ASP C 439 30.34 23.93 9.26
N ALA C 440 30.12 22.83 9.97
CA ALA C 440 30.30 22.85 11.41
C ALA C 440 31.74 22.52 11.76
N ILE C 441 32.28 23.27 12.73
CA ILE C 441 33.69 23.27 13.12
C ILE C 441 33.84 22.61 14.48
N ARG C 442 34.86 21.77 14.65
CA ARG C 442 35.14 21.19 15.96
C ARG C 442 36.02 22.06 16.85
N THR C 443 35.71 22.04 18.15
CA THR C 443 36.44 22.80 19.17
C THR C 443 36.43 22.07 20.52
N PHE C 447 32.07 21.63 19.62
CA PHE C 447 31.66 21.81 18.21
C PHE C 447 30.90 23.12 18.06
N VAL C 448 31.04 23.81 16.92
CA VAL C 448 30.38 25.12 16.68
C VAL C 448 29.62 25.07 15.36
N TYR C 449 28.30 25.09 15.41
CA TYR C 449 27.43 25.06 14.20
C TYR C 449 27.38 26.48 13.67
N SER C 450 28.01 26.74 12.52
CA SER C 450 28.18 28.11 11.97
C SER C 450 26.89 28.88 11.71
N ALA C 451 25.84 28.32 11.12
CA ALA C 451 24.66 29.10 10.74
C ALA C 451 23.93 29.57 11.99
N TYR C 452 23.92 28.71 13.02
CA TYR C 452 23.33 29.06 14.30
C TYR C 452 24.12 30.16 14.99
N THR C 453 25.44 30.00 15.09
CA THR C 453 26.28 31.04 15.68
C THR C 453 26.09 32.36 14.94
N GLU C 454 26.22 32.33 13.63
CA GLU C 454 25.95 33.52 12.86
C GLU C 454 24.69 34.22 13.35
N GLU C 455 23.53 33.56 13.29
CA GLU C 455 22.23 34.20 13.63
C GLU C 455 22.20 34.71 15.07
N VAL C 456 22.85 34.00 15.99
CA VAL C 456 22.91 34.39 17.42
C VAL C 456 23.45 35.80 17.48
N LEU C 457 24.50 36.07 16.70
CA LEU C 457 25.17 37.40 16.72
C LEU C 457 24.30 38.43 16.00
N LEU C 458 23.65 38.08 14.90
CA LEU C 458 22.73 38.99 14.22
C LEU C 458 21.47 39.26 15.02
N ARG C 459 21.37 38.70 16.23
CA ARG C 459 20.25 38.99 17.13
C ARG C 459 20.64 39.77 18.37
N GLU C 460 21.87 39.58 18.88
CA GLU C 460 22.36 40.41 19.97
C GLU C 460 22.70 41.81 19.48
N TYR C 461 23.18 41.90 18.24
CA TYR C 461 23.63 43.17 17.63
C TYR C 461 22.87 43.45 16.33
N PRO C 462 21.91 44.38 16.30
CA PRO C 462 21.25 44.74 15.04
C PRO C 462 22.27 45.13 13.97
N GLU C 463 23.51 45.44 14.33
CA GLU C 463 24.61 45.72 13.36
C GLU C 463 24.43 47.11 12.77
N LEU C 465 25.24 43.48 10.00
CA LEU C 465 24.69 43.40 8.63
C LEU C 465 24.53 41.93 8.28
N ASP C 466 25.64 41.21 8.23
CA ASP C 466 25.61 39.76 7.93
C ASP C 466 26.87 39.15 8.52
N CYS C 467 26.81 37.91 8.98
CA CYS C 467 27.90 37.25 9.66
C CYS C 467 28.26 35.95 8.94
N THR C 468 29.49 35.49 9.15
CA THR C 468 29.94 34.23 8.56
C THR C 468 31.07 33.69 9.42
N VAL C 469 30.75 32.61 10.14
CA VAL C 469 31.62 31.97 11.11
C VAL C 469 32.43 30.85 10.47
N VAL C 470 33.77 30.96 10.54
CA VAL C 470 34.67 29.98 9.97
C VAL C 470 35.60 29.46 11.06
N GLY C 471 36.33 28.39 10.74
CA GLY C 471 37.30 27.80 11.64
C GLY C 471 38.77 27.98 11.25
N PHE C 479 39.15 19.01 10.44
CA PHE C 479 38.60 19.22 11.79
C PHE C 479 37.07 19.22 11.91
N GLY C 480 36.33 19.22 10.79
CA GLY C 480 34.88 19.17 10.81
C GLY C 480 34.29 17.80 11.13
N TRP C 481 32.97 17.76 11.11
CA TRP C 481 32.16 16.54 11.36
C TRP C 481 32.68 15.29 10.62
N GLY C 485 39.70 15.82 14.76
CA GLY C 485 40.54 16.99 14.60
C GLY C 485 39.87 18.29 15.00
N VAL C 486 40.57 19.13 15.77
CA VAL C 486 40.01 20.35 16.35
C VAL C 486 40.50 21.58 15.60
N ALA C 487 39.84 22.72 15.87
CA ALA C 487 40.17 23.99 15.24
C ALA C 487 39.68 25.15 16.10
N THR C 488 39.86 26.37 15.58
CA THR C 488 39.52 27.61 16.31
C THR C 488 38.58 28.42 15.42
N VAL C 489 37.56 29.05 15.99
CA VAL C 489 36.53 29.77 15.20
C VAL C 489 36.90 31.25 15.10
N TYR C 490 36.53 31.90 14.01
CA TYR C 490 36.80 33.34 13.77
C TYR C 490 35.55 33.93 13.12
N ALA C 491 35.39 35.25 13.08
CA ALA C 491 34.14 35.89 12.60
C ALA C 491 34.36 36.73 11.35
N LEU C 492 33.28 37.33 10.82
CA LEU C 492 33.34 38.14 9.58
C LEU C 492 32.04 38.93 9.44
N VAL C 493 32.04 40.21 9.80
CA VAL C 493 30.82 41.06 9.76
C VAL C 493 31.14 42.38 9.06
N ALA C 499 27.71 53.34 10.83
CA ALA C 499 27.67 52.28 11.81
C ALA C 499 29.02 52.17 12.50
N GLU C 500 29.01 52.32 13.83
CA GLU C 500 30.27 52.33 14.58
C GLU C 500 31.08 51.05 14.32
N ALA C 501 32.38 51.10 14.64
CA ALA C 501 33.21 49.91 14.58
C ALA C 501 33.86 49.61 15.94
N PRO C 502 34.17 48.35 16.21
CA PRO C 502 34.76 48.00 17.51
C PRO C 502 36.28 48.08 17.51
N GLN C 503 36.85 48.22 18.71
CA GLN C 503 38.31 48.23 18.85
C GLN C 503 38.86 46.81 18.92
N ASP C 504 38.25 45.96 19.78
CA ASP C 504 38.52 44.54 20.03
C ASP C 504 37.36 43.74 19.47
N PRO C 505 37.18 43.69 18.15
CA PRO C 505 35.99 43.02 17.59
C PRO C 505 35.79 41.66 18.23
N THR C 506 36.90 41.04 18.66
CA THR C 506 36.88 39.74 19.34
C THR C 506 36.33 39.85 20.75
N ALA C 507 36.65 40.92 21.47
CA ALA C 507 36.02 41.16 22.79
C ALA C 507 34.56 41.35 22.47
N TRP C 508 34.25 42.23 21.52
CA TRP C 508 32.87 42.37 21.03
C TRP C 508 32.55 41.02 20.42
N ILE C 509 31.31 40.74 20.03
CA ILE C 509 30.89 39.41 19.50
C ILE C 509 30.96 38.43 20.65
N ASN C 510 32.09 38.36 21.35
CA ASN C 510 32.27 37.39 22.45
C ASN C 510 31.40 37.73 23.64
N GLU C 511 30.91 38.97 23.83
CA GLU C 511 30.02 39.09 24.95
C GLU C 511 28.63 38.59 24.58
N ALA C 512 28.27 38.73 23.30
CA ALA C 512 27.05 38.13 22.82
C ALA C 512 27.04 36.64 23.12
N LEU C 513 28.12 35.96 22.76
CA LEU C 513 28.23 34.52 22.98
C LEU C 513 28.17 34.18 24.46
N GLY C 514 28.94 34.88 25.27
CA GLY C 514 28.94 34.61 26.71
C GLY C 514 27.53 34.65 27.23
N ARG C 515 26.85 35.77 27.07
CA ARG C 515 25.46 35.94 27.56
C ARG C 515 24.64 34.83 26.95
N ALA C 516 24.70 34.69 25.63
CA ALA C 516 23.92 33.67 24.91
C ALA C 516 24.25 32.28 25.44
N GLY C 517 25.52 31.99 25.74
CA GLY C 517 25.92 30.71 26.29
C GLY C 517 26.72 29.78 25.40
N LEU C 518 27.30 30.29 24.30
CA LEU C 518 27.95 29.46 23.25
C LEU C 518 29.49 29.47 23.32
N PRO C 519 30.15 28.58 22.58
CA PRO C 519 31.60 28.59 22.51
C PRO C 519 31.97 29.97 21.99
N ARG C 520 33.12 30.50 22.38
CA ARG C 520 33.48 31.89 22.01
C ARG C 520 34.49 31.92 20.87
N VAL C 521 34.48 33.00 20.10
CA VAL C 521 35.38 33.16 18.91
C VAL C 521 36.60 33.99 19.30
N MET D 1 9.93 -31.97 1.49
CA MET D 1 8.84 -31.54 2.40
C MET D 1 8.68 -30.03 2.31
N MET D 2 7.69 -29.45 2.98
CA MET D 2 7.48 -27.98 3.04
C MET D 2 7.94 -27.53 4.41
N ILE D 3 8.35 -26.28 4.59
CA ILE D 3 8.88 -25.85 5.89
C ILE D 3 7.77 -25.95 6.95
N SER D 4 8.16 -26.00 8.20
CA SER D 4 7.16 -26.10 9.25
C SER D 4 6.30 -24.84 9.31
N GLU D 5 5.15 -24.96 9.99
CA GLU D 5 4.45 -23.74 10.37
C GLU D 5 5.36 -22.87 11.20
N ASP D 6 6.32 -23.47 11.90
CA ASP D 6 7.12 -22.66 12.80
C ASP D 6 8.08 -21.76 12.04
N LEU D 7 8.73 -22.27 11.00
CA LEU D 7 9.69 -21.44 10.28
C LEU D 7 8.97 -20.38 9.44
N ARG D 8 7.89 -20.80 8.75
CA ARG D 8 7.09 -19.86 7.96
C ARG D 8 6.71 -18.64 8.79
N GLN D 9 6.12 -18.86 9.95
CA GLN D 9 5.70 -17.73 10.76
C GLN D 9 6.90 -16.90 11.17
N LYS D 10 8.01 -17.54 11.52
CA LYS D 10 9.22 -16.82 11.92
C LYS D 10 9.68 -15.97 10.75
N VAL D 11 9.66 -16.51 9.53
CA VAL D 11 10.12 -15.80 8.34
C VAL D 11 9.19 -14.63 8.01
N LEU D 12 7.88 -14.90 7.98
CA LEU D 12 6.91 -13.89 7.62
C LEU D 12 6.75 -12.81 8.71
N ALA D 13 7.24 -13.06 9.91
CA ALA D 13 7.18 -12.04 10.95
C ALA D 13 8.49 -11.28 11.09
N ASP D 14 9.44 -11.51 10.19
CA ASP D 14 10.75 -10.88 10.23
C ASP D 14 10.82 -9.76 9.19
N ALA D 15 10.24 -8.63 9.57
CA ALA D 15 10.25 -7.46 8.72
C ALA D 15 11.66 -7.04 8.36
N ALA D 16 12.68 -7.55 9.06
CA ALA D 16 14.04 -7.22 8.69
C ALA D 16 14.64 -8.13 7.62
N LEU D 17 14.10 -9.33 7.40
CA LEU D 17 14.79 -10.33 6.59
C LEU D 17 14.80 -9.96 5.11
N GLY D 18 15.97 -10.02 4.49
CA GLY D 18 16.05 -9.82 3.06
C GLY D 18 17.38 -10.28 2.50
N ALA D 19 17.51 -10.16 1.19
CA ALA D 19 18.68 -10.70 0.52
C ALA D 19 19.99 -10.29 1.18
N GLY D 20 20.02 -9.13 1.80
CA GLY D 20 21.30 -8.69 2.32
C GLY D 20 21.67 -9.20 3.70
N ASN D 21 20.80 -9.90 4.39
CA ASN D 21 21.15 -10.33 5.73
C ASN D 21 20.73 -11.77 6.02
N VAL D 22 20.64 -12.61 4.98
CA VAL D 22 19.92 -13.87 5.14
C VAL D 22 20.58 -14.73 6.21
N ILE D 23 21.90 -14.87 6.16
CA ILE D 23 22.51 -15.85 7.07
C ILE D 23 22.58 -15.34 8.50
N HIS D 24 22.57 -14.00 8.72
CA HIS D 24 22.64 -13.45 10.08
C HIS D 24 21.32 -13.57 10.83
N ARG D 25 20.22 -13.78 10.11
CA ARG D 25 18.93 -14.02 10.77
C ARG D 25 18.73 -15.49 11.13
N LEU D 26 19.27 -16.41 10.33
CA LEU D 26 19.03 -17.84 10.52
C LEU D 26 19.34 -18.30 11.94
N PRO D 27 20.44 -17.87 12.56
CA PRO D 27 20.59 -18.15 14.00
C PRO D 27 19.37 -17.71 14.81
N LEU D 28 18.87 -16.48 14.59
CA LEU D 28 17.77 -15.97 15.41
C LEU D 28 16.50 -16.81 15.25
N TYR D 29 16.33 -17.47 14.10
CA TYR D 29 15.18 -18.37 13.97
C TYR D 29 15.37 -19.64 14.78
N GLY D 30 16.57 -19.88 15.30
CA GLY D 30 16.83 -21.02 16.15
C GLY D 30 17.70 -22.08 15.54
N ARG D 31 18.21 -21.86 14.34
CA ARG D 31 19.05 -22.84 13.70
C ARG D 31 20.32 -23.02 14.51
N SER D 32 20.90 -24.22 14.44
CA SER D 32 22.16 -24.54 15.14
C SER D 32 23.33 -24.16 14.26
N LEU D 33 24.39 -23.63 14.85
CA LEU D 33 25.54 -23.14 14.06
C LEU D 33 26.51 -24.28 13.80
N ASP D 34 26.08 -25.52 14.03
CA ASP D 34 26.92 -26.73 13.84
C ASP D 34 26.36 -27.51 12.66
N GLU D 35 25.11 -27.25 12.30
CA GLU D 35 24.45 -27.92 11.20
C GLU D 35 25.16 -27.67 9.88
N GLU D 36 25.14 -28.68 9.02
CA GLU D 36 25.64 -28.55 7.67
C GLU D 36 24.58 -27.92 6.79
N VAL D 37 24.97 -26.94 5.98
CA VAL D 37 23.98 -26.22 5.19
C VAL D 37 24.34 -26.06 3.72
N LEU D 38 25.61 -25.86 3.42
CA LEU D 38 26.01 -25.53 2.06
C LEU D 38 27.14 -26.47 1.68
N TRP D 39 26.91 -27.26 0.61
CA TRP D 39 27.74 -28.35 0.09
C TRP D 39 28.53 -27.84 -1.10
N LEU D 40 29.85 -28.01 -1.06
CA LEU D 40 30.75 -27.47 -2.08
C LEU D 40 31.32 -28.56 -2.98
N ASP D 41 31.70 -28.12 -4.19
CA ASP D 41 32.12 -29.03 -5.27
C ASP D 41 33.59 -29.39 -5.17
N GLY D 42 34.40 -28.44 -4.72
CA GLY D 42 35.81 -28.63 -4.44
C GLY D 42 36.64 -27.53 -5.04
N THR D 43 36.03 -26.72 -5.90
CA THR D 43 36.80 -25.68 -6.56
C THR D 43 37.23 -24.60 -5.60
N TRP D 44 36.44 -24.37 -4.52
CA TRP D 44 36.62 -23.18 -3.70
C TRP D 44 37.71 -23.45 -2.66
N ARG D 45 38.71 -22.56 -2.60
CA ARG D 45 39.81 -22.68 -1.63
C ARG D 45 39.52 -21.74 -0.46
N ALA D 46 39.53 -22.27 0.75
CA ALA D 46 39.24 -21.52 1.96
C ALA D 46 40.45 -20.70 2.40
N PRO D 47 40.24 -19.78 3.35
CA PRO D 47 41.34 -18.88 3.75
C PRO D 47 42.50 -19.59 4.42
N ASP D 48 42.20 -20.53 5.34
CA ASP D 48 43.21 -21.34 6.01
C ASP D 48 44.04 -22.15 5.01
N GLY D 49 43.59 -22.22 3.77
CA GLY D 49 44.24 -22.93 2.70
C GLY D 49 43.56 -24.21 2.27
N SER D 50 42.51 -24.65 2.96
CA SER D 50 41.82 -25.91 2.67
C SER D 50 40.86 -25.78 1.48
N ARG D 51 40.30 -26.92 1.06
CA ARG D 51 39.25 -26.96 0.03
C ARG D 51 38.05 -27.71 0.58
N PRO D 52 37.21 -27.02 1.41
CA PRO D 52 36.14 -27.72 2.13
C PRO D 52 35.12 -28.35 1.19
N GLU D 53 34.51 -29.46 1.61
CA GLU D 53 33.50 -30.19 0.80
C GLU D 53 32.12 -29.83 1.31
N VAL D 54 32.01 -29.28 2.52
CA VAL D 54 30.78 -28.83 3.17
C VAL D 54 31.17 -27.76 4.18
N LEU D 55 30.31 -26.74 4.28
CA LEU D 55 30.37 -25.72 5.31
C LEU D 55 29.12 -25.85 6.18
N THR D 56 29.30 -25.58 7.49
CA THR D 56 28.19 -25.48 8.42
C THR D 56 27.71 -24.03 8.51
N LEU D 57 26.59 -23.84 9.22
CA LEU D 57 26.12 -22.47 9.42
C LEU D 57 27.22 -21.64 10.07
N GLY D 58 27.84 -22.18 11.12
CA GLY D 58 28.92 -21.44 11.78
C GLY D 58 30.16 -21.27 10.92
N GLY D 59 30.49 -22.27 10.11
CA GLY D 59 31.65 -22.12 9.27
C GLY D 59 31.45 -21.04 8.23
N LEU D 60 30.24 -20.98 7.67
CA LEU D 60 29.93 -19.98 6.63
C LEU D 60 29.94 -18.60 7.26
N HIS D 61 29.65 -18.50 8.55
CA HIS D 61 29.59 -17.20 9.26
C HIS D 61 31.02 -16.71 9.51
N GLU D 62 31.99 -17.62 9.58
CA GLU D 62 33.41 -17.27 9.82
C GLU D 62 34.13 -17.09 8.49
N VAL D 63 33.72 -17.81 7.45
CA VAL D 63 34.30 -17.62 6.09
C VAL D 63 33.84 -16.24 5.65
N VAL D 64 32.55 -15.97 5.78
CA VAL D 64 31.93 -14.69 5.38
C VAL D 64 32.50 -13.57 6.25
N ALA D 65 32.81 -13.85 7.51
CA ALA D 65 33.36 -12.86 8.46
C ALA D 65 34.80 -12.59 8.10
N GLU D 66 35.49 -13.59 7.57
CA GLU D 66 36.88 -13.42 7.16
C GLU D 66 36.97 -12.47 5.98
N TYR D 67 36.33 -12.83 4.87
CA TYR D 67 36.31 -11.95 3.72
C TYR D 67 35.82 -10.57 4.12
N ALA D 68 34.86 -10.50 5.06
CA ALA D 68 34.28 -9.21 5.43
C ALA D 68 35.34 -8.23 5.91
N GLY D 69 36.12 -8.65 6.92
CA GLY D 69 37.17 -7.79 7.49
C GLY D 69 38.25 -7.46 6.49
N PHE D 70 38.63 -8.42 5.69
CA PHE D 70 39.59 -8.15 4.65
C PHE D 70 39.18 -6.95 3.81
N TYR D 71 37.89 -6.88 3.47
CA TYR D 71 37.39 -5.76 2.68
C TYR D 71 37.34 -4.47 3.53
N THR D 72 36.75 -4.54 4.73
CA THR D 72 36.70 -3.38 5.59
C THR D 72 38.09 -2.85 5.90
N ARG D 73 39.11 -3.72 5.83
CA ARG D 73 40.48 -3.28 6.05
C ARG D 73 41.05 -2.69 4.77
N ALA D 74 40.73 -3.30 3.64
CA ALA D 74 41.12 -2.77 2.35
C ALA D 74 40.44 -1.46 2.05
N GLY D 75 39.47 -1.06 2.87
CA GLY D 75 38.83 0.24 2.74
C GLY D 75 37.40 0.26 2.23
N VAL D 76 36.76 -0.89 2.07
CA VAL D 76 35.38 -0.92 1.58
C VAL D 76 34.45 -0.39 2.67
N ARG D 77 33.61 0.57 2.31
CA ARG D 77 32.61 1.14 3.21
C ARG D 77 31.22 0.83 2.68
N ALA D 78 30.19 1.20 3.43
CA ALA D 78 28.82 0.94 3.01
C ALA D 78 28.49 1.70 1.74
N LYS D 79 27.53 1.16 0.99
CA LYS D 79 27.10 1.66 -0.32
C LYS D 79 28.24 1.69 -1.34
N ASP D 80 29.33 0.96 -1.09
CA ASP D 80 30.47 0.90 -1.98
C ASP D 80 30.35 -0.31 -2.91
N ALA D 81 30.64 -0.13 -4.20
CA ALA D 81 30.55 -1.23 -5.15
C ALA D 81 31.87 -1.93 -5.32
N VAL D 82 31.79 -3.27 -5.34
CA VAL D 82 32.96 -4.12 -5.52
C VAL D 82 32.67 -5.07 -6.68
N ALA D 83 33.49 -4.96 -7.70
CA ALA D 83 33.39 -5.81 -8.87
C ALA D 83 34.03 -7.19 -8.59
N ILE D 84 33.32 -8.23 -8.88
CA ILE D 84 33.72 -9.57 -8.50
C ILE D 84 33.75 -10.36 -9.80
N VAL D 85 34.96 -10.77 -10.18
CA VAL D 85 35.25 -11.36 -11.45
C VAL D 85 35.78 -12.73 -11.17
N SER D 86 34.94 -13.72 -11.41
CA SER D 86 35.16 -15.12 -11.09
C SER D 86 34.21 -15.89 -12.00
N THR D 87 34.07 -17.20 -11.73
CA THR D 87 33.10 -18.01 -12.49
C THR D 87 32.49 -19.06 -11.56
N SER D 88 32.59 -18.86 -10.26
CA SER D 88 32.28 -19.88 -9.28
C SER D 88 31.09 -19.35 -8.50
N ILE D 89 29.94 -20.03 -8.65
CA ILE D 89 28.76 -19.69 -7.85
C ILE D 89 29.13 -19.60 -6.39
N THR D 90 30.11 -20.41 -5.95
CA THR D 90 30.53 -20.36 -4.57
C THR D 90 31.24 -19.05 -4.31
N ASP D 91 32.07 -18.64 -5.27
CA ASP D 91 32.79 -17.37 -5.18
C ASP D 91 31.81 -16.20 -5.00
N PHE D 92 30.89 -16.03 -5.95
CA PHE D 92 29.97 -14.90 -5.88
C PHE D 92 29.15 -14.92 -4.59
N ALA D 93 28.57 -16.07 -4.23
CA ALA D 93 27.68 -16.10 -3.07
C ALA D 93 28.42 -15.70 -1.78
N LEU D 94 29.67 -16.16 -1.57
CA LEU D 94 30.36 -15.81 -0.32
C LEU D 94 30.74 -14.34 -0.28
N ASN D 95 31.18 -13.79 -1.42
CA ASN D 95 31.56 -12.38 -1.47
C ASN D 95 30.34 -11.49 -1.26
N LEU D 96 29.18 -11.94 -1.75
CA LEU D 96 27.94 -11.21 -1.53
C LEU D 96 27.51 -11.24 -0.05
N MET D 97 27.56 -12.40 0.60
CA MET D 97 27.23 -12.43 2.03
C MET D 97 28.20 -11.55 2.84
N ALA D 98 29.48 -11.54 2.47
CA ALA D 98 30.44 -10.74 3.21
C ALA D 98 30.19 -9.27 2.95
N LEU D 99 30.22 -8.89 1.68
CA LEU D 99 30.11 -7.47 1.32
C LEU D 99 28.82 -6.88 1.87
N THR D 100 27.74 -7.67 1.88
CA THR D 100 26.46 -7.23 2.42
C THR D 100 26.54 -6.97 3.91
N GLY D 101 27.17 -7.88 4.67
CA GLY D 101 27.38 -7.62 6.09
C GLY D 101 28.08 -6.29 6.38
N ILE D 102 28.93 -5.83 5.48
CA ILE D 102 29.54 -4.51 5.69
C ILE D 102 28.73 -3.44 4.98
N GLY D 103 27.59 -3.82 4.43
CA GLY D 103 26.74 -2.83 3.78
C GLY D 103 27.15 -2.43 2.36
N ALA D 104 28.00 -3.22 1.71
CA ALA D 104 28.50 -2.95 0.37
C ALA D 104 27.74 -3.75 -0.67
N ILE D 105 28.02 -3.43 -1.92
CA ILE D 105 27.35 -3.97 -3.09
C ILE D 105 28.33 -4.87 -3.81
N ALA D 106 27.95 -6.10 -4.04
CA ALA D 106 28.80 -7.08 -4.72
C ALA D 106 28.40 -7.07 -6.18
N SER D 107 29.18 -6.36 -6.99
CA SER D 107 28.90 -6.26 -8.42
C SER D 107 29.49 -7.47 -9.10
N LEU D 108 28.65 -8.48 -9.41
CA LEU D 108 29.07 -9.77 -9.94
C LEU D 108 29.34 -9.70 -11.44
N VAL D 109 30.56 -10.13 -11.83
CA VAL D 109 31.06 -10.05 -13.20
C VAL D 109 31.58 -11.40 -13.61
N ASN D 110 31.00 -11.95 -14.69
CA ASN D 110 31.45 -13.23 -15.22
C ASN D 110 32.79 -13.02 -15.92
N ALA D 111 33.84 -13.66 -15.39
CA ALA D 111 35.17 -13.39 -15.90
C ALA D 111 35.24 -13.67 -17.39
N ASN D 112 34.43 -14.61 -17.88
CA ASN D 112 34.46 -14.94 -19.29
C ASN D 112 33.82 -13.87 -20.17
N MET D 113 33.27 -12.82 -19.59
CA MET D 113 32.75 -11.76 -20.45
C MET D 113 33.83 -11.40 -21.45
N PRO D 114 33.49 -11.26 -22.75
CA PRO D 114 34.50 -10.82 -23.73
C PRO D 114 35.41 -9.76 -23.11
N ALA D 115 36.73 -9.91 -23.28
CA ALA D 115 37.68 -9.11 -22.49
C ALA D 115 37.54 -7.60 -22.74
N GLU D 116 37.64 -7.15 -24.00
CA GLU D 116 37.66 -5.69 -24.20
C GLU D 116 36.34 -5.10 -23.75
N THR D 117 35.29 -5.90 -23.75
CA THR D 117 33.98 -5.47 -23.27
C THR D 117 33.89 -5.49 -21.77
N ARG D 118 34.53 -6.47 -21.12
CA ARG D 118 34.50 -6.50 -19.66
C ARG D 118 35.13 -5.24 -19.14
N ARG D 119 36.00 -4.60 -19.91
CA ARG D 119 36.77 -3.47 -19.33
C ARG D 119 35.88 -2.25 -19.27
N GLU D 120 35.08 -2.02 -20.28
CA GLU D 120 34.15 -0.93 -20.32
C GLU D 120 33.04 -1.16 -19.32
N TYR D 121 32.60 -2.42 -19.14
CA TYR D 121 31.53 -2.66 -18.18
C TYR D 121 32.01 -2.39 -16.77
N ILE D 122 33.19 -2.88 -16.41
CA ILE D 122 33.67 -2.65 -15.06
C ILE D 122 34.03 -1.17 -14.89
N ARG D 123 34.67 -0.59 -15.89
CA ARG D 123 35.06 0.84 -15.86
C ARG D 123 33.84 1.71 -15.58
N ARG D 124 32.72 1.45 -16.25
CA ARG D 124 31.52 2.29 -16.12
C ARG D 124 30.96 2.23 -14.70
N GLN D 125 31.20 1.15 -13.94
CA GLN D 125 30.55 0.99 -12.64
C GLN D 125 31.16 1.85 -11.54
N ARG D 126 32.41 2.26 -11.72
CA ARG D 126 33.15 3.08 -10.73
C ARG D 126 33.22 2.31 -9.41
N VAL D 127 33.83 1.11 -9.40
CA VAL D 127 33.84 0.31 -8.17
C VAL D 127 35.08 0.69 -7.36
N VAL D 128 34.95 0.61 -6.04
CA VAL D 128 36.07 0.95 -5.16
C VAL D 128 37.10 -0.15 -5.08
N GLY D 129 36.81 -1.33 -5.62
CA GLY D 129 37.72 -2.45 -5.48
C GLY D 129 37.28 -3.64 -6.30
N ILE D 130 38.26 -4.38 -6.81
CA ILE D 130 38.02 -5.62 -7.52
C ILE D 130 38.56 -6.77 -6.69
N MET D 131 37.87 -7.90 -6.78
CA MET D 131 38.34 -9.12 -6.17
C MET D 131 38.20 -10.24 -7.19
N THR D 132 39.26 -11.02 -7.36
CA THR D 132 39.20 -12.09 -8.33
C THR D 132 40.08 -13.21 -7.82
N ARG D 133 40.33 -14.19 -8.70
CA ARG D 133 41.21 -15.34 -8.42
C ARG D 133 42.35 -15.27 -9.42
N GLU D 134 43.31 -16.19 -9.35
CA GLU D 134 44.54 -16.14 -10.14
C GLU D 134 44.35 -16.21 -11.65
N PRO D 135 43.40 -16.95 -12.19
CA PRO D 135 43.29 -17.08 -13.65
C PRO D 135 43.05 -15.79 -14.43
N TRP D 136 42.45 -14.75 -13.84
CA TRP D 136 42.17 -13.51 -14.56
C TRP D 136 42.83 -12.30 -13.92
N HIS D 137 43.51 -12.47 -12.77
CA HIS D 137 43.97 -11.34 -11.98
C HIS D 137 44.94 -10.47 -12.78
N ALA D 138 45.91 -11.08 -13.47
CA ALA D 138 46.94 -10.32 -14.18
C ALA D 138 46.36 -9.33 -15.17
N ASP D 139 45.23 -9.66 -15.81
CA ASP D 139 44.58 -8.70 -16.71
C ASP D 139 43.82 -7.62 -15.96
N LEU D 140 43.19 -7.97 -14.83
CA LEU D 140 42.33 -7.00 -14.12
C LEU D 140 43.13 -5.87 -13.47
N LEU D 141 44.45 -6.03 -13.33
CA LEU D 141 45.25 -4.94 -12.83
C LEU D 141 45.36 -3.79 -13.80
N ALA D 142 44.86 -3.95 -15.03
CA ALA D 142 44.75 -2.83 -15.94
C ALA D 142 43.86 -1.75 -15.36
N HIS D 143 42.80 -2.15 -14.65
CA HIS D 143 41.85 -1.19 -14.11
C HIS D 143 42.47 -0.23 -13.11
N LEU D 144 43.70 -0.46 -12.66
CA LEU D 144 44.36 0.50 -11.79
C LEU D 144 44.83 1.75 -12.53
N ASP D 145 44.84 1.72 -13.86
CA ASP D 145 45.15 2.90 -14.67
C ASP D 145 43.90 3.53 -15.29
N ASP D 146 42.73 3.21 -14.72
CA ASP D 146 41.45 3.81 -15.17
C ASP D 146 41.39 5.21 -14.56
N ASP D 147 40.88 6.19 -15.29
CA ASP D 147 40.80 7.59 -14.81
C ASP D 147 40.46 7.54 -13.32
N GLU D 148 39.34 6.93 -12.96
CA GLU D 148 38.90 6.80 -11.56
C GLU D 148 39.06 5.34 -11.17
N PRO D 149 40.24 4.91 -10.69
CA PRO D 149 40.48 3.48 -10.46
C PRO D 149 39.98 2.82 -9.19
N PRO D 150 39.90 1.49 -9.17
CA PRO D 150 39.57 0.79 -7.92
C PRO D 150 40.72 0.97 -6.94
N LEU D 151 40.40 1.00 -5.66
CA LEU D 151 41.45 1.08 -4.66
C LEU D 151 42.38 -0.12 -4.76
N PHE D 152 41.85 -1.28 -5.15
CA PHE D 152 42.60 -2.52 -5.12
C PHE D 152 42.08 -3.50 -6.14
N VAL D 153 42.99 -4.23 -6.75
CA VAL D 153 42.67 -5.47 -7.47
C VAL D 153 43.30 -6.61 -6.69
N ALA D 154 42.50 -7.31 -5.90
CA ALA D 154 43.00 -8.31 -4.96
C ALA D 154 42.67 -9.72 -5.43
N LEU D 155 43.24 -10.70 -4.73
CA LEU D 155 42.93 -12.11 -4.93
C LEU D 155 42.32 -12.72 -3.69
N GLN D 156 41.52 -13.78 -3.89
CA GLN D 156 40.82 -14.36 -2.74
C GLN D 156 41.80 -15.02 -1.78
N SER D 157 42.94 -15.49 -2.30
CA SER D 157 43.98 -16.04 -1.43
C SER D 157 44.53 -14.98 -0.46
N GLU D 158 44.34 -13.70 -0.75
CA GLU D 158 44.78 -12.64 0.14
C GLU D 158 43.93 -12.59 1.41
N VAL D 159 42.81 -13.30 1.44
CA VAL D 159 41.93 -13.39 2.60
C VAL D 159 42.43 -14.55 3.45
N GLU D 160 43.01 -14.24 4.60
CA GLU D 160 43.71 -15.19 5.45
C GLU D 160 43.02 -15.36 6.80
N PRO D 161 43.16 -16.50 7.44
CA PRO D 161 42.54 -16.67 8.77
C PRO D 161 42.87 -15.49 9.67
N GLY D 162 41.85 -14.99 10.36
CA GLY D 162 42.02 -13.88 11.26
C GLY D 162 41.73 -12.50 10.70
N ASN D 163 41.51 -12.36 9.38
CA ASN D 163 41.12 -11.07 8.82
C ASN D 163 39.80 -10.56 9.38
N ARG D 164 38.99 -11.44 9.94
CA ARG D 164 37.70 -11.05 10.48
C ARG D 164 37.80 -10.07 11.66
N GLU D 165 38.96 -9.99 12.33
CA GLU D 165 39.07 -9.06 13.45
C GLU D 165 38.89 -7.62 12.99
N HIS D 166 39.20 -7.32 11.71
CA HIS D 166 39.05 -5.98 11.17
C HIS D 166 37.64 -5.66 10.72
N ARG D 167 36.75 -6.66 10.72
CA ARG D 167 35.34 -6.47 10.41
C ARG D 167 34.83 -5.37 11.32
N PRO D 168 33.77 -4.65 10.94
CA PRO D 168 33.31 -3.51 11.74
C PRO D 168 32.70 -3.90 13.08
N ALA D 169 32.58 -2.89 13.94
CA ALA D 169 32.04 -3.12 15.28
C ALA D 169 30.55 -3.41 15.23
N ALA D 170 29.79 -2.65 14.43
CA ALA D 170 28.37 -2.95 14.23
C ALA D 170 28.27 -3.93 13.07
N TYR D 171 28.59 -5.20 13.34
CA TYR D 171 28.51 -6.22 12.32
C TYR D 171 27.58 -7.31 12.82
N PRO D 172 26.57 -7.70 12.05
CA PRO D 172 26.32 -7.28 10.67
C PRO D 172 25.51 -6.00 10.47
N PHE D 173 25.72 -5.45 9.28
CA PHE D 173 25.04 -4.27 8.78
C PHE D 173 23.52 -4.47 8.89
N ARG D 174 22.80 -3.37 9.13
CA ARG D 174 21.34 -3.36 9.15
C ARG D 174 20.87 -2.70 7.85
N HIS D 175 20.34 -3.52 6.95
CA HIS D 175 19.89 -3.07 5.62
C HIS D 175 18.55 -2.37 5.73
N ALA D 176 18.39 -1.33 4.95
CA ALA D 176 17.05 -0.82 4.72
C ALA D 176 16.51 -1.41 3.43
N PRO D 177 15.18 -1.57 3.31
CA PRO D 177 14.63 -2.26 2.14
C PRO D 177 15.32 -1.87 0.86
N GLY D 178 15.65 -0.60 0.75
CA GLY D 178 16.20 -0.03 -0.46
C GLY D 178 17.67 -0.03 -0.61
N ASP D 179 18.43 -0.60 0.34
CA ASP D 179 19.88 -0.52 0.29
C ASP D 179 20.40 -1.53 -0.73
N PRO D 180 21.17 -1.10 -1.74
CA PRO D 180 21.64 -2.05 -2.74
C PRO D 180 22.48 -3.13 -2.12
N ILE D 181 22.27 -4.36 -2.56
CA ILE D 181 23.12 -5.49 -2.16
C ILE D 181 23.86 -6.13 -3.34
N LEU D 182 23.46 -5.89 -4.59
CA LEU D 182 24.01 -6.63 -5.70
C LEU D 182 23.91 -5.81 -6.99
N ILE D 183 24.85 -6.10 -7.92
CA ILE D 183 24.72 -5.67 -9.32
C ILE D 183 25.03 -6.83 -10.28
N SER D 184 24.08 -7.16 -11.17
CA SER D 184 24.27 -8.21 -12.18
C SER D 184 24.20 -7.62 -13.60
N HIS D 185 24.56 -8.43 -14.61
CA HIS D 185 24.70 -8.02 -16.03
C HIS D 185 24.00 -9.00 -16.94
N SER D 186 23.66 -8.52 -18.14
CA SER D 186 22.91 -9.23 -19.17
C SER D 186 23.88 -10.17 -19.88
N SER D 187 23.34 -11.08 -20.70
CA SER D 187 24.23 -12.07 -21.31
C SER D 187 24.40 -11.94 -22.81
N GLY D 188 25.00 -10.86 -23.33
CA GLY D 188 25.15 -10.81 -24.78
C GLY D 188 24.38 -9.73 -25.54
N THR D 189 23.54 -10.14 -26.51
CA THR D 189 22.84 -9.23 -27.47
C THR D 189 23.05 -7.73 -27.26
N ILE D 192 27.06 -4.64 -25.43
CA ILE D 192 27.51 -4.03 -24.12
C ILE D 192 26.56 -4.48 -23.00
N PRO D 193 26.90 -5.50 -22.19
CA PRO D 193 26.00 -5.99 -21.15
C PRO D 193 25.40 -4.86 -20.29
N LYS D 194 24.09 -4.92 -20.03
CA LYS D 194 23.39 -3.91 -19.19
C LYS D 194 23.58 -4.27 -17.72
N SER D 195 23.90 -3.31 -16.87
CA SER D 195 24.16 -3.57 -15.43
C SER D 195 22.93 -3.20 -14.62
N ALA D 196 22.33 -4.12 -13.87
CA ALA D 196 21.19 -3.84 -13.02
C ALA D 196 21.48 -4.10 -11.55
N PHE D 197 21.11 -3.18 -10.68
CA PHE D 197 21.42 -3.41 -9.27
C PHE D 197 20.18 -3.90 -8.54
N HIS D 198 20.40 -4.65 -7.51
CA HIS D 198 19.33 -5.26 -6.75
C HIS D 198 19.49 -4.93 -5.28
N THR D 199 18.34 -4.88 -4.58
CA THR D 199 18.29 -4.38 -3.20
C THR D 199 18.01 -5.51 -2.22
N HIS D 200 18.12 -5.13 -0.95
CA HIS D 200 17.78 -6.02 0.13
C HIS D 200 16.37 -6.56 -0.04
N GLU D 201 15.47 -5.77 -0.63
CA GLU D 201 14.07 -6.16 -0.75
C GLU D 201 13.70 -6.80 -2.06
N THR D 202 14.06 -6.20 -3.22
CA THR D 202 13.58 -6.72 -4.52
C THR D 202 14.06 -8.16 -4.75
N LEU D 203 15.31 -8.44 -4.38
CA LEU D 203 15.85 -9.79 -4.62
C LEU D 203 15.09 -10.88 -3.87
N PHE D 204 14.43 -10.57 -2.76
CA PHE D 204 13.65 -11.58 -1.99
C PHE D 204 12.15 -11.31 -2.11
N HIS D 205 11.71 -10.31 -2.87
CA HIS D 205 10.28 -10.01 -2.92
C HIS D 205 9.51 -11.19 -3.49
N GLY D 206 9.98 -11.74 -4.62
CA GLY D 206 9.30 -12.88 -5.18
C GLY D 206 9.34 -14.06 -4.21
N ALA D 207 10.55 -14.38 -3.69
CA ALA D 207 10.63 -15.56 -2.82
C ALA D 207 9.58 -15.48 -1.73
N LEU D 208 9.68 -14.43 -0.90
CA LEU D 208 8.77 -14.35 0.24
C LEU D 208 7.33 -14.27 -0.23
N SER D 209 7.09 -13.58 -1.35
CA SER D 209 5.73 -13.54 -1.83
C SER D 209 5.22 -14.95 -2.07
N ARG D 210 6.10 -15.83 -2.53
CA ARG D 210 5.73 -17.24 -2.80
C ARG D 210 5.66 -18.00 -1.49
N LEU D 211 6.68 -17.90 -0.63
CA LEU D 211 6.63 -18.56 0.69
C LEU D 211 5.28 -18.25 1.32
N ALA D 212 4.78 -17.03 1.18
CA ALA D 212 3.51 -16.56 1.78
C ALA D 212 2.31 -17.25 1.16
N ASP D 213 2.31 -17.49 -0.13
CA ASP D 213 1.22 -18.28 -0.71
C ASP D 213 1.32 -19.75 -0.40
N GLY D 214 2.37 -20.20 0.25
CA GLY D 214 2.55 -21.63 0.40
C GLY D 214 3.26 -22.31 -0.75
N LEU D 215 4.22 -21.64 -1.41
CA LEU D 215 4.88 -22.15 -2.59
C LEU D 215 6.37 -22.00 -2.48
N ASP D 216 7.11 -22.73 -3.33
CA ASP D 216 8.56 -22.63 -3.38
C ASP D 216 9.18 -22.52 -2.01
N CYS D 217 8.68 -23.31 -1.06
CA CYS D 217 9.11 -23.26 0.34
C CYS D 217 9.32 -24.71 0.87
N SER D 218 10.14 -25.47 0.14
CA SER D 218 10.48 -26.84 0.53
C SER D 218 11.82 -26.89 1.26
N THR D 219 12.03 -27.99 1.97
CA THR D 219 13.31 -28.34 2.58
C THR D 219 14.16 -29.23 1.67
N ARG D 220 13.69 -29.50 0.45
CA ARG D 220 14.32 -30.47 -0.42
C ARG D 220 15.72 -30.04 -0.80
N LYS D 221 16.62 -31.02 -0.95
CA LYS D 221 17.99 -30.73 -1.34
C LYS D 221 18.02 -30.24 -2.78
N ARG D 222 18.74 -29.16 -3.03
CA ARG D 222 18.84 -28.58 -4.35
C ARG D 222 20.31 -28.49 -4.75
N LEU D 223 20.58 -28.83 -6.03
CA LEU D 223 21.91 -28.76 -6.65
C LEU D 223 21.94 -27.56 -7.62
N LEU D 224 22.69 -26.54 -7.27
CA LEU D 224 22.70 -25.31 -8.04
C LEU D 224 23.89 -25.31 -9.00
N ALA D 225 23.64 -25.80 -10.21
CA ALA D 225 24.57 -25.72 -11.33
C ALA D 225 24.19 -24.62 -12.30
N LEU D 226 23.81 -23.46 -11.79
CA LEU D 226 23.46 -22.30 -12.62
C LEU D 226 24.69 -21.49 -12.95
N PRO D 227 24.57 -20.53 -13.91
CA PRO D 227 25.61 -19.50 -14.05
C PRO D 227 25.90 -18.81 -12.70
N GLY D 228 27.15 -18.83 -12.24
CA GLY D 228 27.46 -18.39 -10.88
C GLY D 228 27.26 -16.91 -10.62
N HIS D 229 27.33 -16.10 -11.66
CA HIS D 229 27.21 -14.65 -11.59
C HIS D 229 25.75 -14.20 -11.70
N HIS D 230 24.85 -15.11 -12.00
CA HIS D 230 23.49 -14.76 -12.33
C HIS D 230 22.66 -14.53 -11.08
N VAL D 231 21.68 -13.62 -11.18
CA VAL D 231 20.87 -13.24 -10.02
C VAL D 231 20.18 -14.42 -9.41
N SER D 232 19.83 -15.44 -10.20
CA SER D 232 19.12 -16.59 -9.61
C SER D 232 20.00 -17.49 -8.75
N ALA D 233 21.26 -17.66 -9.13
CA ALA D 233 22.18 -18.56 -8.41
C ALA D 233 22.33 -18.02 -7.00
N MET D 234 22.27 -16.70 -6.89
CA MET D 234 22.41 -16.01 -5.59
C MET D 234 21.07 -16.08 -4.85
N SER D 235 19.96 -15.90 -5.56
CA SER D 235 18.61 -15.91 -4.95
C SER D 235 18.25 -17.31 -4.46
N ASN D 236 18.79 -18.36 -5.06
CA ASN D 236 18.44 -19.77 -4.73
C ASN D 236 19.41 -20.31 -3.67
N THR D 237 20.64 -19.81 -3.63
CA THR D 237 21.59 -20.20 -2.57
C THR D 237 21.08 -19.48 -1.32
N LEU D 238 20.63 -18.24 -1.49
CA LEU D 238 20.07 -17.45 -0.37
C LEU D 238 18.75 -18.08 0.05
N LEU D 239 17.91 -18.46 -0.90
CA LEU D 239 16.60 -18.98 -0.54
C LEU D 239 16.71 -20.30 0.20
N GLY D 240 17.43 -21.28 -0.37
CA GLY D 240 17.54 -22.59 0.27
C GLY D 240 18.06 -22.51 1.69
N LEU D 241 19.09 -21.68 1.91
CA LEU D 241 19.59 -21.54 3.27
C LEU D 241 18.49 -21.06 4.18
N THR D 242 17.62 -20.18 3.65
CA THR D 242 16.57 -19.58 4.47
C THR D 242 15.48 -20.59 4.81
N LEU D 243 15.12 -21.45 3.85
CA LEU D 243 14.17 -22.54 4.05
C LEU D 243 14.76 -23.69 4.89
N GLY D 244 16.09 -23.79 4.97
CA GLY D 244 16.70 -24.96 5.54
C GLY D 244 16.89 -26.07 4.53
N ALA D 245 16.91 -25.77 3.27
CA ALA D 245 17.07 -26.80 2.25
C ALA D 245 18.55 -26.96 1.93
N PRO D 246 19.11 -28.15 2.04
CA PRO D 246 20.52 -28.31 1.70
C PRO D 246 20.74 -27.83 0.28
N VAL D 247 21.61 -26.82 0.14
CA VAL D 247 21.99 -26.26 -1.15
C VAL D 247 23.32 -26.87 -1.53
N VAL D 248 23.50 -27.16 -2.82
CA VAL D 248 24.73 -27.77 -3.33
C VAL D 248 25.19 -27.02 -4.56
N HIS D 249 26.40 -26.47 -4.50
CA HIS D 249 26.98 -25.70 -5.60
C HIS D 249 27.81 -26.61 -6.49
N TYR D 250 27.54 -26.56 -7.80
CA TYR D 250 28.34 -27.18 -8.85
C TYR D 250 28.77 -26.08 -9.81
N THR D 251 30.07 -25.90 -9.98
CA THR D 251 30.64 -24.87 -10.90
C THR D 251 30.79 -25.47 -12.30
N ASP D 252 30.55 -26.77 -12.46
CA ASP D 252 30.64 -27.45 -13.78
C ASP D 252 29.26 -27.42 -14.45
N PRO D 253 29.09 -26.70 -15.58
CA PRO D 253 27.81 -26.63 -16.26
C PRO D 253 27.56 -27.85 -17.15
N SER D 254 28.56 -28.71 -17.35
CA SER D 254 28.45 -29.85 -18.27
C SER D 254 27.32 -30.75 -17.80
N GLY D 255 26.48 -31.21 -18.72
CA GLY D 255 25.38 -32.13 -18.39
C GLY D 255 25.94 -33.38 -17.74
N LYS D 256 27.17 -33.72 -18.09
CA LYS D 256 27.80 -34.97 -17.60
C LYS D 256 28.30 -34.79 -16.17
N ALA D 257 28.82 -33.62 -15.84
CA ALA D 257 29.28 -33.33 -14.47
C ALA D 257 28.08 -33.29 -13.55
N VAL D 258 26.92 -32.90 -14.07
CA VAL D 258 25.69 -32.77 -13.26
C VAL D 258 25.03 -34.15 -13.19
N LEU D 259 25.43 -35.10 -14.03
CA LEU D 259 24.90 -36.49 -13.94
C LEU D 259 25.74 -37.16 -12.84
N ASP D 260 26.98 -36.73 -12.65
CA ASP D 260 27.79 -37.17 -11.52
C ASP D 260 27.27 -36.53 -10.24
N GLY D 261 27.01 -35.23 -10.30
CA GLY D 261 26.51 -34.53 -9.13
C GLY D 261 25.16 -35.03 -8.69
N ILE D 262 24.25 -35.29 -9.66
CA ILE D 262 22.96 -35.84 -9.30
C ILE D 262 23.13 -37.18 -8.62
N GLU D 263 24.07 -37.99 -9.11
CA GLU D 263 24.30 -39.32 -8.57
C GLU D 263 25.07 -39.26 -7.24
N LYS D 264 26.03 -38.34 -7.12
CA LYS D 264 26.80 -38.24 -5.89
C LYS D 264 25.95 -37.69 -4.76
N HIS D 265 25.38 -36.49 -4.93
CA HIS D 265 24.62 -35.80 -3.86
C HIS D 265 23.18 -36.27 -3.81
N ARG D 266 22.68 -36.93 -4.85
CA ARG D 266 21.30 -37.45 -4.88
C ARG D 266 20.39 -36.32 -4.44
N PRO D 267 20.30 -35.23 -5.23
CA PRO D 267 19.47 -34.09 -4.88
C PRO D 267 18.02 -34.34 -5.31
N THR D 268 17.05 -33.77 -4.59
CA THR D 268 15.64 -33.91 -4.95
C THR D 268 15.24 -32.95 -6.08
N ILE D 269 15.93 -31.82 -6.23
CA ILE D 269 15.63 -30.86 -7.30
C ILE D 269 16.95 -30.33 -7.87
N VAL D 270 16.93 -29.94 -9.14
CA VAL D 270 18.15 -29.57 -9.83
C VAL D 270 17.94 -28.30 -10.65
N PHE D 271 18.74 -27.27 -10.36
CA PHE D 271 18.69 -25.99 -11.02
C PHE D 271 19.81 -25.88 -12.03
N GLY D 272 19.47 -25.46 -13.24
CA GLY D 272 20.46 -25.18 -14.27
C GLY D 272 19.84 -24.40 -15.40
N PHE D 273 20.69 -24.11 -16.40
CA PHE D 273 20.22 -23.49 -17.63
C PHE D 273 19.90 -24.59 -18.64
N THR D 274 19.03 -24.25 -19.59
CA THR D 274 18.63 -25.16 -20.66
C THR D 274 19.79 -25.98 -21.26
N HIS D 275 20.91 -25.33 -21.56
CA HIS D 275 21.98 -26.10 -22.15
C HIS D 275 22.32 -27.28 -21.24
N THR D 276 22.42 -27.06 -19.93
CA THR D 276 22.88 -28.15 -19.07
C THR D 276 21.93 -29.34 -19.17
N PHE D 277 20.64 -29.09 -19.12
CA PHE D 277 19.66 -30.15 -19.18
C PHE D 277 19.72 -30.82 -20.55
N THR D 278 20.03 -30.05 -21.60
CA THR D 278 20.18 -30.64 -22.92
C THR D 278 21.32 -31.64 -22.94
N GLU D 279 22.50 -31.18 -22.54
CA GLU D 279 23.66 -32.06 -22.49
C GLU D 279 23.30 -33.35 -21.78
N MET D 280 22.61 -33.23 -20.64
CA MET D 280 22.11 -34.39 -19.93
C MET D 280 21.18 -35.23 -20.81
N ALA D 281 20.43 -34.59 -21.69
CA ALA D 281 19.43 -35.34 -22.46
C ALA D 281 20.07 -36.19 -23.55
N ALA D 282 21.25 -35.83 -24.04
CA ALA D 282 21.81 -36.60 -25.15
C ALA D 282 22.50 -37.86 -24.65
N GLU D 283 23.30 -37.75 -23.61
CA GLU D 283 24.04 -38.89 -23.07
C GLU D 283 23.27 -40.21 -22.99
N THR D 286 20.50 -44.96 -19.26
CA THR D 286 20.07 -46.28 -18.82
C THR D 286 20.75 -46.70 -17.51
N ASP D 287 22.09 -46.65 -17.45
CA ASP D 287 22.80 -47.01 -16.24
C ASP D 287 23.21 -45.80 -15.40
N ARG D 288 22.40 -44.75 -15.40
CA ARG D 288 22.50 -43.60 -14.50
C ARG D 288 21.39 -43.62 -13.45
N ASP D 289 21.72 -43.26 -12.20
CA ASP D 289 20.72 -43.19 -11.11
C ASP D 289 20.24 -41.77 -10.85
N LEU D 290 19.19 -41.37 -11.57
CA LEU D 290 18.52 -40.08 -11.40
C LEU D 290 17.22 -40.29 -10.63
N THR D 291 17.30 -41.23 -9.69
CA THR D 291 16.13 -41.64 -8.92
C THR D 291 15.71 -40.54 -7.95
N SER D 292 16.69 -39.84 -7.36
CA SER D 292 16.40 -38.82 -6.36
C SER D 292 15.61 -37.66 -6.94
N VAL D 293 15.82 -37.32 -8.21
CA VAL D 293 15.29 -36.06 -8.70
C VAL D 293 13.81 -36.18 -9.01
N GLU D 294 13.00 -35.27 -8.44
CA GLU D 294 11.60 -35.13 -8.80
C GLU D 294 11.32 -33.89 -9.62
N ALA D 295 12.27 -32.97 -9.73
CA ALA D 295 11.95 -31.76 -10.49
C ALA D 295 13.20 -31.06 -10.98
N TYR D 296 13.19 -30.72 -12.24
CA TYR D 296 14.22 -29.93 -12.87
C TYR D 296 13.70 -28.53 -13.11
N TYR D 297 14.43 -27.52 -12.62
CA TYR D 297 14.12 -26.09 -12.77
C TYR D 297 15.12 -25.52 -13.76
N ALA D 298 14.63 -25.02 -14.90
CA ALA D 298 15.47 -24.46 -15.97
C ALA D 298 15.15 -22.98 -16.24
N SER D 299 15.98 -22.29 -17.03
CA SER D 299 15.80 -20.87 -17.39
C SER D 299 16.83 -20.50 -18.45
N GLY D 300 16.51 -19.58 -19.37
CA GLY D 300 17.41 -19.25 -20.48
C GLY D 300 16.83 -19.69 -21.81
N ASP D 301 17.59 -19.57 -22.90
CA ASP D 301 17.10 -19.94 -24.26
C ASP D 301 16.87 -21.44 -24.35
N ARG D 310 14.93 -35.19 -22.32
CA ARG D 310 14.11 -36.37 -21.90
C ARG D 310 14.86 -37.11 -20.80
N LEU D 311 15.42 -36.40 -19.82
CA LEU D 311 16.04 -37.01 -18.62
C LEU D 311 14.89 -37.19 -17.63
N LEU D 312 13.75 -36.60 -17.93
CA LEU D 312 12.56 -36.67 -17.07
C LEU D 312 12.14 -38.12 -16.88
N ASP D 313 12.05 -38.93 -17.94
CA ASP D 313 11.54 -40.29 -17.81
C ASP D 313 12.37 -41.16 -16.87
N LYS D 314 13.62 -40.82 -16.58
CA LYS D 314 14.41 -41.61 -15.64
C LYS D 314 14.14 -41.26 -14.18
N GLY D 315 13.07 -40.50 -13.90
CA GLY D 315 12.76 -40.08 -12.54
C GLY D 315 11.42 -40.54 -12.00
N TYR D 316 10.89 -39.79 -11.05
CA TYR D 316 9.60 -40.08 -10.44
C TYR D 316 9.02 -38.76 -9.95
N HIS D 317 7.74 -38.77 -9.57
CA HIS D 317 7.17 -37.55 -9.00
C HIS D 317 5.88 -37.86 -8.27
N THR D 318 5.67 -37.18 -7.13
CA THR D 318 4.49 -37.38 -6.32
C THR D 318 3.28 -36.60 -6.82
N ALA D 319 2.11 -37.25 -6.83
CA ALA D 319 0.84 -36.66 -7.22
C ALA D 319 -0.25 -37.12 -6.25
N THR D 320 -1.46 -36.63 -6.46
CA THR D 320 -2.62 -36.96 -5.64
C THR D 320 -3.46 -37.98 -6.39
N GLY D 321 -3.71 -39.13 -5.77
CA GLY D 321 -4.45 -40.18 -6.43
C GLY D 321 -5.94 -40.03 -6.20
N PRO D 322 -6.76 -40.87 -6.87
CA PRO D 322 -8.21 -40.81 -6.63
C PRO D 322 -8.59 -41.23 -5.23
N ASP D 323 -7.69 -41.89 -4.52
CA ASP D 323 -7.91 -42.13 -3.10
C ASP D 323 -7.73 -40.86 -2.29
N LEU D 324 -7.35 -39.76 -2.96
CA LEU D 324 -7.06 -38.48 -2.32
C LEU D 324 -5.84 -38.63 -1.42
N LYS D 325 -4.93 -39.49 -1.84
CA LYS D 325 -3.72 -39.82 -1.11
C LYS D 325 -2.53 -39.77 -2.06
N PRO D 326 -1.30 -39.62 -1.53
CA PRO D 326 -0.13 -39.47 -2.39
C PRO D 326 -0.02 -40.59 -3.43
N LYS D 327 0.65 -40.30 -4.53
CA LYS D 327 0.94 -41.27 -5.61
C LYS D 327 2.39 -41.01 -5.95
N LYS D 328 3.10 -41.97 -6.50
CA LYS D 328 4.50 -41.77 -6.93
C LYS D 328 4.51 -41.98 -8.43
N VAL D 329 3.87 -41.07 -9.15
CA VAL D 329 3.88 -41.10 -10.64
C VAL D 329 5.34 -41.33 -11.05
N PRO D 330 5.62 -41.85 -12.25
CA PRO D 330 6.98 -42.02 -12.71
C PRO D 330 7.38 -40.82 -13.54
N GLY D 331 8.67 -40.48 -13.53
CA GLY D 331 9.20 -39.31 -14.23
C GLY D 331 9.23 -38.10 -13.33
N ALA D 332 10.20 -37.21 -13.51
CA ALA D 332 10.29 -35.99 -12.74
C ALA D 332 9.72 -34.84 -13.56
N ILE D 333 9.57 -33.70 -12.90
CA ILE D 333 9.01 -32.48 -13.46
C ILE D 333 10.08 -31.74 -14.25
N PHE D 334 9.68 -31.14 -15.37
CA PHE D 334 10.53 -30.14 -16.02
C PHE D 334 9.77 -28.84 -15.99
N ILE D 335 10.34 -27.86 -15.31
CA ILE D 335 9.75 -26.55 -15.12
C ILE D 335 10.60 -25.58 -15.89
N ASP D 336 10.03 -25.05 -16.98
CA ASP D 336 10.59 -23.97 -17.80
C ASP D 336 10.23 -22.59 -17.18
N MET D 337 11.22 -21.97 -16.51
CA MET D 337 11.08 -20.67 -15.85
C MET D 337 11.50 -19.54 -16.80
N PHE D 338 10.79 -18.42 -16.74
CA PHE D 338 11.08 -17.24 -17.53
C PHE D 338 11.61 -16.16 -16.59
N GLY D 339 12.83 -15.72 -16.83
CA GLY D 339 13.56 -14.82 -15.94
C GLY D 339 14.51 -14.00 -16.74
N SER D 340 15.10 -13.01 -16.06
CA SER D 340 16.13 -12.11 -16.57
C SER D 340 16.97 -11.65 -15.39
N THR D 341 18.16 -11.11 -15.65
CA THR D 341 18.86 -10.46 -14.54
C THR D 341 18.05 -9.28 -14.03
N GLU D 342 17.59 -8.43 -14.95
CA GLU D 342 16.78 -7.26 -14.60
C GLU D 342 15.39 -7.64 -14.02
N MET D 343 14.90 -8.89 -14.22
CA MET D 343 13.57 -9.30 -13.69
C MET D 343 13.59 -9.72 -12.21
N GLY D 344 14.77 -9.99 -11.65
CA GLY D 344 14.96 -10.22 -10.24
C GLY D 344 14.73 -11.64 -9.76
N TYR D 345 13.55 -12.11 -10.03
CA TYR D 345 13.10 -13.46 -9.73
C TYR D 345 12.52 -14.00 -11.03
N VAL D 346 11.86 -15.13 -10.93
CA VAL D 346 11.00 -15.61 -12.00
C VAL D 346 9.61 -14.99 -11.84
N LEU D 347 9.03 -14.57 -12.96
CA LEU D 347 7.70 -14.00 -12.95
C LEU D 347 6.61 -14.89 -13.54
N PHE D 348 6.99 -16.05 -14.11
CA PHE D 348 6.06 -17.04 -14.71
C PHE D 348 6.56 -18.46 -14.42
N ASP D 349 5.67 -19.43 -14.24
CA ASP D 349 6.02 -20.85 -13.98
C ASP D 349 5.13 -21.76 -14.83
N PHE D 350 5.72 -22.67 -15.61
CA PHE D 350 4.93 -23.64 -16.41
C PHE D 350 5.66 -24.98 -16.44
N GLY D 360 2.44 -21.63 -29.32
CA GLY D 360 3.90 -21.64 -29.29
C GLY D 360 4.61 -22.28 -28.08
N ARG D 361 5.79 -21.73 -27.76
CA ARG D 361 6.56 -22.08 -26.57
C ARG D 361 5.94 -21.36 -25.35
N CYS D 362 5.24 -22.08 -24.47
CA CYS D 362 4.53 -21.49 -23.29
C CYS D 362 5.45 -21.09 -22.15
N ILE D 363 5.27 -19.89 -21.58
CA ILE D 363 6.05 -19.41 -20.41
C ILE D 363 5.18 -19.53 -19.17
N GLY D 364 3.86 -19.59 -19.33
CA GLY D 364 2.91 -19.79 -18.21
C GLY D 364 2.15 -18.54 -17.85
N ARG D 365 1.52 -18.50 -16.67
CA ARG D 365 0.78 -17.30 -16.16
C ARG D 365 1.66 -16.46 -15.21
N PRO D 366 1.51 -15.13 -15.21
CA PRO D 366 2.30 -14.32 -14.27
C PRO D 366 1.97 -14.66 -12.83
N MET D 367 2.98 -14.63 -12.00
CA MET D 367 2.73 -14.97 -10.62
C MET D 367 2.22 -13.75 -9.87
N ARG D 368 1.54 -14.06 -8.76
CA ARG D 368 0.65 -13.13 -8.08
C ARG D 368 1.34 -11.81 -7.76
N PHE D 369 2.65 -11.82 -7.49
CA PHE D 369 3.41 -10.62 -7.17
C PHE D 369 3.95 -9.96 -8.44
N ALA D 370 3.37 -10.26 -9.59
CA ALA D 370 3.81 -9.70 -10.86
C ALA D 370 2.62 -9.48 -11.79
N GLN D 371 2.80 -8.55 -12.72
CA GLN D 371 1.82 -8.15 -13.72
C GLN D 371 2.44 -8.29 -15.10
N ALA D 372 1.67 -8.76 -16.05
CA ALA D 372 2.25 -9.02 -17.36
C ALA D 372 1.30 -8.57 -18.44
N ALA D 373 1.88 -8.16 -19.56
CA ALA D 373 1.12 -7.64 -20.70
C ALA D 373 1.91 -7.96 -21.97
N VAL D 374 1.21 -8.22 -23.07
CA VAL D 374 1.85 -8.37 -24.41
C VAL D 374 1.62 -6.98 -24.97
N VAL D 375 2.57 -6.06 -24.86
CA VAL D 375 2.36 -4.61 -25.16
C VAL D 375 2.45 -4.28 -26.65
N GLY D 376 1.91 -3.12 -27.06
CA GLY D 376 1.92 -2.66 -28.46
C GLY D 376 3.03 -1.65 -28.67
N GLU D 377 3.16 -1.05 -29.85
CA GLU D 377 4.20 -0.03 -30.04
C GLU D 377 3.82 1.27 -29.35
N ASP D 378 2.52 1.55 -29.18
CA ASP D 378 2.07 2.65 -28.34
C ASP D 378 2.04 2.26 -26.87
N GLY D 379 2.31 0.99 -26.56
CA GLY D 379 2.31 0.53 -25.19
C GLY D 379 0.98 0.05 -24.69
N SER D 380 -0.02 0.01 -25.54
CA SER D 380 -1.33 -0.37 -25.08
C SER D 380 -1.30 -1.88 -24.88
N VAL D 381 -1.82 -2.30 -23.73
CA VAL D 381 -2.00 -3.71 -23.49
C VAL D 381 -2.62 -4.26 -24.76
N LEU D 382 -2.00 -5.26 -25.35
CA LEU D 382 -2.67 -5.86 -26.49
C LEU D 382 -3.70 -6.93 -26.06
N PRO D 383 -4.72 -7.18 -26.87
CA PRO D 383 -5.73 -8.12 -26.50
C PRO D 383 -5.19 -9.53 -26.61
N PRO D 384 -5.97 -10.53 -26.16
CA PRO D 384 -5.50 -11.91 -26.26
C PRO D 384 -5.37 -12.33 -27.70
N GLY D 385 -4.40 -13.21 -27.95
CA GLY D 385 -4.11 -13.73 -29.28
C GLY D 385 -3.22 -12.89 -30.19
N GLN D 386 -3.06 -11.61 -29.95
CA GLN D 386 -2.22 -10.80 -30.82
C GLN D 386 -0.79 -10.81 -30.31
N VAL D 387 0.14 -10.58 -31.24
CA VAL D 387 1.56 -10.69 -30.98
C VAL D 387 2.10 -9.32 -30.61
N GLY D 388 2.89 -9.27 -29.52
CA GLY D 388 3.49 -8.02 -29.09
C GLY D 388 4.73 -8.25 -28.24
N ARG D 389 5.19 -7.13 -27.63
CA ARG D 389 6.39 -7.16 -26.78
C ARG D 389 5.97 -7.64 -25.41
N LEU D 390 6.68 -8.61 -24.87
CA LEU D 390 6.42 -9.04 -23.50
C LEU D 390 6.79 -7.88 -22.60
N GLY D 391 5.86 -7.48 -21.73
CA GLY D 391 6.13 -6.46 -20.74
C GLY D 391 5.69 -6.95 -19.39
N VAL D 392 6.43 -6.50 -18.33
CA VAL D 392 6.15 -6.94 -16.98
C VAL D 392 6.37 -5.83 -15.98
N ARG D 393 5.83 -6.06 -14.77
CA ARG D 393 6.01 -5.19 -13.62
C ARG D 393 6.06 -5.97 -12.32
N SER D 394 6.99 -5.59 -11.42
CA SER D 394 7.02 -6.23 -10.10
C SER D 394 8.08 -5.62 -9.19
N LYS D 395 7.80 -5.60 -7.91
CA LYS D 395 8.81 -5.11 -6.98
C LYS D 395 9.99 -6.07 -6.87
N SER D 396 9.92 -7.19 -7.56
CA SER D 396 11.04 -8.14 -7.69
C SER D 396 12.00 -7.56 -8.72
N LEU D 397 11.51 -6.63 -9.53
CA LEU D 397 12.30 -6.04 -10.63
C LEU D 397 13.38 -5.11 -10.10
N THR D 398 14.46 -5.01 -10.84
CA THR D 398 15.54 -4.10 -10.56
C THR D 398 14.98 -2.68 -10.39
N PRO D 399 15.51 -1.90 -9.46
CA PRO D 399 15.19 -0.47 -9.45
C PRO D 399 15.91 0.35 -10.53
N GLY D 400 16.79 -0.23 -11.36
CA GLY D 400 17.44 0.55 -12.39
C GLY D 400 18.80 0.01 -12.82
N PHE D 401 19.29 0.57 -13.93
CA PHE D 401 20.61 0.28 -14.47
C PHE D 401 21.67 1.16 -13.82
N TRP D 402 22.71 0.53 -13.30
CA TRP D 402 23.73 1.20 -12.52
C TRP D 402 24.39 2.30 -13.33
N ASN D 403 24.38 3.49 -12.79
CA ASN D 403 25.03 4.64 -13.38
C ASN D 403 24.48 4.96 -14.77
N ASP D 404 23.29 4.45 -15.11
CA ASP D 404 22.81 4.62 -16.48
C ASP D 404 21.29 4.83 -16.48
N ASN D 405 20.86 6.03 -16.11
CA ASN D 405 19.44 6.30 -16.19
C ASN D 405 18.99 6.44 -17.63
N VAL D 406 19.92 6.61 -18.55
CA VAL D 406 19.50 6.85 -19.92
C VAL D 406 18.80 5.62 -20.51
N ARG D 407 19.52 4.48 -20.55
CA ARG D 407 19.03 3.20 -21.09
C ARG D 407 17.83 2.68 -20.32
N TRP D 408 17.82 2.84 -19.00
CA TRP D 408 16.75 2.25 -18.21
C TRP D 408 15.35 2.80 -18.56
N HIS D 409 15.13 4.08 -18.36
CA HIS D 409 13.79 4.67 -18.56
C HIS D 409 13.36 4.34 -19.98
N LYS D 410 14.29 4.05 -20.87
CA LYS D 410 14.01 3.78 -22.30
C LYS D 410 13.61 2.31 -22.53
N GLN D 411 13.83 1.42 -21.56
CA GLN D 411 13.49 -0.01 -21.68
C GLN D 411 12.09 -0.20 -21.14
N TRP D 412 11.40 0.90 -20.81
CA TRP D 412 10.00 0.85 -20.37
C TRP D 412 9.03 1.40 -21.42
N LEU D 413 7.90 0.72 -21.60
CA LEU D 413 6.93 1.22 -22.57
C LEU D 413 5.52 0.99 -22.07
N GLY D 414 4.74 2.08 -21.99
CA GLY D 414 3.37 1.97 -21.55
C GLY D 414 3.18 1.67 -20.07
N GLY D 415 4.22 1.80 -19.26
CA GLY D 415 4.11 1.46 -17.87
C GLY D 415 4.67 0.10 -17.54
N TYR D 416 5.16 -0.62 -18.55
CA TYR D 416 5.70 -1.96 -18.38
C TYR D 416 7.21 -1.96 -18.64
N PHE D 417 7.86 -2.91 -17.98
CA PHE D 417 9.25 -3.19 -18.26
C PHE D 417 9.26 -4.17 -19.44
N LEU D 418 9.74 -3.70 -20.59
CA LEU D 418 9.89 -4.58 -21.74
C LEU D 418 11.03 -5.54 -21.46
N THR D 419 10.74 -6.81 -21.57
CA THR D 419 11.72 -7.83 -21.29
C THR D 419 12.61 -8.10 -22.48
N GLY D 420 12.24 -7.68 -23.68
CA GLY D 420 13.03 -7.93 -24.89
C GLY D 420 12.57 -9.07 -25.78
N ASP D 421 11.43 -9.64 -25.52
CA ASP D 421 10.95 -10.84 -26.16
C ASP D 421 9.61 -10.49 -26.78
N LEU D 422 9.27 -11.15 -27.88
CA LEU D 422 7.97 -10.98 -28.50
C LEU D 422 7.06 -12.15 -28.13
N ALA D 423 5.78 -11.86 -27.90
CA ALA D 423 4.91 -12.91 -27.41
C ALA D 423 3.47 -12.57 -27.76
N TYR D 424 2.55 -13.43 -27.30
CA TYR D 424 1.09 -13.28 -27.32
C TYR D 424 0.53 -14.03 -26.10
N ARG D 425 -0.76 -13.84 -25.84
CA ARG D 425 -1.40 -14.42 -24.68
C ARG D 425 -2.86 -14.76 -24.97
N ASP D 426 -3.39 -15.73 -24.23
CA ASP D 426 -4.78 -16.14 -24.30
C ASP D 426 -5.63 -15.40 -23.25
N ALA D 427 -6.90 -15.83 -23.13
CA ALA D 427 -7.84 -15.23 -22.16
C ALA D 427 -7.48 -15.50 -20.70
N ALA D 428 -6.73 -16.56 -20.41
CA ALA D 428 -6.32 -16.79 -19.04
C ALA D 428 -5.05 -16.02 -18.67
N ASN D 429 -4.50 -15.24 -19.60
CA ASN D 429 -3.19 -14.63 -19.38
C ASN D 429 -2.09 -15.70 -19.28
N THR D 430 -2.21 -16.75 -20.10
CA THR D 430 -1.09 -17.65 -20.38
C THR D 430 -0.29 -17.08 -21.57
N PHE D 431 0.98 -16.82 -21.35
CA PHE D 431 1.87 -16.20 -22.33
C PHE D 431 2.72 -17.26 -23.06
N TYR D 432 3.12 -16.92 -24.30
CA TYR D 432 3.94 -17.83 -25.10
C TYR D 432 5.06 -17.04 -25.75
N HIS D 433 6.31 -17.36 -25.42
CA HIS D 433 7.45 -16.69 -26.06
C HIS D 433 7.55 -17.20 -27.50
N LEU D 434 7.56 -16.26 -28.44
CA LEU D 434 7.63 -16.58 -29.85
C LEU D 434 9.01 -16.33 -30.42
N ASP D 435 9.72 -15.32 -29.94
CA ASP D 435 11.00 -14.89 -30.50
C ASP D 435 11.57 -13.76 -29.64
N ARG D 436 12.80 -13.38 -29.96
CA ARG D 436 13.39 -12.17 -29.36
C ARG D 436 12.90 -11.08 -30.29
N THR D 437 12.64 -9.88 -29.79
CA THR D 437 12.22 -8.79 -30.65
C THR D 437 13.27 -8.53 -31.71
N THR D 438 14.53 -8.63 -31.31
CA THR D 438 15.60 -8.33 -32.24
C THR D 438 15.67 -9.39 -33.33
N ASP D 439 15.12 -10.58 -33.09
CA ASP D 439 15.24 -11.72 -34.00
C ASP D 439 14.05 -11.92 -34.95
N ALA D 440 13.00 -11.13 -34.86
CA ALA D 440 11.86 -11.37 -35.74
C ALA D 440 12.10 -10.67 -37.06
N ILE D 441 11.74 -11.34 -38.15
CA ILE D 441 12.07 -10.92 -39.51
C ILE D 441 10.79 -10.57 -40.28
N ARG D 442 10.86 -9.49 -41.05
CA ARG D 442 9.74 -9.10 -41.93
C ARG D 442 9.97 -9.83 -43.25
N THR D 443 8.95 -10.46 -43.79
CA THR D 443 9.03 -11.26 -44.97
C THR D 443 7.64 -11.37 -45.60
N GLU D 444 7.21 -10.30 -46.26
CA GLU D 444 5.89 -10.27 -46.95
C GLU D 444 4.99 -11.38 -46.44
N PHE D 447 5.62 -11.56 -41.18
CA PHE D 447 6.68 -11.50 -40.14
C PHE D 447 7.06 -12.92 -39.74
N VAL D 448 8.28 -13.14 -39.23
CA VAL D 448 8.79 -14.50 -38.91
C VAL D 448 9.44 -14.52 -37.53
N TYR D 449 8.75 -15.06 -36.52
CA TYR D 449 9.31 -15.22 -35.16
C TYR D 449 10.16 -16.47 -35.22
N SER D 450 11.49 -16.38 -35.11
CA SER D 450 12.39 -17.50 -35.33
C SER D 450 12.39 -18.54 -34.21
N ALA D 451 12.31 -18.15 -32.94
CA ALA D 451 12.41 -19.19 -31.91
C ALA D 451 11.21 -20.12 -32.00
N TYR D 452 10.04 -19.56 -32.33
CA TYR D 452 8.88 -20.38 -32.62
C TYR D 452 9.10 -21.17 -33.90
N THR D 453 9.48 -20.48 -34.98
CA THR D 453 9.75 -21.17 -36.24
C THR D 453 10.79 -22.27 -36.06
N GLU D 454 11.90 -21.96 -35.42
CA GLU D 454 12.87 -23.00 -35.11
C GLU D 454 12.20 -24.20 -34.45
N GLU D 455 11.44 -23.96 -33.39
CA GLU D 455 10.92 -25.08 -32.61
C GLU D 455 10.03 -26.03 -33.42
N VAL D 456 9.19 -25.53 -34.32
CA VAL D 456 8.32 -26.42 -35.08
C VAL D 456 9.16 -27.47 -35.80
N LEU D 457 10.23 -27.02 -36.47
CA LEU D 457 11.13 -27.93 -37.16
C LEU D 457 11.72 -28.98 -36.21
N LEU D 458 12.12 -28.59 -35.01
CA LEU D 458 12.63 -29.65 -34.15
C LEU D 458 11.53 -30.57 -33.66
N ARG D 459 10.27 -30.28 -34.00
CA ARG D 459 9.10 -31.03 -33.58
C ARG D 459 8.47 -31.84 -34.71
N GLU D 460 8.48 -31.27 -35.92
CA GLU D 460 8.11 -32.06 -37.10
C GLU D 460 9.20 -33.08 -37.47
N TYR D 461 10.46 -32.65 -37.49
CA TYR D 461 11.59 -33.52 -37.91
C TYR D 461 12.43 -33.89 -36.69
N PRO D 462 12.09 -34.97 -35.95
CA PRO D 462 12.80 -35.32 -34.74
C PRO D 462 14.29 -35.38 -35.00
N GLU D 463 14.67 -36.00 -36.12
CA GLU D 463 16.09 -36.09 -36.54
C GLU D 463 16.76 -34.74 -36.29
N ILE D 464 16.07 -33.63 -36.42
CA ILE D 464 16.70 -32.28 -36.29
C ILE D 464 17.23 -32.09 -34.88
N LEU D 465 18.54 -31.91 -34.72
CA LEU D 465 19.16 -31.59 -33.43
C LEU D 465 19.20 -30.10 -33.13
N ASP D 466 19.31 -29.25 -34.14
CA ASP D 466 19.47 -27.83 -33.92
C ASP D 466 18.95 -27.08 -35.13
N CYS D 467 18.40 -25.90 -34.89
CA CYS D 467 17.88 -25.06 -35.97
C CYS D 467 18.17 -23.60 -35.69
N THR D 468 18.24 -22.79 -36.74
CA THR D 468 18.41 -21.35 -36.54
C THR D 468 17.85 -20.61 -37.76
N VAL D 469 16.71 -19.96 -37.56
CA VAL D 469 15.98 -19.30 -38.64
C VAL D 469 16.43 -17.87 -38.81
N VAL D 470 16.92 -17.54 -40.00
CA VAL D 470 17.42 -16.20 -40.29
C VAL D 470 16.78 -15.55 -41.51
N PHE D 479 15.35 -5.01 -41.19
CA PHE D 479 14.06 -5.55 -41.66
C PHE D 479 13.23 -6.09 -40.50
N GLY D 480 13.69 -5.95 -39.25
CA GLY D 480 13.00 -6.55 -38.09
C GLY D 480 11.89 -5.70 -37.52
N TRP D 481 11.48 -5.94 -36.27
CA TRP D 481 10.38 -5.20 -35.59
C TRP D 481 10.54 -3.69 -35.84
N ASP D 483 13.84 -2.55 -38.42
CA ASP D 483 12.90 -1.62 -39.07
C ASP D 483 11.52 -2.21 -39.42
N GLY D 485 10.51 -2.54 -43.72
CA GLY D 485 11.36 -3.13 -44.75
C GLY D 485 11.37 -4.65 -44.71
N VAL D 486 11.26 -5.28 -45.88
CA VAL D 486 11.06 -6.74 -45.97
C VAL D 486 12.37 -7.48 -46.22
N ALA D 487 12.34 -8.80 -46.07
CA ALA D 487 13.55 -9.60 -46.20
C ALA D 487 13.19 -11.04 -46.57
N THR D 488 14.14 -11.95 -46.40
CA THR D 488 13.97 -13.35 -46.75
C THR D 488 14.62 -14.18 -45.65
N VAL D 489 14.05 -15.34 -45.39
CA VAL D 489 14.41 -16.13 -44.21
C VAL D 489 14.99 -17.45 -44.75
N TYR D 490 15.98 -17.99 -44.02
CA TYR D 490 16.78 -19.16 -44.46
C TYR D 490 17.16 -20.03 -43.27
N ALA D 491 17.07 -21.37 -43.38
CA ALA D 491 17.27 -22.29 -42.24
C ALA D 491 18.72 -22.75 -42.06
N LEU D 492 19.04 -23.31 -40.90
CA LEU D 492 20.39 -23.83 -40.56
C LEU D 492 20.23 -25.05 -39.66
N VAL D 493 20.13 -26.25 -40.24
CA VAL D 493 19.91 -27.52 -39.46
C VAL D 493 21.26 -28.19 -39.22
N ALA D 499 22.49 -39.94 -39.29
CA ALA D 499 21.34 -39.39 -40.05
C ALA D 499 21.80 -38.97 -41.44
N GLU D 500 20.86 -38.67 -42.34
CA GLU D 500 21.18 -38.32 -43.74
C GLU D 500 20.78 -36.88 -44.03
N ALA D 501 20.86 -36.46 -45.27
CA ALA D 501 20.53 -35.06 -45.66
C ALA D 501 19.47 -35.06 -46.74
N PRO D 502 18.84 -33.92 -47.05
CA PRO D 502 17.90 -33.86 -48.16
C PRO D 502 18.64 -33.62 -49.48
N GLN D 503 17.93 -33.26 -50.54
CA GLN D 503 18.56 -32.94 -51.85
C GLN D 503 19.35 -31.64 -51.71
N PRO D 505 16.41 -29.99 -48.80
CA PRO D 505 16.87 -28.62 -48.50
C PRO D 505 15.65 -27.79 -48.15
N THR D 506 15.52 -26.65 -48.83
CA THR D 506 14.34 -25.81 -48.68
C THR D 506 13.07 -26.66 -48.77
N ALA D 507 13.02 -27.54 -49.77
CA ALA D 507 11.82 -28.33 -50.01
C ALA D 507 11.48 -29.18 -48.79
N TRP D 508 12.51 -29.69 -48.09
CA TRP D 508 12.29 -30.53 -46.92
C TRP D 508 11.63 -29.71 -45.84
N ILE D 509 12.38 -28.75 -45.31
CA ILE D 509 11.86 -27.89 -44.27
C ILE D 509 10.51 -27.31 -44.68
N ASN D 510 10.44 -26.78 -45.90
CA ASN D 510 9.23 -26.07 -46.34
C ASN D 510 7.99 -26.96 -46.34
N GLU D 511 8.13 -28.24 -46.05
CA GLU D 511 6.94 -29.07 -45.94
C GLU D 511 6.45 -29.07 -44.51
N ALA D 512 7.38 -29.04 -43.55
CA ALA D 512 7.00 -28.84 -42.15
C ALA D 512 6.22 -27.55 -41.99
N LEU D 513 6.77 -26.44 -42.51
CA LEU D 513 6.09 -25.16 -42.37
C LEU D 513 4.71 -25.19 -43.03
N GLY D 514 4.62 -25.70 -44.28
CA GLY D 514 3.33 -25.75 -44.94
C GLY D 514 2.30 -26.55 -44.17
N ARG D 515 2.66 -27.76 -43.76
CA ARG D 515 1.72 -28.56 -42.99
C ARG D 515 1.27 -27.79 -41.76
N ALA D 516 2.22 -27.16 -41.06
CA ALA D 516 1.98 -26.48 -39.80
C ALA D 516 1.34 -25.12 -40.01
N GLY D 517 1.53 -24.52 -41.18
CA GLY D 517 0.78 -23.35 -41.56
C GLY D 517 1.53 -22.07 -41.60
N LEU D 518 2.85 -22.11 -41.69
CA LEU D 518 3.75 -20.99 -41.51
C LEU D 518 4.32 -20.49 -42.84
N PRO D 519 4.79 -19.25 -42.90
CA PRO D 519 5.57 -18.82 -44.06
C PRO D 519 6.81 -19.68 -44.19
N ARG D 520 7.33 -19.77 -45.39
CA ARG D 520 8.35 -20.75 -45.68
C ARG D 520 9.64 -20.07 -46.10
N VAL D 521 10.72 -20.79 -45.86
CA VAL D 521 12.01 -20.33 -46.27
C VAL D 521 12.28 -20.28 -47.77
PG ATP E . -24.13 -20.54 4.35
O1G ATP E . -23.44 -19.27 3.99
O2G ATP E . -23.17 -21.64 4.70
O3G ATP E . -25.17 -20.31 5.39
PB ATP E . -24.13 -21.26 1.54
O1B ATP E . -22.67 -21.41 1.73
O2B ATP E . -24.88 -22.34 0.85
O3B ATP E . -24.80 -20.98 2.96
PA ATP E . -23.75 -19.16 -0.50
O1A ATP E . -24.83 -18.49 -1.26
O2A ATP E . -22.60 -18.32 -0.05
O3A ATP E . -24.40 -19.89 0.78
O5' ATP E . -23.22 -20.41 -1.32
C5' ATP E . -21.81 -20.58 -1.62
C4' ATP E . -21.48 -22.05 -1.63
O4' ATP E . -21.77 -22.60 -2.94
C3' ATP E . -20.03 -22.42 -1.37
O3' ATP E . -19.81 -22.45 0.04
C2' ATP E . -19.92 -23.78 -2.03
O2' ATP E . -20.36 -24.84 -1.21
C1' ATP E . -20.85 -23.65 -3.23
N9 ATP E . -20.18 -23.32 -4.47
C8 ATP E . -20.25 -22.17 -5.19
N7 ATP E . -19.53 -22.20 -6.28
C5 ATP E . -18.94 -23.45 -6.28
C6 ATP E . -18.07 -24.10 -7.17
N6 ATP E . -17.60 -23.55 -8.28
N1 ATP E . -17.68 -25.35 -6.84
C2 ATP E . -18.16 -25.92 -5.72
N3 ATP E . -18.99 -25.40 -4.82
C4 ATP E . -19.34 -24.16 -5.16
H5'1 ATP E . -21.26 -20.12 -0.94
H5'2 ATP E . -21.61 -20.19 -2.51
H4' ATP E . -22.06 -22.50 -0.97
H3' ATP E . -19.42 -21.77 -1.80
HO3' ATP E . -20.46 -22.06 0.42
H2' ATP E . -18.99 -23.95 -2.34
HO2' ATP E . -19.84 -25.50 -1.27
H1' ATP E . -21.35 -24.49 -3.34
H8 ATP E . -20.77 -21.42 -4.94
HN61 ATP E . -18.07 -23.57 -9.01
HN62 ATP E . -16.81 -23.16 -8.28
H2 ATP E . -17.86 -26.79 -5.55
MG MG F . -21.07 -19.56 2.96
PG ATP G . -21.75 9.19 22.61
O1G ATP G . -20.95 8.68 21.46
O2G ATP G . -22.35 10.54 22.35
O3G ATP G . -22.76 8.19 23.10
PB ATP G . -19.40 10.33 23.90
O1B ATP G . -19.09 10.77 22.52
O2B ATP G . -19.61 11.35 24.96
O3B ATP G . -20.69 9.40 23.81
PA ATP G . -16.73 9.15 24.01
O1A ATP G . -16.56 7.97 23.12
O2A ATP G . -15.91 9.21 25.26
O3A ATP G . -18.27 9.31 24.38
O5' ATP G . -16.51 10.48 23.16
C5' ATP G . -15.36 11.34 23.35
C4' ATP G . -15.83 12.78 23.43
O4' ATP G . -15.13 13.46 24.50
C3' ATP G . -15.57 13.63 22.18
O3' ATP G . -16.62 13.48 21.25
C2' ATP G . -15.51 15.04 22.76
O2' ATP G . -16.78 15.64 22.92
C1' ATP G . -14.90 14.80 24.15
N9 ATP G . -13.48 15.05 24.16
C8 ATP G . -12.46 14.13 24.15
N7 ATP G . -11.28 14.70 24.16
C5 ATP G . -11.54 16.06 24.15
C6 ATP G . -10.70 17.19 24.14
N6 ATP G . -9.38 17.13 24.14
N1 ATP G . -11.31 18.40 24.12
C2 ATP G . -12.64 18.45 24.12
N3 ATP G . -13.53 17.46 24.13
C4 ATP G . -12.90 16.28 24.14
H5'1 ATP G . -14.73 11.25 22.60
H5'2 ATP G . -14.89 11.10 24.18
H4' ATP G . -16.80 12.78 23.63
H3' ATP G . -14.70 13.39 21.78
HO3' ATP G . -16.91 12.68 21.30
H2' ATP G . -14.92 15.61 22.22
HO2' ATP G . -17.19 15.61 22.17
H1' ATP G . -15.33 15.40 24.80
H8 ATP G . -12.59 13.19 24.17
HN61 ATP G . -8.93 17.31 24.87
HN62 ATP G . -8.96 16.89 23.41
H2 ATP G . -13.01 19.32 24.11
MG MG H . -18.69 9.76 20.00
MG MG I . 7.27 2.60 41.40
PG ATP J . 24.55 21.49 -2.89
O1G ATP J . 24.81 21.92 -1.48
O2G ATP J . 25.27 22.34 -3.87
O3G ATP J . 24.83 20.03 -3.11
PB ATP J . 21.88 22.66 -2.39
O1B ATP J . 21.36 21.89 -1.23
O2B ATP J . 22.48 24.01 -2.19
O3B ATP J . 22.97 21.74 -3.12
PA ATP J . 19.28 23.53 -3.09
O1A ATP J . 19.55 24.98 -2.89
O2A ATP J . 18.23 23.13 -4.08
O3A ATP J . 20.67 22.80 -3.42
O5' ATP J . 18.93 22.86 -1.67
C5' ATP J . 18.48 23.68 -0.57
C4' ATP J . 19.56 23.79 0.47
O4' ATP J . 19.56 25.13 1.02
C3' ATP J . 19.42 22.85 1.67
O3' ATP J . 20.25 21.70 1.53
C2' ATP J . 19.91 23.69 2.85
O2' ATP J . 21.30 23.62 3.00
C1' ATP J . 19.44 25.08 2.42
N9 ATP J . 18.07 25.33 2.79
C8 ATP J . 16.94 25.10 2.04
N7 ATP J . 15.84 25.42 2.67
C5 ATP J . 16.28 25.86 3.92
C6 ATP J . 15.59 26.33 5.04
N6 ATP J . 14.27 26.42 5.11
N1 ATP J . 16.33 26.70 6.12
C2 ATP J . 17.66 26.59 6.04
N3 ATP J . 18.42 26.17 5.03
C4 ATP J . 17.65 25.81 3.99
H5'1 ATP J . 17.68 23.28 -0.16
H5'2 ATP J . 18.24 24.58 -0.89
H4' ATP J . 20.43 23.64 0.04
H3' ATP J . 18.48 22.58 1.80
HO3' ATP J . 21.06 21.96 1.48
H2' ATP J . 19.46 23.41 3.69
HO2' ATP J . 21.52 24.00 3.74
H1' ATP J . 20.03 25.76 2.84
H8 ATP J . 16.95 24.76 1.16
HN61 ATP J . 13.81 25.76 5.47
HN62 ATP J . 13.87 27.12 4.79
H2 ATP J . 18.14 26.86 6.82
MG MG K . 22.91 19.66 -1.22
PG ATP L . 21.02 -9.14 -23.29
O1G ATP L . 20.46 -9.72 -24.56
O2G ATP L . 22.49 -8.87 -23.39
O3G ATP L . 20.26 -7.95 -22.79
PB ATP L . 19.79 -11.41 -21.82
O1B ATP L . 19.95 -12.53 -22.77
O2B ATP L . 18.47 -10.74 -21.66
O3B ATP L . 20.87 -10.28 -22.18
PA ATP L . 19.44 -12.25 -19.08
O1A ATP L . 20.29 -12.92 -18.06
O2A ATP L . 18.79 -10.95 -18.72
O3A ATP L . 20.30 -11.95 -20.40
O5' ATP L . 18.34 -13.28 -19.62
C5' ATP L . 17.00 -12.82 -19.96
C4' ATP L . 16.62 -13.36 -21.32
O4' ATP L . 16.78 -14.80 -21.33
C3' ATP L . 15.17 -13.13 -21.76
O3' ATP L . 15.01 -11.83 -22.34
C2' ATP L . 15.00 -14.23 -22.80
O2' ATP L . 15.52 -13.87 -24.05
C1' ATP L . 15.81 -15.37 -22.19
N9 ATP L . 15.00 -16.29 -21.41
C8 ATP L . 15.03 -16.50 -20.06
N7 ATP L . 14.16 -17.39 -19.68
C5 ATP L . 13.51 -17.79 -20.84
C6 ATP L . 12.49 -18.71 -21.10
N6 ATP L . 11.88 -19.44 -20.17
N1 ATP L . 12.09 -18.84 -22.39
C2 ATP L . 12.69 -18.11 -23.33
N3 ATP L . 13.66 -17.22 -23.20
C4 ATP L . 14.03 -17.10 -21.92
H5'1 ATP L . 16.97 -11.84 -19.97
H5'2 ATP L . 16.36 -13.14 -19.29
H4' ATP L . 17.23 -12.97 -21.99
H3' ATP L . 14.56 -13.26 -21.00
HO3' ATP L . 15.60 -11.73 -22.93
H2' ATP L . 14.05 -14.49 -22.87
HO2' ATP L . 15.03 -13.27 -24.40
H1' ATP L . 16.26 -15.87 -22.91
H8 ATP L . 15.61 -16.06 -19.47
HN61 ATP L . 12.10 -20.27 -20.06
HN62 ATP L . 11.27 -19.06 -19.67
H2 ATP L . 12.37 -18.25 -24.21
MG MG M . 17.34 -7.82 -23.28
MG MG N . 20.14 -15.20 -23.62
#